data_4AD3
#
_entry.id   4AD3
#
_cell.length_a   222.478
_cell.length_b   222.478
_cell.length_c   84.715
_cell.angle_alpha   90.00
_cell.angle_beta   90.00
_cell.angle_gamma   120.00
#
_symmetry.space_group_name_H-M   'P 31 2 1'
#
loop_
_entity.id
_entity.type
_entity.pdbx_description
1 polymer 'GLYCOSYL HYDROLASE FAMILY 71'
2 non-polymer alpha-D-glucopyranose
3 non-polymer 1-DEOXYMANNOJIRIMYCIN
4 water water
#
_entity_poly.entity_id   1
_entity_poly.type   'polypeptide(L)'
_entity_poly.pdbx_seq_one_letter_code
;MMIFFLSLSLESCSKEDDNNPSNSENNGGNNNLGTELDYDTFCFYYDWYGSEAIDGQYRHWAHAIAPDPNGGSGQNPGTI
PGTQESIASNFYPQLGRYSSSDPNILTKHMDMFVMARTGVLALTWWNEQDETEAKRIGLILDAADKKKIKVCFHLEPYPS
RNVQNLRENIVKLITRYGNHPAFYRKDGKPLFFIYDSYLIEPSEWEKLLSPGGSITIRNTAYDALMIGLWTSSPTVQRPF
ILNAHFDGFYTYFAATGFTYGSTPTNWVSMQKWAKENGKIFIPSVGPGYIDTRIRPWNGSVIRTRTDGQYYDAMYRKAIE
AGVSAISITSFNEWHEGSQIEPAVPYTSSEFTYLDYENREPDYYLTRTAYWVGKFRESKQ
;
_entity_poly.pdbx_strand_id   A,B,C,D
#
# COMPACT_ATOMS: atom_id res chain seq x y z
N THR A 35 42.56 -27.07 45.23
CA THR A 35 42.31 -26.26 46.48
C THR A 35 42.02 -24.79 46.15
N GLU A 36 42.84 -24.19 45.28
CA GLU A 36 42.63 -22.83 44.83
CA GLU A 36 42.64 -22.84 44.80
C GLU A 36 41.15 -22.63 44.40
N LEU A 37 40.58 -21.49 44.79
CA LEU A 37 39.27 -21.06 44.31
C LEU A 37 39.43 -20.50 42.90
N ASP A 38 38.44 -20.72 42.05
CA ASP A 38 38.45 -20.08 40.74
C ASP A 38 37.65 -18.76 40.71
N TYR A 39 38.34 -17.67 40.41
CA TYR A 39 37.73 -16.33 40.40
C TYR A 39 37.12 -15.91 39.07
N ASP A 40 37.01 -16.85 38.13
CA ASP A 40 36.22 -16.61 36.93
C ASP A 40 35.04 -17.60 36.89
N THR A 41 34.67 -18.11 38.06
CA THR A 41 33.54 -19.01 38.15
C THR A 41 32.55 -18.38 39.11
N PHE A 42 31.34 -18.12 38.63
CA PHE A 42 30.35 -17.32 39.36
C PHE A 42 29.14 -18.18 39.70
N CYS A 43 28.83 -18.30 40.98
CA CYS A 43 27.72 -19.14 41.37
C CYS A 43 26.54 -18.28 41.86
N PHE A 44 25.37 -18.42 41.23
CA PHE A 44 24.21 -17.58 41.59
C PHE A 44 23.64 -17.93 42.97
N TYR A 45 23.58 -16.93 43.85
CA TYR A 45 23.27 -17.12 45.25
C TYR A 45 22.05 -16.30 45.62
N TYR A 46 21.17 -16.91 46.41
CA TYR A 46 19.92 -16.31 46.85
C TYR A 46 19.92 -16.14 48.38
N ASP A 47 19.68 -14.90 48.79
CA ASP A 47 19.74 -14.50 50.22
C ASP A 47 18.33 -14.18 50.76
N TRP A 48 17.30 -14.76 50.16
CA TRP A 48 15.93 -14.41 50.50
C TRP A 48 15.20 -15.41 51.46
N TYR A 49 15.93 -16.38 51.98
CA TYR A 49 15.30 -17.43 52.81
C TYR A 49 15.20 -16.96 54.25
N GLY A 50 14.09 -17.29 54.90
CA GLY A 50 13.88 -16.89 56.30
C GLY A 50 13.45 -18.02 57.20
N SER A 51 13.71 -17.87 58.50
CA SER A 51 13.17 -18.78 59.52
C SER A 51 12.31 -18.01 60.51
N GLU A 52 11.36 -18.71 61.12
CA GLU A 52 10.57 -18.13 62.20
C GLU A 52 11.48 -17.57 63.28
N ALA A 53 12.47 -18.35 63.69
CA ALA A 53 13.37 -17.99 64.78
C ALA A 53 14.13 -16.68 64.57
N ILE A 54 14.56 -16.43 63.33
CA ILE A 54 15.36 -15.27 63.01
C ILE A 54 14.58 -14.18 62.29
N ASP A 55 13.73 -14.55 61.35
CA ASP A 55 13.01 -13.56 60.55
C ASP A 55 11.54 -13.40 60.94
N GLY A 56 11.06 -14.27 61.82
CA GLY A 56 9.66 -14.19 62.24
C GLY A 56 8.71 -14.87 61.27
N GLN A 57 9.23 -15.36 60.14
CA GLN A 57 8.46 -16.21 59.21
C GLN A 57 9.39 -17.00 58.27
N TYR A 58 8.88 -18.13 57.77
CA TYR A 58 9.66 -18.98 56.86
C TYR A 58 9.63 -18.45 55.42
N ARG A 59 10.24 -17.28 55.26
CA ARG A 59 10.23 -16.58 53.97
C ARG A 59 10.84 -17.42 52.86
N HIS A 60 10.21 -17.38 51.70
CA HIS A 60 10.58 -18.16 50.51
C HIS A 60 10.37 -19.68 50.60
N TRP A 61 10.64 -20.29 51.75
CA TRP A 61 10.18 -21.71 51.97
C TRP A 61 8.64 -21.75 51.82
N ALA A 62 7.97 -20.70 52.30
CA ALA A 62 6.58 -20.41 51.95
C ALA A 62 6.56 -19.53 50.71
N HIS A 63 5.67 -19.81 49.77
CA HIS A 63 5.73 -19.15 48.47
C HIS A 63 4.41 -19.31 47.76
N ALA A 64 4.01 -18.27 47.03
CA ALA A 64 2.83 -18.31 46.18
C ALA A 64 3.02 -19.31 45.06
N ILE A 65 1.98 -20.07 44.76
CA ILE A 65 1.98 -20.90 43.56
C ILE A 65 1.59 -20.01 42.37
N ALA A 66 2.35 -20.12 41.28
CA ALA A 66 2.14 -19.25 40.13
C ALA A 66 0.95 -19.65 39.26
N PRO A 67 0.16 -18.64 38.82
CA PRO A 67 -0.93 -18.94 37.89
C PRO A 67 -0.37 -19.42 36.54
N ASP A 68 -1.13 -20.25 35.85
CA ASP A 68 -0.79 -20.71 34.51
C ASP A 68 -0.94 -19.52 33.55
N PRO A 69 0.14 -19.17 32.81
CA PRO A 69 0.08 -18.05 31.86
C PRO A 69 -0.96 -18.28 30.76
N ASN A 70 -1.19 -19.54 30.40
CA ASN A 70 -2.18 -19.87 29.39
C ASN A 70 -3.48 -20.34 30.01
N GLY A 71 -3.59 -20.24 31.33
CA GLY A 71 -4.80 -20.66 32.04
C GLY A 71 -5.90 -19.62 31.90
N GLY A 72 -7.01 -19.86 32.59
CA GLY A 72 -8.16 -18.95 32.54
C GLY A 72 -7.88 -17.57 33.11
N SER A 73 -8.96 -16.90 33.53
CA SER A 73 -8.88 -15.52 33.98
C SER A 73 -8.92 -15.37 35.50
N GLY A 74 -9.71 -16.22 36.15
CA GLY A 74 -9.90 -16.12 37.61
C GLY A 74 -9.30 -17.28 38.38
N GLN A 75 -8.04 -17.59 38.10
CA GLN A 75 -7.35 -18.70 38.73
C GLN A 75 -7.11 -18.45 40.21
N ASN A 76 -7.11 -19.53 40.98
CA ASN A 76 -6.81 -19.44 42.40
C ASN A 76 -5.78 -20.51 42.76
N PRO A 77 -4.49 -20.29 42.39
CA PRO A 77 -3.50 -21.36 42.47
C PRO A 77 -3.15 -21.76 43.89
N GLY A 78 -3.26 -20.82 44.84
CA GLY A 78 -2.92 -21.09 46.24
C GLY A 78 -1.49 -20.76 46.63
N THR A 79 -1.08 -21.24 47.80
CA THR A 79 0.26 -21.00 48.31
C THR A 79 0.83 -22.26 48.96
N ILE A 80 2.15 -22.27 49.12
CA ILE A 80 2.85 -23.30 49.84
C ILE A 80 3.22 -22.71 51.19
N PRO A 81 2.84 -23.39 52.30
CA PRO A 81 2.96 -22.78 53.63
C PRO A 81 4.36 -22.67 54.22
N GLY A 82 5.35 -23.38 53.66
CA GLY A 82 6.70 -23.36 54.26
C GLY A 82 6.75 -24.02 55.63
N THR A 83 5.90 -25.02 55.86
CA THR A 83 6.03 -25.88 57.02
C THR A 83 7.16 -26.91 56.78
N GLN A 84 7.55 -27.68 57.80
CA GLN A 84 8.54 -28.73 57.55
C GLN A 84 8.08 -29.68 56.44
N GLU A 85 6.80 -30.06 56.47
CA GLU A 85 6.26 -31.03 55.51
CA GLU A 85 6.29 -31.03 55.49
C GLU A 85 6.14 -30.46 54.09
N SER A 86 5.92 -29.14 53.98
CA SER A 86 5.61 -28.55 52.68
C SER A 86 6.36 -27.25 52.40
N ILE A 87 7.44 -27.36 51.61
CA ILE A 87 8.22 -26.18 51.22
C ILE A 87 8.14 -25.96 49.73
N ALA A 88 8.54 -24.75 49.31
CA ALA A 88 8.44 -24.34 47.92
C ALA A 88 9.66 -24.81 47.11
N SER A 89 9.88 -26.12 47.09
CA SER A 89 10.96 -26.74 46.33
C SER A 89 10.54 -28.17 46.03
N ASN A 90 11.04 -28.72 44.93
CA ASN A 90 10.91 -30.13 44.66
C ASN A 90 11.96 -30.96 45.37
N PHE A 91 12.99 -30.29 45.91
CA PHE A 91 14.05 -30.96 46.67
C PHE A 91 13.96 -30.47 48.10
N TYR A 92 14.78 -31.00 49.01
CA TYR A 92 14.78 -30.56 50.39
C TYR A 92 16.20 -30.31 50.90
N PRO A 93 16.48 -29.11 51.43
CA PRO A 93 17.84 -28.79 51.90
C PRO A 93 18.28 -29.58 53.13
N GLN A 94 19.54 -30.04 53.09
CA GLN A 94 20.16 -30.67 54.22
C GLN A 94 20.18 -29.78 55.45
N LEU A 95 20.24 -28.47 55.21
CA LEU A 95 20.26 -27.49 56.28
C LEU A 95 18.86 -27.12 56.77
N GLY A 96 17.82 -27.72 56.17
CA GLY A 96 16.45 -27.43 56.54
C GLY A 96 15.99 -26.06 56.07
N ARG A 97 14.95 -25.55 56.70
CA ARG A 97 14.33 -24.28 56.30
C ARG A 97 15.11 -23.14 56.94
N TYR A 98 16.25 -22.84 56.34
CA TYR A 98 17.20 -21.95 56.97
C TYR A 98 16.93 -20.46 56.72
N SER A 99 17.54 -19.62 57.56
CA SER A 99 17.50 -18.19 57.37
C SER A 99 18.79 -17.73 56.69
N SER A 100 18.65 -16.99 55.60
CA SER A 100 19.81 -16.42 54.93
C SER A 100 20.61 -15.44 55.83
N SER A 101 20.03 -15.03 56.96
CA SER A 101 20.73 -14.14 57.90
C SER A 101 21.40 -14.84 59.08
N ASP A 102 21.27 -16.16 59.15
CA ASP A 102 21.85 -16.94 60.25
C ASP A 102 23.37 -17.02 60.06
N PRO A 103 24.16 -16.44 61.00
CA PRO A 103 25.62 -16.52 60.83
C PRO A 103 26.16 -17.95 60.68
N ASN A 104 25.52 -18.90 61.37
CA ASN A 104 25.89 -20.31 61.26
C ASN A 104 25.63 -20.87 59.87
N ILE A 105 24.57 -20.40 59.22
CA ILE A 105 24.24 -20.89 57.89
C ILE A 105 25.25 -20.28 56.91
N LEU A 106 25.58 -19.01 57.12
CA LEU A 106 26.52 -18.30 56.27
C LEU A 106 27.92 -18.94 56.26
N THR A 107 28.42 -19.31 57.45
CA THR A 107 29.69 -20.03 57.59
C THR A 107 29.64 -21.36 56.82
N LYS A 108 28.54 -22.11 56.98
CA LYS A 108 28.36 -23.36 56.24
C LYS A 108 28.35 -23.17 54.74
N HIS A 109 27.62 -22.15 54.25
CA HIS A 109 27.57 -21.94 52.80
C HIS A 109 28.95 -21.55 52.26
N MET A 110 29.68 -20.73 53.00
CA MET A 110 31.03 -20.35 52.53
C MET A 110 31.99 -21.56 52.48
N ASP A 111 31.93 -22.44 53.48
CA ASP A 111 32.67 -23.71 53.38
C ASP A 111 32.23 -24.55 52.16
N MET A 112 30.95 -24.50 51.81
CA MET A 112 30.48 -25.21 50.62
C MET A 112 31.03 -24.59 49.33
N PHE A 113 31.09 -23.25 49.26
CA PHE A 113 31.78 -22.60 48.11
C PHE A 113 33.24 -23.07 47.98
N VAL A 114 33.95 -23.16 49.11
CA VAL A 114 35.35 -23.63 49.10
C VAL A 114 35.38 -25.06 48.56
N MET A 115 34.47 -25.89 49.02
CA MET A 115 34.37 -27.28 48.57
C MET A 115 34.15 -27.37 47.07
N ALA A 116 33.34 -26.46 46.53
CA ALA A 116 33.02 -26.42 45.12
C ALA A 116 34.10 -25.73 44.24
N ARG A 117 35.08 -25.10 44.89
CA ARG A 117 36.14 -24.29 44.23
C ARG A 117 35.62 -23.03 43.48
N THR A 118 34.39 -22.63 43.82
CA THR A 118 33.73 -21.49 43.16
C THR A 118 34.11 -20.23 43.90
N GLY A 119 34.92 -19.39 43.25
CA GLY A 119 35.49 -18.20 43.91
C GLY A 119 34.59 -16.98 44.00
N VAL A 120 33.50 -16.95 43.24
CA VAL A 120 32.64 -15.75 43.26
C VAL A 120 31.18 -16.09 43.51
N LEU A 121 30.62 -15.45 44.50
CA LEU A 121 29.21 -15.58 44.81
C LEU A 121 28.47 -14.43 44.12
N ALA A 122 27.50 -14.75 43.25
CA ALA A 122 26.77 -13.71 42.51
C ALA A 122 25.42 -13.49 43.16
N LEU A 123 25.33 -12.41 43.93
CA LEU A 123 24.25 -12.24 44.91
C LEU A 123 23.03 -11.59 44.31
N THR A 124 21.88 -12.27 44.38
CA THR A 124 20.61 -11.71 43.91
C THR A 124 20.38 -10.35 44.58
N TRP A 125 19.89 -9.38 43.83
CA TRP A 125 19.72 -8.05 44.39
C TRP A 125 18.46 -7.40 43.88
N TRP A 126 17.56 -7.07 44.81
CA TRP A 126 16.18 -6.66 44.51
C TRP A 126 15.82 -5.23 44.90
N ASN A 127 16.79 -4.43 45.29
CA ASN A 127 16.57 -3.04 45.67
C ASN A 127 15.50 -2.86 46.74
N GLU A 128 15.56 -3.68 47.78
CA GLU A 128 14.62 -3.66 48.89
C GLU A 128 14.63 -2.37 49.68
N GLN A 129 15.81 -1.82 49.84
CA GLN A 129 16.06 -0.48 50.29
C GLN A 129 16.02 -0.36 51.81
N ASP A 130 15.52 -1.37 52.47
CA ASP A 130 15.41 -1.34 53.91
C ASP A 130 16.74 -1.65 54.50
N GLU A 131 16.90 -1.31 55.78
CA GLU A 131 18.17 -1.52 56.42
C GLU A 131 18.43 -2.98 56.67
N THR A 132 17.43 -3.83 56.57
CA THR A 132 17.63 -5.24 56.71
C THR A 132 18.44 -5.82 55.56
N GLU A 133 18.16 -5.34 54.37
CA GLU A 133 18.90 -5.70 53.17
C GLU A 133 20.38 -5.36 53.35
N ALA A 134 20.66 -4.12 53.77
CA ALA A 134 22.03 -3.71 54.02
C ALA A 134 22.74 -4.61 55.03
N LYS A 135 22.07 -4.93 56.13
CA LYS A 135 22.68 -5.76 57.18
C LYS A 135 23.05 -7.14 56.61
N ARG A 136 22.13 -7.71 55.85
CA ARG A 136 22.29 -9.03 55.22
C ARG A 136 23.49 -9.06 54.26
N ILE A 137 23.57 -8.08 53.37
CA ILE A 137 24.68 -7.99 52.42
C ILE A 137 25.99 -7.87 53.18
N GLY A 138 25.97 -7.08 54.26
CA GLY A 138 27.16 -6.93 55.09
C GLY A 138 27.59 -8.27 55.70
N LEU A 139 26.62 -9.04 56.19
CA LEU A 139 26.89 -10.35 56.77
C LEU A 139 27.50 -11.31 55.74
N ILE A 140 27.00 -11.27 54.50
CA ILE A 140 27.46 -12.15 53.42
C ILE A 140 28.90 -11.81 53.00
N LEU A 141 29.17 -10.53 52.81
CA LEU A 141 30.52 -10.06 52.52
C LEU A 141 31.55 -10.44 53.60
N ASP A 142 31.19 -10.25 54.88
CA ASP A 142 32.09 -10.63 55.98
C ASP A 142 32.36 -12.13 56.01
N ALA A 143 31.31 -12.94 55.80
CA ALA A 143 31.47 -14.39 55.81
C ALA A 143 32.29 -14.86 54.60
N ALA A 144 32.01 -14.30 53.42
CA ALA A 144 32.76 -14.65 52.21
C ALA A 144 34.27 -14.39 52.37
N ASP A 145 34.60 -13.22 52.89
CA ASP A 145 36.00 -12.82 53.00
C ASP A 145 36.83 -13.73 53.94
N LYS A 146 36.19 -14.30 54.96
CA LYS A 146 36.89 -15.28 55.80
C LYS A 146 37.44 -16.48 55.03
N LYS A 147 36.81 -16.82 53.91
CA LYS A 147 37.25 -17.96 53.11
C LYS A 147 37.81 -17.50 51.76
N LYS A 148 38.05 -16.19 51.64
CA LYS A 148 38.56 -15.58 50.40
C LYS A 148 37.61 -15.75 49.20
N ILE A 149 36.30 -15.85 49.49
CA ILE A 149 35.28 -15.80 48.44
C ILE A 149 35.01 -14.31 48.13
N LYS A 150 34.78 -14.03 46.86
CA LYS A 150 34.41 -12.67 46.41
C LYS A 150 32.90 -12.61 46.12
N VAL A 151 32.33 -11.40 46.15
CA VAL A 151 30.90 -11.20 45.90
C VAL A 151 30.68 -10.16 44.80
N CYS A 152 29.85 -10.50 43.83
CA CYS A 152 29.39 -9.50 42.85
C CYS A 152 27.88 -9.50 42.89
N PHE A 153 27.25 -8.50 42.27
CA PHE A 153 25.78 -8.39 42.32
C PHE A 153 25.10 -8.83 41.05
N HIS A 154 23.97 -9.52 41.25
CA HIS A 154 23.07 -9.96 40.20
C HIS A 154 21.85 -9.05 40.26
N LEU A 155 21.81 -8.08 39.36
CA LEU A 155 20.77 -7.06 39.38
C LEU A 155 19.47 -7.57 38.77
N GLU A 156 18.47 -7.74 39.62
CA GLU A 156 17.22 -8.36 39.22
C GLU A 156 16.25 -7.30 38.68
N PRO A 157 15.17 -7.73 37.96
CA PRO A 157 14.14 -6.81 37.48
C PRO A 157 13.28 -6.30 38.63
N TYR A 158 13.88 -5.47 39.47
CA TYR A 158 13.19 -4.94 40.63
C TYR A 158 12.11 -3.94 40.16
N PRO A 159 11.12 -3.60 41.02
CA PRO A 159 10.03 -2.75 40.55
C PRO A 159 10.52 -1.38 40.04
N SER A 160 9.99 -0.99 38.87
CA SER A 160 10.32 0.26 38.17
CA SER A 160 10.32 0.28 38.20
C SER A 160 11.80 0.41 37.79
N ARG A 161 12.52 -0.71 37.71
CA ARG A 161 13.90 -0.66 37.24
C ARG A 161 13.99 0.09 35.91
N ASN A 162 14.90 1.06 35.82
CA ASN A 162 15.19 1.74 34.54
C ASN A 162 16.64 2.21 34.61
N VAL A 163 17.16 2.77 33.52
CA VAL A 163 18.60 3.12 33.50
C VAL A 163 19.00 4.20 34.51
N GLN A 164 18.09 5.14 34.79
CA GLN A 164 18.42 6.18 35.77
C GLN A 164 18.57 5.63 37.19
N ASN A 165 17.62 4.80 37.63
CA ASN A 165 17.71 4.26 39.00
C ASN A 165 18.74 3.12 39.09
N LEU A 166 18.97 2.46 37.96
CA LEU A 166 20.04 1.47 37.89
C LEU A 166 21.39 2.18 38.10
N ARG A 167 21.59 3.32 37.43
CA ARG A 167 22.81 4.10 37.66
C ARG A 167 22.91 4.48 39.14
N GLU A 168 21.83 5.02 39.70
CA GLU A 168 21.82 5.42 41.12
C GLU A 168 22.23 4.23 42.02
N ASN A 169 21.74 3.05 41.67
CA ASN A 169 21.97 1.86 42.49
C ASN A 169 23.37 1.30 42.35
N ILE A 170 23.90 1.33 41.14
CA ILE A 170 25.28 0.92 40.90
C ILE A 170 26.21 1.85 41.69
N VAL A 171 25.92 3.15 41.66
CA VAL A 171 26.68 4.12 42.43
C VAL A 171 26.63 3.79 43.93
N LYS A 172 25.42 3.54 44.45
CA LYS A 172 25.25 3.24 45.86
C LYS A 172 25.99 1.96 46.26
N LEU A 173 25.90 0.92 45.43
CA LEU A 173 26.57 -0.36 45.71
C LEU A 173 28.08 -0.25 45.71
N ILE A 174 28.64 0.42 44.69
CA ILE A 174 30.09 0.65 44.64
C ILE A 174 30.58 1.55 45.80
N THR A 175 29.80 2.58 46.11
CA THR A 175 30.14 3.48 47.22
C THR A 175 30.14 2.71 48.54
N ARG A 176 29.06 1.98 48.80
CA ARG A 176 28.88 1.29 50.07
C ARG A 176 29.79 0.07 50.24
N TYR A 177 29.97 -0.73 49.19
CA TYR A 177 30.66 -2.02 49.36
C TYR A 177 31.97 -2.13 48.60
N GLY A 178 32.25 -1.17 47.71
CA GLY A 178 33.41 -1.25 46.82
C GLY A 178 34.76 -1.36 47.50
N ASN A 179 34.83 -0.95 48.76
CA ASN A 179 36.07 -1.06 49.55
C ASN A 179 36.11 -2.26 50.48
N HIS A 180 35.06 -3.07 50.45
CA HIS A 180 35.09 -4.32 51.19
C HIS A 180 36.09 -5.29 50.54
N PRO A 181 36.90 -5.99 51.35
CA PRO A 181 37.87 -6.93 50.76
C PRO A 181 37.26 -8.06 49.92
N ALA A 182 36.00 -8.40 50.17
CA ALA A 182 35.36 -9.47 49.42
C ALA A 182 34.65 -8.98 48.14
N PHE A 183 34.64 -7.66 47.93
CA PHE A 183 33.98 -7.10 46.74
C PHE A 183 34.71 -7.50 45.48
N TYR A 184 33.99 -8.10 44.55
CA TYR A 184 34.63 -8.64 43.34
C TYR A 184 35.09 -7.56 42.35
N ARG A 185 36.31 -7.70 41.85
CA ARG A 185 36.77 -6.92 40.71
C ARG A 185 37.51 -7.80 39.74
N LYS A 186 37.32 -7.56 38.44
CA LYS A 186 38.11 -8.22 37.41
C LYS A 186 39.02 -7.17 36.78
N ASP A 187 40.34 -7.35 36.90
CA ASP A 187 41.32 -6.36 36.37
C ASP A 187 40.93 -4.93 36.79
N GLY A 188 40.59 -4.74 38.06
CA GLY A 188 40.18 -3.43 38.57
C GLY A 188 38.70 -3.06 38.44
N LYS A 189 37.93 -3.81 37.67
CA LYS A 189 36.54 -3.45 37.40
C LYS A 189 35.52 -4.28 38.17
N PRO A 190 34.55 -3.61 38.82
CA PRO A 190 33.39 -4.35 39.35
C PRO A 190 32.68 -5.04 38.20
N LEU A 191 31.87 -6.05 38.51
CA LEU A 191 31.09 -6.78 37.52
C LEU A 191 29.67 -6.95 38.02
N PHE A 192 28.71 -6.70 37.14
CA PHE A 192 27.29 -6.84 37.47
C PHE A 192 26.66 -7.76 36.44
N PHE A 193 25.86 -8.76 36.89
CA PHE A 193 25.01 -9.50 35.95
C PHE A 193 23.66 -8.78 35.94
N ILE A 194 23.08 -8.60 34.75
CA ILE A 194 21.79 -7.93 34.66
C ILE A 194 20.73 -8.88 34.18
N TYR A 195 19.88 -9.34 35.09
CA TYR A 195 18.88 -10.33 34.73
C TYR A 195 17.73 -9.69 33.96
N ASP A 196 17.21 -10.42 32.97
CA ASP A 196 16.13 -9.94 32.10
C ASP A 196 16.43 -8.54 31.53
N SER A 197 17.66 -8.36 31.06
CA SER A 197 18.09 -7.05 30.57
C SER A 197 17.30 -6.59 29.35
N TYR A 198 16.71 -7.54 28.62
CA TYR A 198 15.82 -7.23 27.49
C TYR A 198 14.57 -6.42 27.83
N LEU A 199 14.23 -6.31 29.12
CA LEU A 199 13.08 -5.49 29.53
C LEU A 199 13.38 -3.98 29.36
N ILE A 200 14.62 -3.64 29.07
CA ILE A 200 15.05 -2.26 28.90
C ILE A 200 15.66 -2.19 27.52
N GLU A 201 15.14 -1.30 26.67
CA GLU A 201 15.56 -1.25 25.26
C GLU A 201 17.01 -0.77 25.11
N PRO A 202 17.70 -1.21 24.04
CA PRO A 202 19.06 -0.75 23.79
C PRO A 202 19.20 0.77 23.72
N SER A 203 18.19 1.48 23.20
CA SER A 203 18.25 2.96 23.22
C SER A 203 18.32 3.52 24.65
N GLU A 204 17.71 2.85 25.62
CA GLU A 204 17.93 3.19 27.02
C GLU A 204 19.31 2.78 27.53
N TRP A 205 19.70 1.52 27.28
CA TRP A 205 21.02 1.03 27.73
C TRP A 205 22.16 1.94 27.26
N GLU A 206 22.07 2.40 26.02
CA GLU A 206 23.16 3.22 25.48
C GLU A 206 23.39 4.49 26.28
N LYS A 207 22.34 5.04 26.90
CA LYS A 207 22.51 6.25 27.74
C LYS A 207 23.46 5.98 28.91
N LEU A 208 23.40 4.75 29.40
CA LEU A 208 24.19 4.34 30.57
C LEU A 208 25.53 3.74 30.15
N LEU A 209 25.54 3.01 29.04
CA LEU A 209 26.68 2.13 28.75
C LEU A 209 27.55 2.54 27.55
N SER A 210 27.06 3.45 26.72
CA SER A 210 27.89 3.96 25.62
C SER A 210 28.91 4.93 26.19
N PRO A 211 30.12 5.00 25.61
CA PRO A 211 31.07 6.02 26.10
C PRO A 211 30.51 7.46 25.96
N GLY A 212 29.69 7.70 24.95
CA GLY A 212 29.08 9.01 24.78
C GLY A 212 27.65 9.12 25.35
N GLY A 213 27.29 8.17 26.22
CA GLY A 213 25.92 8.11 26.75
C GLY A 213 25.62 9.28 27.66
N SER A 214 24.37 9.75 27.62
CA SER A 214 23.97 10.95 28.38
C SER A 214 24.11 10.83 29.89
N ILE A 215 24.05 9.62 30.43
CA ILE A 215 24.29 9.37 31.86
C ILE A 215 25.34 8.25 32.01
N THR A 216 26.41 8.32 31.21
CA THR A 216 27.31 7.18 31.11
C THR A 216 28.02 6.88 32.44
N ILE A 217 28.31 5.60 32.65
CA ILE A 217 29.28 5.22 33.69
C ILE A 217 30.68 4.99 33.09
N ARG A 218 30.79 4.94 31.78
CA ARG A 218 32.09 4.66 31.16
C ARG A 218 33.09 5.75 31.53
N ASN A 219 34.29 5.32 31.90
CA ASN A 219 35.38 6.24 32.20
C ASN A 219 35.05 7.12 33.39
N THR A 220 34.12 6.66 34.25
CA THR A 220 33.85 7.28 35.55
C THR A 220 34.33 6.36 36.68
N ALA A 221 34.30 6.89 37.91
CA ALA A 221 34.59 6.10 39.11
C ALA A 221 33.66 4.89 39.27
N TYR A 222 32.57 4.85 38.50
CA TYR A 222 31.50 3.85 38.63
C TYR A 222 31.37 2.91 37.43
N ASP A 223 32.39 2.91 36.59
CA ASP A 223 32.45 2.01 35.46
C ASP A 223 32.51 0.57 35.99
N ALA A 224 31.95 -0.35 35.22
CA ALA A 224 31.89 -1.75 35.64
C ALA A 224 31.71 -2.59 34.41
N LEU A 225 32.01 -3.89 34.53
CA LEU A 225 31.69 -4.84 33.49
C LEU A 225 30.20 -5.17 33.63
N MET A 226 29.46 -4.96 32.55
CA MET A 226 28.03 -5.12 32.61
C MET A 226 27.69 -6.32 31.74
N ILE A 227 27.13 -7.35 32.36
CA ILE A 227 26.90 -8.62 31.68
C ILE A 227 25.39 -8.81 31.48
N GLY A 228 24.94 -8.74 30.23
CA GLY A 228 23.52 -8.80 29.92
C GLY A 228 23.07 -10.20 29.61
N LEU A 229 21.77 -10.43 29.66
CA LEU A 229 21.23 -11.76 29.43
C LEU A 229 20.97 -12.02 27.95
N TRP A 230 21.68 -13.01 27.38
CA TRP A 230 21.39 -13.48 26.03
C TRP A 230 20.30 -14.55 26.09
N THR A 231 19.18 -14.25 25.44
CA THR A 231 18.05 -15.17 25.39
C THR A 231 17.88 -15.86 24.03
N SER A 232 17.42 -15.13 23.01
CA SER A 232 16.94 -15.78 21.79
C SER A 232 17.99 -15.86 20.66
N SER A 233 17.53 -15.86 19.40
CA SER A 233 18.44 -16.11 18.28
C SER A 233 19.47 -14.99 18.05
N PRO A 234 20.60 -15.30 17.40
CA PRO A 234 21.64 -14.30 17.13
C PRO A 234 21.14 -13.06 16.35
N THR A 235 20.12 -13.25 15.52
CA THR A 235 19.53 -12.13 14.76
C THR A 235 19.02 -11.02 15.67
N VAL A 236 18.43 -11.41 16.80
CA VAL A 236 17.93 -10.45 17.79
C VAL A 236 19.03 -10.10 18.79
N GLN A 237 19.75 -11.10 19.29
CA GLN A 237 20.66 -10.88 20.40
C GLN A 237 21.93 -10.14 20.02
N ARG A 238 22.44 -10.41 18.81
CA ARG A 238 23.68 -9.77 18.40
C ARG A 238 23.57 -8.24 18.38
N PRO A 239 22.58 -7.69 17.64
CA PRO A 239 22.45 -6.22 17.69
C PRO A 239 22.05 -5.71 19.09
N PHE A 240 21.27 -6.49 19.85
CA PHE A 240 20.92 -6.08 21.21
C PHE A 240 22.17 -5.79 22.03
N ILE A 241 23.08 -6.76 22.08
CA ILE A 241 24.29 -6.65 22.89
C ILE A 241 25.20 -5.51 22.39
N LEU A 242 25.36 -5.39 21.07
CA LEU A 242 26.20 -4.32 20.51
C LEU A 242 25.58 -2.94 20.78
N ASN A 243 24.32 -2.76 20.43
CA ASN A 243 23.62 -1.48 20.57
C ASN A 243 23.38 -1.07 22.02
N ALA A 244 23.30 -2.04 22.91
CA ALA A 244 23.16 -1.76 24.34
C ALA A 244 24.50 -1.46 25.00
N HIS A 245 25.60 -1.80 24.34
CA HIS A 245 26.97 -1.58 24.88
C HIS A 245 27.29 -2.37 26.16
N PHE A 246 26.69 -3.55 26.29
CA PHE A 246 27.15 -4.52 27.30
C PHE A 246 28.58 -4.93 27.02
N ASP A 247 29.33 -5.17 28.10
CA ASP A 247 30.67 -5.72 28.02
C ASP A 247 30.63 -7.23 27.78
N GLY A 248 29.50 -7.87 28.08
CA GLY A 248 29.41 -9.32 27.92
C GLY A 248 28.01 -9.84 28.04
N PHE A 249 27.87 -11.16 28.00
CA PHE A 249 26.56 -11.76 28.12
C PHE A 249 26.65 -13.11 28.81
N TYR A 250 25.53 -13.51 29.43
CA TYR A 250 25.37 -14.79 30.09
C TYR A 250 24.02 -15.33 29.68
N THR A 251 23.72 -16.58 30.05
CA THR A 251 22.57 -17.28 29.48
C THR A 251 21.59 -17.69 30.55
N TYR A 252 22.07 -17.68 31.79
CA TYR A 252 21.30 -18.02 33.01
C TYR A 252 20.63 -19.41 33.11
N PHE A 253 19.74 -19.74 32.19
CA PHE A 253 18.83 -20.90 32.36
C PHE A 253 19.53 -22.25 32.45
N ALA A 254 19.18 -22.99 33.51
CA ALA A 254 19.80 -24.28 33.80
C ALA A 254 19.24 -25.37 32.91
N ALA A 255 18.04 -25.13 32.37
CA ALA A 255 17.36 -26.09 31.51
C ALA A 255 17.82 -25.98 30.05
N THR A 256 18.51 -27.02 29.57
CA THR A 256 18.99 -27.05 28.19
C THR A 256 17.82 -26.96 27.21
N GLY A 257 18.00 -26.13 26.18
CA GLY A 257 16.97 -25.98 25.18
C GLY A 257 15.85 -25.00 25.49
N PHE A 258 15.76 -24.53 26.74
CA PHE A 258 14.73 -23.54 27.11
C PHE A 258 14.84 -22.26 26.26
N THR A 259 16.05 -21.79 26.02
CA THR A 259 16.24 -20.70 25.04
C THR A 259 17.36 -21.09 24.10
N TYR A 260 17.55 -20.27 23.06
CA TYR A 260 18.68 -20.44 22.16
C TYR A 260 19.96 -20.39 22.98
N GLY A 261 20.06 -19.42 23.87
CA GLY A 261 21.27 -19.21 24.66
C GLY A 261 21.58 -20.34 25.65
N SER A 262 20.53 -21.00 26.13
CA SER A 262 20.73 -22.14 27.02
C SER A 262 20.75 -23.49 26.27
N THR A 263 21.06 -23.47 24.98
CA THR A 263 21.24 -24.69 24.19
C THR A 263 22.76 -24.82 23.95
N PRO A 264 23.43 -25.72 24.71
CA PRO A 264 24.90 -25.75 24.74
C PRO A 264 25.58 -25.94 23.40
N THR A 265 24.91 -26.57 22.43
CA THR A 265 25.50 -26.77 21.12
C THR A 265 25.69 -25.45 20.37
N ASN A 266 25.05 -24.38 20.85
CA ASN A 266 25.25 -23.05 20.27
C ASN A 266 26.44 -22.34 20.85
N TRP A 267 27.03 -22.88 21.91
CA TRP A 267 28.02 -22.11 22.67
C TRP A 267 29.33 -21.83 21.96
N VAL A 268 29.81 -22.77 21.14
CA VAL A 268 31.02 -22.51 20.37
CA VAL A 268 31.01 -22.54 20.33
C VAL A 268 30.80 -21.31 19.43
N SER A 269 29.67 -21.26 18.74
CA SER A 269 29.42 -20.14 17.81
C SER A 269 29.18 -18.82 18.54
N MET A 270 28.57 -18.90 19.72
CA MET A 270 28.36 -17.71 20.56
C MET A 270 29.68 -17.17 21.07
N GLN A 271 30.60 -18.07 21.46
CA GLN A 271 31.95 -17.67 21.88
C GLN A 271 32.74 -17.04 20.73
N LYS A 272 32.61 -17.61 19.54
CA LYS A 272 33.34 -17.02 18.40
C LYS A 272 32.85 -15.59 18.08
N TRP A 273 31.54 -15.37 18.15
CA TRP A 273 31.00 -14.01 17.98
C TRP A 273 31.48 -13.07 19.09
N ALA A 274 31.43 -13.54 20.34
CA ALA A 274 31.91 -12.76 21.49
C ALA A 274 33.35 -12.31 21.27
N LYS A 275 34.20 -13.27 20.92
CA LYS A 275 35.60 -12.98 20.67
C LYS A 275 35.77 -11.97 19.51
N GLU A 276 35.03 -12.15 18.42
CA GLU A 276 35.10 -11.21 17.29
C GLU A 276 34.73 -9.76 17.65
N ASN A 277 33.87 -9.61 18.64
CA ASN A 277 33.27 -8.33 18.97
C ASN A 277 33.72 -7.77 20.32
N GLY A 278 34.77 -8.37 20.88
CA GLY A 278 35.35 -7.93 22.16
C GLY A 278 34.40 -8.02 23.34
N LYS A 279 33.53 -9.03 23.33
CA LYS A 279 32.55 -9.23 24.41
C LYS A 279 32.93 -10.45 25.28
N ILE A 280 32.58 -10.40 26.57
CA ILE A 280 32.88 -11.51 27.48
C ILE A 280 31.69 -12.46 27.53
N PHE A 281 31.88 -13.72 27.13
CA PHE A 281 30.77 -14.68 27.17
C PHE A 281 30.91 -15.56 28.43
N ILE A 282 29.85 -15.59 29.24
CA ILE A 282 29.84 -16.35 30.51
C ILE A 282 28.68 -17.34 30.46
N PRO A 283 28.86 -18.50 29.81
CA PRO A 283 27.70 -19.38 29.72
C PRO A 283 27.31 -19.88 31.12
N SER A 284 26.03 -20.19 31.29
CA SER A 284 25.53 -20.72 32.56
C SER A 284 25.24 -22.22 32.47
N VAL A 285 25.75 -22.95 33.44
CA VAL A 285 25.59 -24.40 33.49
C VAL A 285 24.85 -24.74 34.78
N GLY A 286 24.03 -25.78 34.75
CA GLY A 286 23.31 -26.21 35.96
C GLY A 286 23.15 -27.71 36.00
N PRO A 287 22.86 -28.27 37.18
CA PRO A 287 22.81 -29.73 37.39
C PRO A 287 21.47 -30.35 37.02
N GLY A 288 20.49 -29.50 36.71
CA GLY A 288 19.13 -29.96 36.39
C GLY A 288 18.15 -28.81 36.56
N TYR A 289 16.86 -29.10 36.40
CA TYR A 289 15.81 -28.07 36.59
C TYR A 289 14.46 -28.71 36.86
N ILE A 290 13.76 -28.20 37.87
CA ILE A 290 12.35 -28.55 38.10
C ILE A 290 11.72 -27.54 39.07
N ASP A 291 10.63 -26.95 38.64
CA ASP A 291 9.98 -25.91 39.44
C ASP A 291 8.49 -26.14 39.59
N THR A 292 8.09 -27.41 39.52
CA THR A 292 6.66 -27.74 39.46
C THR A 292 5.91 -27.61 40.79
N ARG A 293 6.61 -27.51 41.91
CA ARG A 293 5.90 -27.18 43.16
C ARG A 293 5.30 -25.76 43.08
N ILE A 294 6.08 -24.80 42.58
CA ILE A 294 5.61 -23.43 42.45
C ILE A 294 5.01 -23.12 41.08
N ARG A 295 5.35 -23.91 40.08
CA ARG A 295 4.80 -23.73 38.73
C ARG A 295 4.31 -25.07 38.19
N PRO A 296 3.15 -25.56 38.70
CA PRO A 296 2.72 -26.93 38.37
C PRO A 296 2.45 -27.15 36.88
N TRP A 297 2.22 -26.06 36.14
CA TRP A 297 1.97 -26.13 34.70
C TRP A 297 3.27 -26.14 33.87
N ASN A 298 4.43 -26.14 34.53
CA ASN A 298 5.68 -25.90 33.81
C ASN A 298 6.53 -27.15 33.62
N GLY A 299 5.86 -28.30 33.55
CA GLY A 299 6.53 -29.61 33.48
C GLY A 299 7.43 -29.88 32.28
N SER A 300 7.19 -29.18 31.18
CA SER A 300 7.98 -29.38 29.96
C SER A 300 9.41 -28.84 30.11
N VAL A 301 9.63 -28.02 31.13
CA VAL A 301 10.97 -27.45 31.39
C VAL A 301 11.80 -28.37 32.32
N ILE A 302 11.19 -29.45 32.81
CA ILE A 302 11.91 -30.36 33.71
C ILE A 302 13.13 -30.95 33.01
N ARG A 303 14.28 -30.94 33.68
CA ARG A 303 15.44 -31.71 33.22
C ARG A 303 15.94 -32.54 34.39
N THR A 304 15.89 -33.86 34.25
CA THR A 304 16.33 -34.76 35.33
C THR A 304 17.86 -34.76 35.49
N ARG A 305 18.32 -34.95 36.72
CA ARG A 305 19.75 -34.88 37.02
C ARG A 305 20.50 -36.14 36.54
N THR A 306 19.76 -37.25 36.41
CA THR A 306 20.31 -38.55 35.99
C THR A 306 21.65 -38.86 36.65
N ASP A 307 21.68 -38.77 37.98
CA ASP A 307 22.84 -39.08 38.83
C ASP A 307 24.09 -38.26 38.54
N GLY A 308 23.91 -37.05 38.01
CA GLY A 308 25.07 -36.24 37.71
C GLY A 308 25.39 -36.16 36.23
N GLN A 309 24.77 -37.00 35.40
CA GLN A 309 25.09 -37.04 33.97
C GLN A 309 24.70 -35.76 33.23
N TYR A 310 23.57 -35.18 33.61
CA TYR A 310 23.13 -33.92 33.03
C TYR A 310 24.17 -32.83 33.30
N TYR A 311 24.61 -32.72 34.55
CA TYR A 311 25.54 -31.68 34.97
C TYR A 311 26.86 -31.84 34.21
N ASP A 312 27.37 -33.08 34.17
CA ASP A 312 28.60 -33.39 33.46
C ASP A 312 28.55 -32.93 32.01
N ALA A 313 27.46 -33.26 31.32
CA ALA A 313 27.31 -32.97 29.90
C ALA A 313 27.32 -31.45 29.67
N MET A 314 26.64 -30.72 30.54
CA MET A 314 26.51 -29.27 30.38
C MET A 314 27.82 -28.54 30.69
N TYR A 315 28.45 -28.87 31.82
CA TYR A 315 29.72 -28.25 32.20
C TYR A 315 30.79 -28.52 31.12
N ARG A 316 30.83 -29.75 30.63
CA ARG A 316 31.79 -30.15 29.60
C ARG A 316 31.63 -29.28 28.34
N LYS A 317 30.39 -29.05 27.92
CA LYS A 317 30.11 -28.18 26.79
C LYS A 317 30.60 -26.74 26.95
N ALA A 318 30.49 -26.19 28.15
CA ALA A 318 31.03 -24.86 28.49
C ALA A 318 32.56 -24.80 28.37
N ILE A 319 33.21 -25.80 28.94
CA ILE A 319 34.66 -25.95 28.86
C ILE A 319 35.13 -26.08 27.40
N GLU A 320 34.44 -26.91 26.64
CA GLU A 320 34.79 -27.16 25.24
C GLU A 320 34.60 -25.92 24.35
N ALA A 321 33.72 -25.00 24.75
CA ALA A 321 33.48 -23.77 23.99
C ALA A 321 34.65 -22.80 24.11
N GLY A 322 35.56 -23.07 25.04
CA GLY A 322 36.78 -22.26 25.23
C GLY A 322 36.49 -20.87 25.78
N VAL A 323 35.51 -20.78 26.68
CA VAL A 323 35.12 -19.50 27.27
C VAL A 323 36.12 -19.10 28.33
N SER A 324 36.10 -17.83 28.72
CA SER A 324 37.04 -17.34 29.70
C SER A 324 36.42 -17.27 31.13
N ALA A 325 35.13 -17.56 31.22
CA ALA A 325 34.44 -17.56 32.50
C ALA A 325 33.20 -18.42 32.42
N ILE A 326 32.80 -18.97 33.56
CA ILE A 326 31.59 -19.80 33.60
C ILE A 326 30.69 -19.37 34.76
N SER A 327 29.38 -19.43 34.57
CA SER A 327 28.46 -19.16 35.67
C SER A 327 27.67 -20.43 35.99
N ILE A 328 27.30 -20.59 37.26
CA ILE A 328 26.60 -21.80 37.72
C ILE A 328 25.23 -21.41 38.26
N THR A 329 24.22 -21.96 37.63
CA THR A 329 22.84 -21.77 38.05
C THR A 329 22.43 -23.12 38.65
N SER A 330 22.40 -23.25 39.98
CA SER A 330 22.63 -22.15 40.92
C SER A 330 23.21 -22.75 42.19
N PHE A 331 23.65 -21.90 43.13
CA PHE A 331 23.97 -22.41 44.45
C PHE A 331 22.70 -22.90 45.14
N ASN A 332 21.68 -22.03 45.23
CA ASN A 332 20.52 -22.32 46.10
C ASN A 332 19.22 -21.67 45.62
N GLU A 333 18.97 -21.74 44.33
CA GLU A 333 17.64 -21.45 43.82
C GLU A 333 16.80 -22.73 43.98
N TRP A 334 16.37 -22.97 45.23
CA TRP A 334 15.60 -24.17 45.59
C TRP A 334 14.25 -24.27 44.88
N HIS A 335 13.61 -23.12 44.58
CA HIS A 335 12.32 -23.13 43.87
C HIS A 335 12.41 -23.74 42.49
N GLU A 336 13.57 -23.61 41.86
CA GLU A 336 13.72 -24.05 40.47
C GLU A 336 14.47 -25.35 40.31
N GLY A 337 14.87 -25.92 41.44
CA GLY A 337 15.55 -27.24 41.45
C GLY A 337 16.89 -27.25 40.70
N SER A 338 17.53 -26.07 40.61
CA SER A 338 18.82 -25.93 39.94
C SER A 338 19.97 -25.95 40.94
N GLN A 339 19.67 -26.14 42.24
CA GLN A 339 20.69 -25.91 43.30
C GLN A 339 21.80 -26.99 43.34
N ILE A 340 23.04 -26.60 43.66
CA ILE A 340 24.11 -27.56 43.93
C ILE A 340 24.28 -27.69 45.43
N GLU A 341 23.62 -26.84 46.20
CA GLU A 341 23.64 -26.96 47.65
C GLU A 341 23.11 -28.37 48.09
N PRO A 342 23.72 -28.98 49.12
CA PRO A 342 23.33 -30.34 49.53
C PRO A 342 21.83 -30.48 49.88
N ALA A 343 21.24 -31.53 49.35
CA ALA A 343 19.84 -31.87 49.56
C ALA A 343 19.78 -33.27 50.18
N VAL A 344 18.72 -33.55 50.96
CA VAL A 344 18.53 -34.88 51.59
C VAL A 344 17.22 -35.54 51.14
N PRO A 345 17.17 -36.88 51.13
CA PRO A 345 15.89 -37.55 50.90
C PRO A 345 14.89 -37.15 52.01
N TYR A 346 13.64 -36.93 51.63
CA TYR A 346 12.59 -36.63 52.60
C TYR A 346 11.23 -36.84 51.96
N THR A 347 10.31 -37.43 52.72
CA THR A 347 8.95 -37.70 52.27
C THR A 347 8.04 -37.18 53.37
N SER A 348 6.98 -36.47 53.01
CA SER A 348 5.96 -36.09 53.99
C SER A 348 4.55 -36.41 53.49
N SER A 349 3.55 -36.20 54.34
CA SER A 349 2.16 -36.39 53.90
C SER A 349 1.84 -35.41 52.77
N GLU A 350 2.62 -34.33 52.69
CA GLU A 350 2.38 -33.30 51.68
C GLU A 350 3.03 -33.58 50.35
N PHE A 351 4.18 -34.25 50.36
CA PHE A 351 4.98 -34.35 49.13
C PHE A 351 6.11 -35.35 49.25
N THR A 352 6.41 -36.02 48.14
CA THR A 352 7.60 -36.88 48.09
C THR A 352 8.68 -36.06 47.38
N TYR A 353 9.68 -35.62 48.14
CA TYR A 353 10.73 -34.76 47.58
C TYR A 353 11.67 -35.60 46.73
N LEU A 354 12.18 -34.98 45.67
CA LEU A 354 13.27 -35.54 44.91
C LEU A 354 14.51 -35.41 45.76
N ASP A 355 15.57 -36.12 45.36
CA ASP A 355 16.83 -36.08 46.08
C ASP A 355 17.95 -36.43 45.11
N TYR A 356 19.17 -36.55 45.60
CA TYR A 356 20.30 -36.75 44.69
C TYR A 356 20.56 -38.21 44.33
N GLU A 357 19.55 -39.06 44.56
CA GLU A 357 19.47 -40.44 43.96
C GLU A 357 20.65 -41.30 44.46
N ASN A 358 21.47 -41.83 43.55
CA ASN A 358 22.62 -42.66 43.94
C ASN A 358 23.90 -41.85 44.24
N ARG A 359 23.72 -40.62 44.72
CA ARG A 359 24.82 -39.73 45.09
C ARG A 359 24.59 -39.22 46.50
N GLU A 360 25.68 -38.87 47.18
CA GLU A 360 25.64 -38.23 48.50
C GLU A 360 25.09 -36.79 48.42
N PRO A 361 24.57 -36.26 49.55
CA PRO A 361 24.08 -34.87 49.52
C PRO A 361 25.11 -33.87 48.97
N ASP A 362 26.40 -34.05 49.27
CA ASP A 362 27.41 -33.07 48.82
C ASP A 362 28.00 -33.33 47.42
N TYR A 363 27.37 -34.20 46.64
CA TYR A 363 27.98 -34.64 45.39
C TYR A 363 28.11 -33.51 44.35
N TYR A 364 27.09 -32.66 44.26
CA TYR A 364 27.13 -31.57 43.26
C TYR A 364 28.18 -30.50 43.60
N LEU A 365 28.46 -30.31 44.89
CA LEU A 365 29.61 -29.51 45.33
C LEU A 365 30.95 -30.08 44.87
N THR A 366 31.20 -31.34 45.22
CA THR A 366 32.50 -31.93 44.87
C THR A 366 32.62 -32.14 43.36
N ARG A 367 31.51 -32.37 42.68
CA ARG A 367 31.55 -32.54 41.22
C ARG A 367 31.78 -31.20 40.52
N THR A 368 31.22 -30.13 41.10
CA THR A 368 31.57 -28.78 40.68
C THR A 368 33.09 -28.57 40.79
N ALA A 369 33.69 -28.92 41.93
CA ALA A 369 35.14 -28.78 42.11
C ALA A 369 35.90 -29.51 40.99
N TYR A 370 35.38 -30.67 40.60
CA TYR A 370 36.00 -31.51 39.56
C TYR A 370 36.02 -30.76 38.23
N TRP A 371 34.88 -30.16 37.86
CA TRP A 371 34.81 -29.42 36.60
C TRP A 371 35.57 -28.09 36.64
N VAL A 372 35.57 -27.41 37.78
CA VAL A 372 36.38 -26.21 37.94
C VAL A 372 37.86 -26.54 37.66
N GLY A 373 38.36 -27.66 38.19
CA GLY A 373 39.75 -28.09 37.93
C GLY A 373 40.01 -28.30 36.44
N LYS A 374 39.05 -28.91 35.75
CA LYS A 374 39.15 -29.14 34.32
C LYS A 374 39.12 -27.82 33.54
N PHE A 375 38.23 -26.92 33.93
CA PHE A 375 38.15 -25.59 33.33
C PHE A 375 39.50 -24.86 33.44
N ARG A 376 40.09 -24.89 34.64
CA ARG A 376 41.38 -24.23 34.91
C ARG A 376 42.54 -24.76 34.07
N GLU A 377 42.58 -26.08 33.89
CA GLU A 377 43.63 -26.71 33.11
C GLU A 377 43.67 -26.25 31.66
N SER A 378 42.51 -25.96 31.07
CA SER A 378 42.50 -25.58 29.65
C SER A 378 42.06 -24.14 29.40
N LYS A 379 42.00 -23.32 30.47
CA LYS A 379 41.41 -21.98 30.36
C LYS A 379 42.15 -21.10 29.35
N THR B 35 23.01 -3.36 -11.34
CA THR B 35 21.76 -4.05 -11.80
C THR B 35 20.66 -3.03 -12.20
N GLU B 36 19.47 -3.17 -11.61
CA GLU B 36 18.36 -2.28 -11.93
C GLU B 36 18.31 -1.04 -11.04
N LEU B 37 18.58 -1.20 -9.74
CA LEU B 37 18.48 -0.09 -8.77
C LEU B 37 19.61 0.93 -8.96
N ASP B 38 19.30 2.21 -8.87
CA ASP B 38 20.35 3.21 -8.98
C ASP B 38 20.71 3.80 -7.62
N TYR B 39 21.97 3.62 -7.24
CA TYR B 39 22.47 4.05 -5.94
C TYR B 39 23.00 5.47 -5.91
N ASP B 40 22.75 6.24 -6.98
CA ASP B 40 22.96 7.69 -6.95
C ASP B 40 21.63 8.42 -7.16
N THR B 41 20.53 7.72 -6.90
CA THR B 41 19.18 8.30 -6.94
C THR B 41 18.58 8.20 -5.52
N PHE B 42 18.27 9.36 -4.93
CA PHE B 42 17.92 9.50 -3.50
C PHE B 42 16.47 9.99 -3.45
N CYS B 43 15.63 9.25 -2.75
CA CYS B 43 14.23 9.63 -2.70
C CYS B 43 13.86 9.97 -1.25
N PHE B 44 13.38 11.20 -1.04
CA PHE B 44 13.11 11.69 0.30
C PHE B 44 11.89 11.00 0.92
N TYR B 45 12.12 10.43 2.11
CA TYR B 45 11.18 9.53 2.74
C TYR B 45 10.84 9.98 4.16
N TYR B 46 9.56 9.91 4.48
CA TYR B 46 9.00 10.39 5.75
C TYR B 46 8.41 9.22 6.57
N ASP B 47 8.86 9.10 7.81
CA ASP B 47 8.49 7.98 8.72
C ASP B 47 7.59 8.43 9.89
N TRP B 48 6.89 9.54 9.70
CA TRP B 48 6.14 10.18 10.76
C TRP B 48 4.64 9.92 10.78
N TYR B 49 4.17 9.01 9.93
CA TYR B 49 2.73 8.74 9.86
C TYR B 49 2.32 7.70 10.93
N GLY B 50 1.11 7.84 11.47
CA GLY B 50 0.63 6.88 12.47
C GLY B 50 -0.79 6.44 12.21
N SER B 51 -1.15 5.27 12.75
CA SER B 51 -2.52 4.80 12.75
C SER B 51 -2.99 4.64 14.20
N GLU B 52 -4.31 4.68 14.41
CA GLU B 52 -4.88 4.40 15.74
C GLU B 52 -4.45 3.01 16.21
N ALA B 53 -4.53 2.02 15.32
CA ALA B 53 -4.21 0.63 15.67
C ALA B 53 -2.79 0.40 16.18
N ILE B 54 -1.81 1.10 15.60
CA ILE B 54 -0.42 0.84 15.94
C ILE B 54 0.15 1.94 16.84
N ASP B 55 -0.20 3.18 16.57
CA ASP B 55 0.44 4.30 17.25
C ASP B 55 -0.45 4.93 18.31
N GLY B 56 -1.72 4.56 18.32
CA GLY B 56 -2.67 5.20 19.24
C GLY B 56 -3.30 6.47 18.69
N GLN B 57 -2.86 6.93 17.51
CA GLN B 57 -3.44 8.13 16.88
C GLN B 57 -3.00 8.21 15.43
N TYR B 58 -3.79 8.92 14.62
CA TYR B 58 -3.45 9.09 13.21
C TYR B 58 -2.43 10.23 13.04
N ARG B 59 -1.24 10.01 13.56
CA ARG B 59 -0.19 11.02 13.58
C ARG B 59 0.09 11.51 12.14
N HIS B 60 0.25 12.83 12.00
CA HIS B 60 0.49 13.51 10.70
C HIS B 60 -0.66 13.50 9.69
N TRP B 61 -1.39 12.40 9.59
CA TRP B 61 -2.67 12.46 8.86
C TRP B 61 -3.58 13.52 9.50
N ALA B 62 -3.49 13.65 10.82
CA ALA B 62 -4.03 14.81 11.53
C ALA B 62 -2.89 15.85 11.61
N HIS B 63 -3.21 17.11 11.32
CA HIS B 63 -2.13 18.11 11.24
C HIS B 63 -2.75 19.47 11.48
N ALA B 64 -2.06 20.31 12.24
CA ALA B 64 -2.49 21.69 12.45
C ALA B 64 -2.37 22.48 11.14
N ILE B 65 -3.29 23.42 10.95
CA ILE B 65 -3.30 24.28 9.76
C ILE B 65 -2.44 25.50 10.06
N ALA B 66 -1.55 25.88 9.11
CA ALA B 66 -0.62 26.98 9.31
C ALA B 66 -1.30 28.34 9.18
N PRO B 67 -0.98 29.28 10.09
CA PRO B 67 -1.51 30.64 9.97
C PRO B 67 -0.89 31.34 8.76
N ASP B 68 -1.63 32.29 8.19
CA ASP B 68 -1.13 33.09 7.07
C ASP B 68 -0.04 34.03 7.59
N PRO B 69 1.18 33.91 7.04
CA PRO B 69 2.30 34.75 7.53
C PRO B 69 2.06 36.24 7.27
N ASN B 70 1.06 36.56 6.47
CA ASN B 70 0.71 37.96 6.19
C ASN B 70 -0.55 38.46 6.88
N GLY B 71 -1.20 37.59 7.67
CA GLY B 71 -2.48 37.91 8.31
C GLY B 71 -2.48 38.33 9.78
N GLY B 72 -1.32 38.72 10.31
CA GLY B 72 -1.24 39.25 11.67
C GLY B 72 -1.33 38.25 12.82
N SER B 73 -1.03 38.75 14.03
CA SER B 73 -1.10 37.98 15.28
C SER B 73 -2.51 37.47 15.61
N GLY B 74 -2.57 36.39 16.39
CA GLY B 74 -3.82 35.88 16.96
C GLY B 74 -4.75 35.17 16.01
N GLN B 75 -4.21 34.52 14.98
CA GLN B 75 -5.04 33.76 14.04
C GLN B 75 -5.56 32.46 14.67
N ASN B 76 -6.72 32.01 14.23
CA ASN B 76 -7.29 30.76 14.69
C ASN B 76 -7.49 29.78 13.51
N PRO B 77 -6.39 29.24 12.94
CA PRO B 77 -6.53 28.52 11.66
C PRO B 77 -7.17 27.13 11.77
N GLY B 78 -7.16 26.52 12.96
CA GLY B 78 -7.75 25.19 13.11
C GLY B 78 -6.83 24.02 12.78
N THR B 79 -7.39 22.82 12.77
CA THR B 79 -6.63 21.59 12.58
C THR B 79 -7.38 20.67 11.61
N ILE B 80 -6.64 19.84 10.89
CA ILE B 80 -7.23 18.75 10.11
C ILE B 80 -7.23 17.51 11.00
N PRO B 81 -8.38 16.82 11.13
CA PRO B 81 -8.53 15.79 12.19
C PRO B 81 -7.90 14.42 11.89
N GLY B 82 -7.55 14.14 10.63
CA GLY B 82 -7.00 12.83 10.27
C GLY B 82 -8.03 11.73 10.28
N THR B 83 -9.30 12.06 10.02
CA THR B 83 -10.33 11.05 9.89
C THR B 83 -10.21 10.49 8.49
N GLN B 84 -10.97 9.44 8.18
CA GLN B 84 -10.96 8.93 6.81
C GLN B 84 -11.34 10.04 5.84
N GLU B 85 -12.36 10.80 6.20
CA GLU B 85 -12.89 11.84 5.35
C GLU B 85 -11.95 13.05 5.19
N SER B 86 -11.19 13.36 6.23
CA SER B 86 -10.40 14.60 6.23
C SER B 86 -8.96 14.37 6.71
N ILE B 87 -8.05 14.29 5.76
CA ILE B 87 -6.63 14.09 6.06
C ILE B 87 -5.79 15.27 5.59
N ALA B 88 -4.57 15.37 6.12
CA ALA B 88 -3.71 16.54 5.84
C ALA B 88 -2.93 16.39 4.53
N SER B 89 -3.66 16.24 3.44
CA SER B 89 -3.08 16.13 2.13
C SER B 89 -4.15 16.53 1.12
N ASN B 90 -3.74 17.09 -0.01
CA ASN B 90 -4.66 17.34 -1.11
C ASN B 90 -4.90 16.08 -1.93
N PHE B 91 -4.03 15.07 -1.74
CA PHE B 91 -4.19 13.78 -2.38
C PHE B 91 -4.57 12.72 -1.33
N TYR B 92 -4.76 11.47 -1.76
CA TYR B 92 -5.14 10.40 -0.85
C TYR B 92 -4.37 9.12 -1.11
N PRO B 93 -3.67 8.59 -0.08
CA PRO B 93 -2.84 7.40 -0.27
C PRO B 93 -3.64 6.15 -0.60
N GLN B 94 -3.16 5.40 -1.58
CA GLN B 94 -3.69 4.08 -1.86
C GLN B 94 -3.60 3.17 -0.63
N LEU B 95 -2.56 3.35 0.18
CA LEU B 95 -2.44 2.55 1.41
C LEU B 95 -3.22 3.09 2.61
N GLY B 96 -4.02 4.14 2.40
CA GLY B 96 -4.84 4.70 3.48
C GLY B 96 -4.01 5.44 4.51
N ARG B 97 -4.62 5.70 5.67
CA ARG B 97 -3.96 6.38 6.78
C ARG B 97 -3.05 5.43 7.52
N TYR B 98 -1.89 5.16 6.91
CA TYR B 98 -1.00 4.12 7.40
C TYR B 98 -0.08 4.52 8.51
N SER B 99 0.40 3.52 9.24
CA SER B 99 1.43 3.73 10.23
C SER B 99 2.76 3.45 9.58
N SER B 100 3.69 4.39 9.75
CA SER B 100 5.07 4.18 9.30
C SER B 100 5.79 3.01 9.98
N SER B 101 5.31 2.57 11.14
CA SER B 101 5.94 1.43 11.81
C SER B 101 5.30 0.09 11.48
N ASP B 102 4.28 0.08 10.63
CA ASP B 102 3.59 -1.16 10.23
C ASP B 102 4.51 -2.02 9.30
N PRO B 103 4.88 -3.23 9.74
CA PRO B 103 5.69 -4.12 8.89
C PRO B 103 5.12 -4.40 7.49
N ASN B 104 3.81 -4.43 7.36
CA ASN B 104 3.23 -4.66 6.06
C ASN B 104 3.40 -3.43 5.16
N ILE B 105 3.33 -2.25 5.77
CA ILE B 105 3.56 -1.00 5.06
C ILE B 105 5.00 -0.91 4.58
N LEU B 106 5.95 -1.23 5.48
CA LEU B 106 7.38 -1.20 5.14
C LEU B 106 7.72 -2.11 3.97
N THR B 107 7.18 -3.32 3.99
CA THR B 107 7.32 -4.23 2.88
C THR B 107 6.78 -3.61 1.58
N LYS B 108 5.56 -3.10 1.60
CA LYS B 108 4.98 -2.52 0.41
C LYS B 108 5.82 -1.33 -0.10
N HIS B 109 6.31 -0.51 0.82
CA HIS B 109 7.11 0.66 0.43
C HIS B 109 8.40 0.24 -0.24
N MET B 110 9.06 -0.78 0.30
CA MET B 110 10.32 -1.22 -0.30
C MET B 110 10.11 -1.79 -1.70
N ASP B 111 9.00 -2.47 -1.89
CA ASP B 111 8.63 -2.96 -3.23
C ASP B 111 8.38 -1.81 -4.18
N MET B 112 7.83 -0.70 -3.66
CA MET B 112 7.62 0.49 -4.48
C MET B 112 8.94 1.12 -4.90
N PHE B 113 9.92 1.15 -3.99
CA PHE B 113 11.25 1.64 -4.33
C PHE B 113 11.90 0.80 -5.44
N VAL B 114 11.74 -0.52 -5.35
CA VAL B 114 12.21 -1.41 -6.41
C VAL B 114 11.55 -1.05 -7.75
N MET B 115 10.23 -0.86 -7.74
CA MET B 115 9.49 -0.51 -8.95
C MET B 115 10.00 0.81 -9.56
N ALA B 116 10.33 1.76 -8.69
CA ALA B 116 10.81 3.07 -9.12
C ALA B 116 12.29 3.04 -9.53
N ARG B 117 12.98 1.94 -9.21
CA ARG B 117 14.44 1.81 -9.42
C ARG B 117 15.30 2.80 -8.60
N THR B 118 14.73 3.33 -7.51
CA THR B 118 15.44 4.28 -6.67
C THR B 118 16.17 3.48 -5.60
N GLY B 119 17.49 3.55 -5.59
CA GLY B 119 18.26 2.68 -4.69
C GLY B 119 18.51 3.23 -3.30
N VAL B 120 18.26 4.53 -3.11
CA VAL B 120 18.55 5.17 -1.83
C VAL B 120 17.33 5.88 -1.27
N LEU B 121 16.96 5.48 -0.06
CA LEU B 121 15.89 6.09 0.69
C LEU B 121 16.55 7.09 1.62
N ALA B 122 16.20 8.37 1.45
CA ALA B 122 16.76 9.45 2.25
C ALA B 122 15.78 9.81 3.37
N LEU B 123 16.07 9.28 4.55
CA LEU B 123 15.11 9.22 5.65
C LEU B 123 15.13 10.49 6.48
N THR B 124 13.97 11.14 6.59
CA THR B 124 13.83 12.30 7.46
C THR B 124 14.31 11.91 8.89
N TRP B 125 15.10 12.77 9.53
CA TRP B 125 15.56 12.45 10.87
C TRP B 125 15.48 13.71 11.73
N TRP B 126 14.70 13.61 12.81
CA TRP B 126 14.34 14.75 13.63
C TRP B 126 14.96 14.80 15.01
N ASN B 127 15.75 13.79 15.38
CA ASN B 127 16.38 13.73 16.69
C ASN B 127 15.33 13.80 17.78
N GLU B 128 14.35 12.89 17.67
CA GLU B 128 13.17 12.86 18.55
C GLU B 128 13.49 12.62 20.04
N GLN B 129 14.59 11.90 20.32
CA GLN B 129 15.00 11.60 21.71
C GLN B 129 13.84 11.01 22.49
N ASP B 130 13.25 9.96 21.91
CA ASP B 130 12.06 9.31 22.46
C ASP B 130 12.31 7.81 22.55
N GLU B 131 11.27 7.02 22.80
CA GLU B 131 11.48 5.59 22.98
C GLU B 131 11.03 4.75 21.78
N THR B 132 10.71 5.39 20.65
CA THR B 132 10.26 4.68 19.47
C THR B 132 11.12 4.90 18.21
N GLU B 133 11.85 6.01 18.15
CA GLU B 133 12.58 6.42 16.95
C GLU B 133 13.65 5.42 16.55
N ALA B 134 14.50 4.98 17.49
CA ALA B 134 15.62 4.11 17.17
C ALA B 134 15.13 2.75 16.63
N LYS B 135 14.09 2.21 17.26
CA LYS B 135 13.49 0.94 16.82
C LYS B 135 12.87 1.06 15.42
N ARG B 136 12.13 2.15 15.17
CA ARG B 136 11.53 2.38 13.84
C ARG B 136 12.60 2.47 12.73
N ILE B 137 13.68 3.20 12.97
CA ILE B 137 14.78 3.27 12.01
C ILE B 137 15.33 1.85 11.71
N GLY B 138 15.53 1.07 12.77
CA GLY B 138 15.93 -0.35 12.64
C GLY B 138 15.00 -1.16 11.75
N LEU B 139 13.69 -0.99 11.91
CA LEU B 139 12.73 -1.69 11.06
C LEU B 139 12.87 -1.27 9.59
N ILE B 140 13.07 0.03 9.35
CA ILE B 140 13.19 0.54 7.98
C ILE B 140 14.46 -0.03 7.31
N LEU B 141 15.59 0.03 8.01
CA LEU B 141 16.85 -0.53 7.49
C LEU B 141 16.70 -2.05 7.19
N ASP B 142 16.13 -2.80 8.12
CA ASP B 142 15.86 -4.24 7.89
C ASP B 142 15.01 -4.47 6.65
N ALA B 143 13.94 -3.70 6.51
CA ALA B 143 13.04 -3.87 5.38
C ALA B 143 13.73 -3.47 4.08
N ALA B 144 14.52 -2.41 4.12
CA ALA B 144 15.27 -1.91 2.96
C ALA B 144 16.26 -2.96 2.47
N ASP B 145 16.97 -3.56 3.41
CA ASP B 145 17.99 -4.54 3.06
C ASP B 145 17.44 -5.76 2.32
N LYS B 146 16.23 -6.18 2.67
CA LYS B 146 15.61 -7.34 2.03
C LYS B 146 15.44 -7.15 0.53
N LYS B 147 15.44 -5.89 0.06
CA LYS B 147 15.34 -5.59 -1.36
C LYS B 147 16.57 -4.87 -1.91
N LYS B 148 17.65 -4.83 -1.13
CA LYS B 148 18.90 -4.18 -1.55
C LYS B 148 18.81 -2.65 -1.68
N ILE B 149 17.82 -2.07 -1.02
CA ILE B 149 17.70 -0.62 -0.92
C ILE B 149 18.64 -0.15 0.18
N LYS B 150 19.24 1.03 -0.02
CA LYS B 150 20.11 1.64 0.98
C LYS B 150 19.40 2.81 1.64
N VAL B 151 19.89 3.20 2.82
CA VAL B 151 19.28 4.27 3.60
C VAL B 151 20.34 5.31 3.98
N CYS B 152 20.06 6.58 3.72
CA CYS B 152 20.88 7.64 4.28
C CYS B 152 19.97 8.59 5.05
N PHE B 153 20.55 9.46 5.87
CA PHE B 153 19.76 10.36 6.71
C PHE B 153 19.63 11.77 6.15
N HIS B 154 18.39 12.29 6.23
CA HIS B 154 18.07 13.69 5.89
C HIS B 154 17.96 14.45 7.22
N LEU B 155 19.01 15.20 7.57
CA LEU B 155 19.13 15.81 8.91
C LEU B 155 18.29 17.08 8.96
N GLU B 156 17.20 17.01 9.71
CA GLU B 156 16.19 18.05 9.72
C GLU B 156 16.54 19.15 10.74
N PRO B 157 15.90 20.35 10.61
CA PRO B 157 16.17 21.40 11.61
C PRO B 157 15.40 21.20 12.91
N TYR B 158 15.81 20.22 13.72
CA TYR B 158 15.22 20.07 15.06
C TYR B 158 15.52 21.36 15.83
N PRO B 159 14.60 21.78 16.71
CA PRO B 159 14.70 23.14 17.30
C PRO B 159 16.09 23.52 17.90
N SER B 160 16.73 22.61 18.60
CA SER B 160 17.99 22.88 19.30
C SER B 160 19.24 22.71 18.45
N ARG B 161 19.07 22.35 17.19
CA ARG B 161 20.21 22.01 16.32
C ARG B 161 21.27 23.10 16.29
N ASN B 162 22.51 22.71 16.55
CA ASN B 162 23.67 23.56 16.31
C ASN B 162 24.80 22.60 15.90
N VAL B 163 26.00 23.11 15.57
CA VAL B 163 27.05 22.22 15.05
C VAL B 163 27.56 21.25 16.10
N GLN B 164 27.55 21.68 17.37
CA GLN B 164 27.98 20.81 18.47
C GLN B 164 27.12 19.57 18.63
N ASN B 165 25.81 19.76 18.80
CA ASN B 165 24.95 18.59 18.94
C ASN B 165 24.76 17.86 17.62
N LEU B 166 24.88 18.56 16.49
CA LEU B 166 24.85 17.86 15.19
C LEU B 166 26.02 16.87 15.04
N ARG B 167 27.22 17.31 15.40
CA ARG B 167 28.37 16.39 15.44
C ARG B 167 28.07 15.17 16.31
N GLU B 168 27.55 15.42 17.51
CA GLU B 168 27.21 14.33 18.42
C GLU B 168 26.24 13.34 17.78
N ASN B 169 25.29 13.88 17.03
CA ASN B 169 24.28 13.03 16.41
C ASN B 169 24.80 12.30 15.18
N ILE B 170 25.71 12.94 14.45
CA ILE B 170 26.37 12.25 13.35
C ILE B 170 27.15 11.07 13.92
N VAL B 171 27.87 11.29 15.02
CA VAL B 171 28.61 10.22 15.66
C VAL B 171 27.70 9.09 16.11
N LYS B 172 26.57 9.42 16.76
CA LYS B 172 25.64 8.38 17.22
C LYS B 172 25.04 7.60 16.07
N LEU B 173 24.67 8.29 15.00
CA LEU B 173 24.04 7.63 13.86
C LEU B 173 24.99 6.66 13.16
N ILE B 174 26.23 7.10 12.91
CA ILE B 174 27.23 6.21 12.31
C ILE B 174 27.52 5.03 13.26
N THR B 175 27.58 5.32 14.56
CA THR B 175 27.84 4.28 15.57
C THR B 175 26.74 3.23 15.59
N ARG B 176 25.49 3.69 15.65
CA ARG B 176 24.35 2.81 15.79
CA ARG B 176 24.34 2.80 15.79
C ARG B 176 24.01 2.09 14.47
N TYR B 177 24.17 2.77 13.34
CA TYR B 177 23.68 2.21 12.06
C TYR B 177 24.74 1.91 11.00
N GLY B 178 25.95 2.44 11.19
CA GLY B 178 27.03 2.31 10.19
C GLY B 178 27.41 0.89 9.78
N ASN B 179 27.07 -0.10 10.60
CA ASN B 179 27.39 -1.48 10.24
C ASN B 179 26.22 -2.28 9.74
N HIS B 180 25.04 -1.66 9.66
CA HIS B 180 23.90 -2.32 9.00
C HIS B 180 24.16 -2.44 7.50
N PRO B 181 23.85 -3.61 6.90
CA PRO B 181 24.11 -3.79 5.47
C PRO B 181 23.33 -2.82 4.55
N ALA B 182 22.23 -2.23 5.03
CA ALA B 182 21.49 -1.22 4.25
C ALA B 182 22.00 0.21 4.42
N PHE B 183 22.94 0.43 5.34
CA PHE B 183 23.44 1.79 5.58
C PHE B 183 24.22 2.31 4.36
N TYR B 184 23.81 3.47 3.84
CA TYR B 184 24.35 3.97 2.57
C TYR B 184 25.79 4.43 2.70
N ARG B 185 26.63 3.97 1.76
CA ARG B 185 27.97 4.52 1.60
C ARG B 185 28.31 4.85 0.13
N LYS B 186 28.92 6.01 -0.09
CA LYS B 186 29.45 6.37 -1.43
C LYS B 186 30.96 6.27 -1.35
N ASP B 187 31.54 5.30 -2.06
CA ASP B 187 32.99 5.11 -2.04
C ASP B 187 33.48 5.04 -0.59
N GLY B 188 32.75 4.28 0.23
CA GLY B 188 33.09 4.10 1.64
C GLY B 188 32.65 5.21 2.59
N LYS B 189 32.09 6.29 2.06
CA LYS B 189 31.69 7.39 2.94
C LYS B 189 30.18 7.47 3.15
N PRO B 190 29.74 7.64 4.41
CA PRO B 190 28.33 7.93 4.69
C PRO B 190 27.98 9.25 4.01
N LEU B 191 26.69 9.47 3.74
CA LEU B 191 26.21 10.75 3.17
C LEU B 191 25.01 11.27 3.96
N PHE B 192 25.02 12.57 4.27
CA PHE B 192 23.89 13.24 4.92
C PHE B 192 23.41 14.44 4.10
N PHE B 193 22.10 14.58 3.96
CA PHE B 193 21.51 15.79 3.45
C PHE B 193 21.17 16.66 4.66
N ILE B 194 21.48 17.95 4.60
CA ILE B 194 21.19 18.85 5.71
C ILE B 194 20.16 19.87 5.31
N TYR B 195 18.93 19.68 5.80
CA TYR B 195 17.85 20.59 5.45
C TYR B 195 18.00 21.91 6.20
N ASP B 196 17.67 23.01 5.52
CA ASP B 196 17.79 24.37 6.06
C ASP B 196 19.14 24.65 6.75
N SER B 197 20.20 24.20 6.08
CA SER B 197 21.57 24.38 6.55
C SER B 197 21.90 25.87 6.77
N TYR B 198 21.18 26.75 6.09
CA TYR B 198 21.38 28.21 6.21
C TYR B 198 21.11 28.78 7.62
N LEU B 199 20.38 28.03 8.45
CA LEU B 199 20.08 28.43 9.83
C LEU B 199 21.34 28.40 10.68
N ILE B 200 22.38 27.74 10.18
CA ILE B 200 23.64 27.67 10.89
C ILE B 200 24.67 28.46 10.06
N GLU B 201 25.33 29.41 10.72
CA GLU B 201 26.29 30.30 10.03
C GLU B 201 27.49 29.54 9.45
N PRO B 202 28.03 30.01 8.31
CA PRO B 202 29.23 29.38 7.72
C PRO B 202 30.40 29.26 8.69
N SER B 203 30.59 30.27 9.55
CA SER B 203 31.68 30.25 10.52
C SER B 203 31.49 29.14 11.56
N GLU B 204 30.22 28.78 11.81
CA GLU B 204 29.96 27.61 12.64
C GLU B 204 30.20 26.30 11.89
N TRP B 205 29.73 26.21 10.64
CA TRP B 205 29.95 25.00 9.82
C TRP B 205 31.44 24.69 9.66
N GLU B 206 32.21 25.74 9.43
CA GLU B 206 33.68 25.67 9.29
C GLU B 206 34.31 24.85 10.42
N LYS B 207 33.82 25.03 11.65
CA LYS B 207 34.36 24.28 12.82
C LYS B 207 34.22 22.77 12.67
N LEU B 208 33.12 22.37 12.02
CA LEU B 208 32.78 20.97 11.86
C LEU B 208 33.32 20.40 10.55
N LEU B 209 33.35 21.21 9.49
CA LEU B 209 33.56 20.65 8.14
C LEU B 209 34.90 21.00 7.48
N SER B 210 35.61 21.99 8.02
CA SER B 210 36.95 22.30 7.53
C SER B 210 37.93 21.28 8.08
N PRO B 211 38.94 20.86 7.27
CA PRO B 211 39.94 19.93 7.82
C PRO B 211 40.65 20.50 9.05
N GLY B 212 40.72 21.83 9.16
CA GLY B 212 41.32 22.46 10.33
C GLY B 212 40.36 23.00 11.37
N GLY B 213 39.09 22.54 11.34
CA GLY B 213 38.06 23.05 12.26
C GLY B 213 38.17 22.52 13.68
N SER B 214 37.88 23.38 14.66
CA SER B 214 38.02 23.00 16.08
C SER B 214 37.30 21.72 16.51
N ILE B 215 36.20 21.37 15.85
CA ILE B 215 35.51 20.10 16.13
C ILE B 215 35.33 19.28 14.85
N THR B 216 36.36 19.25 14.02
CA THR B 216 36.20 18.69 12.69
C THR B 216 35.84 17.20 12.70
N ILE B 217 35.08 16.76 11.71
CA ILE B 217 34.89 15.34 11.47
C ILE B 217 35.81 14.85 10.35
N ARG B 218 36.47 15.80 9.69
CA ARG B 218 37.31 15.47 8.54
C ARG B 218 38.49 14.62 8.99
N ASN B 219 38.75 13.56 8.24
CA ASN B 219 39.83 12.59 8.51
C ASN B 219 39.66 11.82 9.81
N THR B 220 38.42 11.76 10.33
CA THR B 220 38.08 10.94 11.49
C THR B 220 37.24 9.76 11.04
N ALA B 221 36.99 8.84 11.97
CA ALA B 221 36.05 7.75 11.79
C ALA B 221 34.63 8.21 11.44
N TYR B 222 34.36 9.49 11.65
CA TYR B 222 32.99 10.04 11.50
C TYR B 222 32.82 10.96 10.29
N ASP B 223 33.81 10.93 9.41
CA ASP B 223 33.75 11.73 8.20
C ASP B 223 32.57 11.29 7.35
N ALA B 224 32.04 12.22 6.57
CA ALA B 224 30.88 11.93 5.72
C ALA B 224 30.78 12.96 4.62
N LEU B 225 30.03 12.62 3.57
CA LEU B 225 29.70 13.61 2.56
C LEU B 225 28.55 14.42 3.12
N MET B 226 28.75 15.71 3.26
CA MET B 226 27.74 16.58 3.82
C MET B 226 27.20 17.42 2.68
N ILE B 227 25.91 17.26 2.40
CA ILE B 227 25.23 17.91 1.29
C ILE B 227 24.30 19.01 1.85
N GLY B 228 24.68 20.27 1.67
CA GLY B 228 23.90 21.39 2.19
C GLY B 228 22.78 21.81 1.24
N LEU B 229 21.82 22.56 1.79
CA LEU B 229 20.71 23.03 0.97
C LEU B 229 21.06 24.35 0.26
N TRP B 230 21.15 24.30 -1.07
CA TRP B 230 21.28 25.50 -1.88
C TRP B 230 19.90 26.08 -2.07
N THR B 231 19.69 27.28 -1.52
CA THR B 231 18.39 27.97 -1.62
C THR B 231 18.43 29.13 -2.64
N SER B 232 19.05 30.25 -2.26
CA SER B 232 18.87 31.50 -2.99
C SER B 232 19.93 31.75 -4.07
N SER B 233 20.14 33.04 -4.39
CA SER B 233 21.09 33.45 -5.41
C SER B 233 22.48 32.88 -5.23
N PRO B 234 23.17 32.61 -6.35
CA PRO B 234 24.58 32.22 -6.33
C PRO B 234 25.46 33.26 -5.60
N THR B 235 25.09 34.54 -5.65
CA THR B 235 25.89 35.57 -4.91
C THR B 235 25.91 35.28 -3.41
N VAL B 236 24.87 34.58 -2.95
CA VAL B 236 24.77 34.16 -1.54
C VAL B 236 25.25 32.70 -1.34
N GLN B 237 24.81 31.79 -2.20
CA GLN B 237 25.05 30.36 -1.97
C GLN B 237 26.48 29.93 -2.25
N ARG B 238 27.09 30.47 -3.30
CA ARG B 238 28.50 30.13 -3.58
C ARG B 238 29.41 30.39 -2.39
N PRO B 239 29.42 31.63 -1.85
CA PRO B 239 30.31 31.77 -0.69
C PRO B 239 29.87 30.93 0.52
N PHE B 240 28.55 30.76 0.69
CA PHE B 240 28.06 29.92 1.78
C PHE B 240 28.68 28.51 1.74
N ILE B 241 28.50 27.81 0.62
CA ILE B 241 28.96 26.43 0.43
C ILE B 241 30.46 26.31 0.57
N LEU B 242 31.20 27.23 -0.04
CA LEU B 242 32.66 27.25 0.07
C LEU B 242 33.15 27.47 1.52
N ASN B 243 32.64 28.52 2.16
CA ASN B 243 33.07 28.85 3.52
C ASN B 243 32.59 27.84 4.56
N ALA B 244 31.46 27.20 4.29
CA ALA B 244 30.93 26.17 5.21
C ALA B 244 31.61 24.82 5.02
N HIS B 245 32.28 24.61 3.89
CA HIS B 245 32.98 23.36 3.56
C HIS B 245 32.07 22.14 3.38
N PHE B 246 30.87 22.35 2.84
CA PHE B 246 30.02 21.23 2.41
C PHE B 246 30.69 20.54 1.24
N ASP B 247 30.45 19.23 1.12
CA ASP B 247 30.99 18.44 0.02
C ASP B 247 30.11 18.59 -1.20
N GLY B 248 28.91 19.13 -0.98
CA GLY B 248 27.93 19.25 -2.05
C GLY B 248 26.69 19.98 -1.63
N PHE B 249 25.72 20.02 -2.54
CA PHE B 249 24.48 20.71 -2.30
C PHE B 249 23.33 20.07 -3.09
N TYR B 250 22.11 20.28 -2.58
CA TYR B 250 20.88 19.82 -3.19
C TYR B 250 19.89 20.97 -3.11
N THR B 251 18.75 20.86 -3.77
CA THR B 251 17.84 22.00 -3.90
C THR B 251 16.47 21.78 -3.22
N TYR B 252 16.15 20.53 -2.93
CA TYR B 252 14.88 20.07 -2.28
C TYR B 252 13.53 20.40 -2.96
N PHE B 253 13.21 21.68 -3.10
CA PHE B 253 11.85 22.09 -3.42
C PHE B 253 11.34 21.54 -4.72
N ALA B 254 10.14 20.97 -4.68
CA ALA B 254 9.56 20.32 -5.83
C ALA B 254 8.89 21.34 -6.77
N ALA B 255 8.61 22.54 -6.26
CA ALA B 255 7.94 23.62 -7.02
C ALA B 255 8.94 24.46 -7.80
N THR B 256 8.89 24.38 -9.13
CA THR B 256 9.78 25.15 -9.97
C THR B 256 9.61 26.64 -9.68
N GLY B 257 10.73 27.34 -9.54
CA GLY B 257 10.70 28.76 -9.39
C GLY B 257 10.58 29.22 -7.96
N PHE B 258 10.30 28.31 -7.02
CA PHE B 258 10.14 28.71 -5.63
C PHE B 258 11.41 29.35 -5.06
N THR B 259 12.57 28.77 -5.38
CA THR B 259 13.84 29.40 -5.07
C THR B 259 14.66 29.41 -6.35
N TYR B 260 15.81 30.09 -6.28
CA TYR B 260 16.77 30.07 -7.36
C TYR B 260 17.19 28.62 -7.62
N GLY B 261 17.47 27.89 -6.53
CA GLY B 261 17.95 26.51 -6.61
C GLY B 261 16.93 25.57 -7.25
N SER B 262 15.65 25.84 -7.03
CA SER B 262 14.58 25.00 -7.59
C SER B 262 14.03 25.53 -8.90
N THR B 263 14.81 26.38 -9.57
CA THR B 263 14.49 26.87 -10.90
C THR B 263 15.39 26.08 -11.88
N PRO B 264 14.83 25.07 -12.58
CA PRO B 264 15.68 24.10 -13.30
C PRO B 264 16.52 24.69 -14.45
N THR B 265 16.10 25.83 -14.98
CA THR B 265 16.95 26.54 -15.95
C THR B 265 18.30 27.00 -15.38
N ASN B 266 18.43 27.06 -14.05
CA ASN B 266 19.71 27.41 -13.44
C ASN B 266 20.64 26.23 -13.23
N TRP B 267 20.16 25.01 -13.49
CA TRP B 267 20.93 23.81 -13.12
C TRP B 267 22.19 23.60 -13.93
N VAL B 268 22.17 23.90 -15.24
CA VAL B 268 23.45 23.68 -15.95
C VAL B 268 24.55 24.59 -15.37
N SER B 269 24.22 25.85 -15.07
CA SER B 269 25.24 26.74 -14.48
C SER B 269 25.63 26.38 -13.04
N MET B 270 24.69 25.84 -12.25
CA MET B 270 25.03 25.35 -10.91
CA MET B 270 25.03 25.35 -10.91
C MET B 270 25.95 24.14 -11.00
N GLN B 271 25.71 23.25 -11.96
CA GLN B 271 26.61 22.11 -12.18
C GLN B 271 28.03 22.55 -12.59
N LYS B 272 28.11 23.53 -13.48
CA LYS B 272 29.38 24.09 -13.93
C LYS B 272 30.18 24.62 -12.73
N TRP B 273 29.54 25.42 -11.88
CA TRP B 273 30.18 25.91 -10.67
C TRP B 273 30.60 24.75 -9.74
N ALA B 274 29.70 23.78 -9.54
CA ALA B 274 29.99 22.62 -8.69
C ALA B 274 31.27 21.89 -9.15
N LYS B 275 31.36 21.62 -10.44
CA LYS B 275 32.52 20.90 -10.98
C LYS B 275 33.80 21.71 -10.88
N GLU B 276 33.72 23.01 -11.12
CA GLU B 276 34.89 23.88 -10.96
C GLU B 276 35.38 23.92 -9.53
N ASN B 277 34.48 23.69 -8.57
CA ASN B 277 34.87 23.81 -7.16
C ASN B 277 34.97 22.51 -6.38
N GLY B 278 34.94 21.38 -7.09
CA GLY B 278 35.01 20.06 -6.45
C GLY B 278 33.81 19.74 -5.56
N LYS B 279 32.62 20.26 -5.89
CA LYS B 279 31.41 19.98 -5.08
C LYS B 279 30.45 19.05 -5.82
N ILE B 280 29.70 18.26 -5.06
CA ILE B 280 28.70 17.33 -5.63
C ILE B 280 27.35 18.03 -5.67
N PHE B 281 26.76 18.15 -6.86
CA PHE B 281 25.45 18.79 -7.04
C PHE B 281 24.41 17.68 -7.21
N ILE B 282 23.40 17.66 -6.33
CA ILE B 282 22.31 16.68 -6.39
C ILE B 282 21.01 17.44 -6.50
N PRO B 283 20.62 17.86 -7.73
CA PRO B 283 19.39 18.61 -7.90
C PRO B 283 18.18 17.74 -7.49
N SER B 284 17.15 18.38 -6.94
CA SER B 284 15.92 17.68 -6.58
C SER B 284 14.80 17.85 -7.59
N VAL B 285 14.20 16.74 -7.99
CA VAL B 285 13.12 16.72 -8.97
CA VAL B 285 13.11 16.76 -8.96
C VAL B 285 11.85 16.23 -8.29
N GLY B 286 10.70 16.74 -8.71
CA GLY B 286 9.43 16.34 -8.10
C GLY B 286 8.29 16.33 -9.11
N PRO B 287 7.22 15.61 -8.82
CA PRO B 287 6.12 15.47 -9.79
C PRO B 287 5.08 16.59 -9.75
N GLY B 288 5.23 17.51 -8.80
CA GLY B 288 4.25 18.58 -8.58
C GLY B 288 4.32 19.08 -7.16
N TYR B 289 3.45 20.05 -6.83
CA TYR B 289 3.42 20.62 -5.49
C TYR B 289 2.05 21.18 -5.21
N ILE B 290 1.49 20.84 -4.04
CA ILE B 290 0.30 21.52 -3.51
C ILE B 290 0.17 21.22 -2.01
N ASP B 291 0.17 22.28 -1.20
CA ASP B 291 0.07 22.12 0.25
C ASP B 291 -1.12 22.87 0.83
N THR B 292 -2.15 23.12 0.03
CA THR B 292 -3.15 24.10 0.45
C THR B 292 -4.09 23.59 1.51
N ARG B 293 -4.07 22.29 1.77
CA ARG B 293 -4.89 21.81 2.84
C ARG B 293 -4.34 22.24 4.20
N ILE B 294 -3.03 22.15 4.38
CA ILE B 294 -2.41 22.61 5.61
C ILE B 294 -1.94 24.08 5.53
N ARG B 295 -1.79 24.61 4.31
CA ARG B 295 -1.41 26.03 4.10
C ARG B 295 -2.36 26.69 3.08
N PRO B 296 -3.61 26.99 3.50
CA PRO B 296 -4.65 27.45 2.57
C PRO B 296 -4.29 28.75 1.83
N TRP B 297 -3.38 29.53 2.40
CA TRP B 297 -2.91 30.79 1.83
C TRP B 297 -1.75 30.61 0.82
N ASN B 298 -1.33 29.36 0.58
CA ASN B 298 -0.11 29.14 -0.21
C ASN B 298 -0.38 28.70 -1.68
N GLY B 299 -1.48 29.17 -2.24
CA GLY B 299 -1.89 28.79 -3.60
C GLY B 299 -0.90 29.17 -4.71
N SER B 300 -0.09 30.21 -4.49
CA SER B 300 0.84 30.64 -5.54
C SER B 300 1.98 29.64 -5.81
N VAL B 301 2.21 28.70 -4.90
CA VAL B 301 3.24 27.69 -5.15
CA VAL B 301 3.24 27.67 -5.07
C VAL B 301 2.69 26.38 -5.71
N ILE B 302 1.39 26.32 -5.96
CA ILE B 302 0.82 25.15 -6.60
C ILE B 302 1.48 24.93 -7.96
N ARG B 303 1.86 23.69 -8.24
CA ARG B 303 2.31 23.28 -9.57
C ARG B 303 1.55 22.01 -9.90
N THR B 304 0.64 22.11 -10.88
CA THR B 304 -0.19 20.96 -11.29
C THR B 304 0.65 19.87 -11.96
N ARG B 305 0.22 18.62 -11.83
CA ARG B 305 1.01 17.49 -12.34
C ARG B 305 0.89 17.33 -13.85
N THR B 306 -0.26 17.76 -14.37
CA THR B 306 -0.61 17.70 -15.81
C THR B 306 -0.31 16.34 -16.44
N ASP B 307 -0.83 15.30 -15.78
CA ASP B 307 -0.74 13.90 -16.24
C ASP B 307 0.71 13.41 -16.34
N GLY B 308 1.62 14.04 -15.60
CA GLY B 308 3.00 13.58 -15.58
C GLY B 308 3.93 14.50 -16.34
N GLN B 309 3.36 15.43 -17.11
CA GLN B 309 4.14 16.34 -17.94
C GLN B 309 5.10 17.21 -17.11
N TYR B 310 4.64 17.67 -15.94
CA TYR B 310 5.51 18.46 -15.06
C TYR B 310 6.75 17.66 -14.60
N TYR B 311 6.51 16.44 -14.14
CA TYR B 311 7.59 15.57 -13.65
C TYR B 311 8.61 15.33 -14.77
N ASP B 312 8.09 15.01 -15.96
CA ASP B 312 8.93 14.73 -17.13
C ASP B 312 9.85 15.91 -17.45
N ALA B 313 9.32 17.13 -17.39
CA ALA B 313 10.09 18.31 -17.75
C ALA B 313 11.18 18.57 -16.70
N MET B 314 10.87 18.34 -15.43
CA MET B 314 11.85 18.61 -14.38
C MET B 314 12.97 17.55 -14.40
N TYR B 315 12.61 16.28 -14.57
CA TYR B 315 13.59 15.20 -14.54
C TYR B 315 14.51 15.35 -15.77
N ARG B 316 13.93 15.70 -16.91
CA ARG B 316 14.74 15.93 -18.14
C ARG B 316 15.81 17.01 -17.90
N LYS B 317 15.43 18.10 -17.23
CA LYS B 317 16.36 19.17 -16.95
C LYS B 317 17.48 18.71 -16.03
N ALA B 318 17.17 17.85 -15.06
CA ALA B 318 18.23 17.37 -14.18
C ALA B 318 19.23 16.53 -14.99
N ILE B 319 18.72 15.66 -15.83
CA ILE B 319 19.55 14.81 -16.66
C ILE B 319 20.40 15.67 -17.63
N GLU B 320 19.76 16.63 -18.29
CA GLU B 320 20.46 17.51 -19.22
C GLU B 320 21.56 18.35 -18.57
N ALA B 321 21.43 18.62 -17.26
CA ALA B 321 22.45 19.43 -16.58
C ALA B 321 23.76 18.65 -16.40
N GLY B 322 23.74 17.34 -16.65
CA GLY B 322 24.95 16.51 -16.57
C GLY B 322 25.43 16.25 -15.15
N VAL B 323 24.49 16.05 -14.22
CA VAL B 323 24.83 15.77 -12.82
C VAL B 323 25.14 14.29 -12.59
N SER B 324 25.81 14.00 -11.47
CA SER B 324 26.21 12.62 -11.16
C SER B 324 25.27 11.95 -10.13
N ALA B 325 24.26 12.69 -9.69
CA ALA B 325 23.30 12.19 -8.70
C ALA B 325 22.04 13.04 -8.77
N ILE B 326 20.88 12.41 -8.51
CA ILE B 326 19.61 13.12 -8.51
C ILE B 326 18.83 12.81 -7.23
N SER B 327 18.17 13.80 -6.64
CA SER B 327 17.25 13.50 -5.54
C SER B 327 15.79 13.71 -5.96
N ILE B 328 14.89 12.94 -5.36
CA ILE B 328 13.49 13.01 -5.72
C ILE B 328 12.67 13.49 -4.50
N THR B 329 11.98 14.60 -4.68
CA THR B 329 11.06 15.15 -3.69
C THR B 329 9.63 14.93 -4.17
N SER B 330 8.95 13.88 -3.68
CA SER B 330 9.41 13.04 -2.56
C SER B 330 8.81 11.66 -2.75
N PHE B 331 9.21 10.69 -1.93
CA PHE B 331 8.43 9.44 -1.91
C PHE B 331 7.05 9.71 -1.35
N ASN B 332 6.99 10.28 -0.14
CA ASN B 332 5.73 10.33 0.62
C ASN B 332 5.58 11.56 1.52
N GLU B 333 5.99 12.74 1.05
CA GLU B 333 5.58 13.99 1.73
C GLU B 333 4.19 14.34 1.21
N TRP B 334 3.19 13.72 1.84
CA TRP B 334 1.77 13.87 1.46
C TRP B 334 1.21 15.27 1.72
N HIS B 335 1.74 15.95 2.73
CA HIS B 335 1.26 17.28 3.07
C HIS B 335 1.55 18.29 1.96
N GLU B 336 2.67 18.11 1.27
CA GLU B 336 3.08 19.07 0.25
CA GLU B 336 3.08 19.08 0.25
C GLU B 336 2.77 18.63 -1.19
N GLY B 337 2.13 17.46 -1.32
CA GLY B 337 1.65 17.00 -2.62
C GLY B 337 2.74 16.72 -3.63
N SER B 338 3.92 16.36 -3.14
CA SER B 338 5.06 16.06 -3.99
C SER B 338 5.35 14.57 -4.09
N GLN B 339 4.47 13.75 -3.51
CA GLN B 339 4.72 12.31 -3.34
C GLN B 339 4.65 11.57 -4.68
N ILE B 340 5.51 10.56 -4.88
CA ILE B 340 5.34 9.62 -6.00
C ILE B 340 4.65 8.33 -5.54
N GLU B 341 4.56 8.13 -4.22
CA GLU B 341 3.79 6.99 -3.67
C GLU B 341 2.36 6.94 -4.27
N PRO B 342 1.83 5.75 -4.57
CA PRO B 342 0.47 5.69 -5.15
C PRO B 342 -0.66 6.37 -4.38
N ALA B 343 -1.48 7.09 -5.14
CA ALA B 343 -2.63 7.80 -4.64
C ALA B 343 -3.89 7.31 -5.38
N VAL B 344 -5.06 7.44 -4.75
CA VAL B 344 -6.30 6.94 -5.34
C VAL B 344 -7.34 8.06 -5.39
N PRO B 345 -8.26 8.00 -6.38
CA PRO B 345 -9.36 8.96 -6.34
C PRO B 345 -10.21 8.72 -5.09
N TYR B 346 -10.71 9.82 -4.50
CA TYR B 346 -11.52 9.77 -3.30
C TYR B 346 -12.19 11.13 -3.11
N THR B 347 -13.47 11.10 -2.70
CA THR B 347 -14.26 12.30 -2.38
C THR B 347 -15.00 11.99 -1.08
N SER B 348 -14.99 12.94 -0.16
CA SER B 348 -15.78 12.79 1.06
C SER B 348 -16.67 14.02 1.22
N SER B 349 -17.53 14.01 2.23
CA SER B 349 -18.32 15.22 2.55
C SER B 349 -17.41 16.40 2.91
N GLU B 350 -16.16 16.10 3.28
CA GLU B 350 -15.22 17.13 3.73
C GLU B 350 -14.38 17.72 2.60
N PHE B 351 -14.04 16.91 1.60
CA PHE B 351 -13.05 17.34 0.60
C PHE B 351 -13.12 16.45 -0.64
N THR B 352 -12.96 17.07 -1.82
CA THR B 352 -12.67 16.34 -3.04
C THR B 352 -11.15 16.32 -3.25
N TYR B 353 -10.56 15.13 -3.12
CA TYR B 353 -9.11 15.00 -3.21
C TYR B 353 -8.67 14.98 -4.65
N LEU B 354 -7.50 15.55 -4.90
CA LEU B 354 -6.82 15.40 -6.19
C LEU B 354 -6.40 13.95 -6.34
N ASP B 355 -6.09 13.56 -7.56
CA ASP B 355 -5.64 12.20 -7.82
C ASP B 355 -4.75 12.22 -9.06
N TYR B 356 -4.36 11.05 -9.55
CA TYR B 356 -3.40 11.04 -10.65
C TYR B 356 -4.08 11.10 -12.04
N GLU B 357 -5.34 11.53 -12.07
CA GLU B 357 -6.01 11.97 -13.31
C GLU B 357 -6.09 10.80 -14.29
N ASN B 358 -5.52 10.95 -15.49
CA ASN B 358 -5.57 9.88 -16.53
C ASN B 358 -4.44 8.86 -16.41
N ARG B 359 -3.99 8.62 -15.18
CA ARG B 359 -2.90 7.69 -14.88
C ARG B 359 -3.33 6.76 -13.74
N GLU B 360 -2.78 5.55 -13.73
CA GLU B 360 -2.97 4.61 -12.63
C GLU B 360 -2.28 5.11 -11.35
N PRO B 361 -2.73 4.63 -10.18
CA PRO B 361 -2.07 4.97 -8.90
C PRO B 361 -0.55 4.78 -8.89
N ASP B 362 -0.03 3.74 -9.54
CA ASP B 362 1.42 3.50 -9.53
C ASP B 362 2.21 4.21 -10.63
N TYR B 363 1.56 5.14 -11.34
CA TYR B 363 2.22 5.73 -12.53
C TYR B 363 3.50 6.49 -12.19
N TYR B 364 3.52 7.21 -11.07
CA TYR B 364 4.72 7.98 -10.73
C TYR B 364 5.91 7.09 -10.35
N LEU B 365 5.62 5.89 -9.83
CA LEU B 365 6.68 4.89 -9.60
C LEU B 365 7.28 4.42 -10.93
N THR B 366 6.43 3.94 -11.85
CA THR B 366 6.91 3.41 -13.14
C THR B 366 7.57 4.54 -13.96
N ARG B 367 7.04 5.76 -13.85
CA ARG B 367 7.61 6.89 -14.57
C ARG B 367 8.94 7.32 -13.97
N THR B 368 9.10 7.18 -12.64
CA THR B 368 10.42 7.35 -12.02
C THR B 368 11.42 6.34 -12.60
N ALA B 369 10.98 5.08 -12.75
CA ALA B 369 11.87 4.03 -13.29
C ALA B 369 12.32 4.37 -14.72
N TYR B 370 11.39 4.90 -15.50
CA TYR B 370 11.71 5.37 -16.86
C TYR B 370 12.85 6.40 -16.81
N TRP B 371 12.71 7.44 -15.99
CA TRP B 371 13.73 8.48 -15.89
C TRP B 371 15.06 8.02 -15.25
N VAL B 372 14.97 7.13 -14.26
CA VAL B 372 16.20 6.49 -13.74
C VAL B 372 16.97 5.81 -14.87
N GLY B 373 16.26 5.09 -15.76
CA GLY B 373 16.89 4.48 -16.95
C GLY B 373 17.60 5.50 -17.85
N LYS B 374 16.93 6.60 -18.16
CA LYS B 374 17.53 7.64 -18.99
C LYS B 374 18.73 8.28 -18.32
N PHE B 375 18.63 8.49 -17.01
CA PHE B 375 19.74 9.07 -16.24
C PHE B 375 20.94 8.14 -16.28
N ARG B 376 20.69 6.85 -16.09
CA ARG B 376 21.78 5.87 -16.10
C ARG B 376 22.51 5.83 -17.45
N GLU B 377 21.76 6.01 -18.54
CA GLU B 377 22.36 5.98 -19.89
C GLU B 377 23.39 7.06 -20.12
N SER B 378 23.22 8.21 -19.50
CA SER B 378 24.20 9.28 -19.70
C SER B 378 24.96 9.72 -18.45
N LYS B 379 24.80 8.98 -17.36
CA LYS B 379 25.41 9.30 -16.06
C LYS B 379 26.94 9.41 -16.17
N GLN B 380 27.51 10.53 -15.75
CA GLN B 380 28.96 10.67 -15.83
C GLN B 380 29.58 10.74 -14.43
N GLU C 36 -7.82 -8.97 -20.90
CA GLU C 36 -8.97 -9.57 -21.64
C GLU C 36 -9.47 -8.69 -22.78
N LEU C 37 -9.72 -9.31 -23.92
CA LEU C 37 -9.97 -8.59 -25.16
C LEU C 37 -11.36 -7.96 -25.21
N ASP C 38 -11.45 -6.78 -25.83
CA ASP C 38 -12.76 -6.20 -26.08
C ASP C 38 -13.20 -6.42 -27.53
N TYR C 39 -14.31 -7.11 -27.71
CA TYR C 39 -14.77 -7.47 -29.05
C TYR C 39 -15.69 -6.41 -29.69
N ASP C 40 -15.79 -5.24 -29.07
CA ASP C 40 -16.45 -4.09 -29.69
C ASP C 40 -15.42 -3.01 -30.00
N THR C 41 -14.14 -3.39 -29.98
CA THR C 41 -13.04 -2.52 -30.35
C THR C 41 -12.38 -3.07 -31.62
N PHE C 42 -12.41 -2.28 -32.70
CA PHE C 42 -11.93 -2.71 -34.01
C PHE C 42 -10.68 -1.93 -34.37
N CYS C 43 -9.61 -2.61 -34.75
CA CYS C 43 -8.38 -1.92 -35.08
C CYS C 43 -8.02 -2.18 -36.56
N PHE C 44 -7.86 -1.11 -37.34
CA PHE C 44 -7.57 -1.20 -38.77
C PHE C 44 -6.15 -1.66 -39.05
N TYR C 45 -6.08 -2.74 -39.80
CA TYR C 45 -4.87 -3.48 -39.97
C TYR C 45 -4.60 -3.64 -41.47
N TYR C 46 -3.33 -3.49 -41.84
CA TYR C 46 -2.90 -3.47 -43.23
C TYR C 46 -1.92 -4.62 -43.46
N ASP C 47 -2.18 -5.39 -44.51
CA ASP C 47 -1.42 -6.63 -44.79
C ASP C 47 -0.64 -6.51 -46.09
N TRP C 48 -0.28 -5.28 -46.44
CA TRP C 48 0.30 -5.02 -47.73
C TRP C 48 1.83 -4.82 -47.74
N TYR C 49 2.50 -5.08 -46.62
CA TYR C 49 3.94 -4.83 -46.54
C TYR C 49 4.73 -6.02 -47.05
N GLY C 50 5.82 -5.78 -47.77
CA GLY C 50 6.66 -6.89 -48.26
C GLY C 50 8.12 -6.70 -47.86
N SER C 51 8.86 -7.81 -47.80
CA SER C 51 10.31 -7.73 -47.66
C SER C 51 10.97 -8.40 -48.89
N GLU C 52 12.17 -7.96 -49.24
CA GLU C 52 12.98 -8.71 -50.20
C GLU C 52 13.25 -10.15 -49.77
N ALA C 53 13.37 -10.38 -48.46
CA ALA C 53 13.67 -11.72 -47.95
C ALA C 53 12.60 -12.74 -48.26
N ILE C 54 11.33 -12.30 -48.26
CA ILE C 54 10.19 -13.19 -48.45
C ILE C 54 9.44 -12.93 -49.75
N ASP C 55 9.03 -11.69 -49.97
CA ASP C 55 8.20 -11.33 -51.10
C ASP C 55 9.01 -11.06 -52.37
N GLY C 56 10.27 -10.67 -52.22
CA GLY C 56 11.10 -10.36 -53.39
C GLY C 56 11.20 -8.88 -53.59
N GLN C 57 10.38 -8.11 -52.87
CA GLN C 57 10.51 -6.66 -52.91
C GLN C 57 9.94 -5.99 -51.66
N TYR C 58 10.43 -4.78 -51.39
CA TYR C 58 9.99 -4.03 -50.18
C TYR C 58 8.64 -3.35 -50.45
N ARG C 59 7.63 -4.16 -50.68
CA ARG C 59 6.32 -3.63 -51.05
C ARG C 59 5.77 -2.66 -49.97
N HIS C 60 5.24 -1.52 -50.40
CA HIS C 60 4.69 -0.48 -49.53
C HIS C 60 5.73 0.30 -48.69
N TRP C 61 6.81 -0.37 -48.22
CA TRP C 61 7.93 0.40 -47.61
C TRP C 61 8.52 1.31 -48.67
N ALA C 62 8.53 0.81 -49.92
CA ALA C 62 8.77 1.60 -51.13
C ALA C 62 7.40 2.09 -51.60
N HIS C 63 7.28 3.37 -51.95
CA HIS C 63 5.97 3.99 -52.26
C HIS C 63 6.16 5.24 -53.12
N ALA C 64 5.30 5.43 -54.12
CA ALA C 64 5.38 6.64 -54.94
C ALA C 64 4.95 7.83 -54.10
N ILE C 65 5.48 8.98 -54.44
CA ILE C 65 5.15 10.24 -53.76
C ILE C 65 4.00 10.86 -54.53
N ALA C 66 2.96 11.29 -53.83
CA ALA C 66 1.78 11.80 -54.48
C ALA C 66 2.04 13.19 -55.05
N PRO C 67 1.49 13.50 -56.25
CA PRO C 67 1.56 14.88 -56.74
C PRO C 67 0.67 15.79 -55.90
N ASP C 68 0.98 17.08 -55.92
CA ASP C 68 0.21 18.10 -55.23
C ASP C 68 -1.10 18.34 -56.01
N PRO C 69 -2.26 18.12 -55.37
CA PRO C 69 -3.52 18.23 -56.14
C PRO C 69 -3.76 19.65 -56.66
N ASN C 70 -3.06 20.62 -56.10
CA ASN C 70 -3.10 22.00 -56.56
C ASN C 70 -1.94 22.39 -57.45
N GLY C 71 -1.09 21.44 -57.81
CA GLY C 71 0.00 21.73 -58.75
C GLY C 71 -0.46 21.56 -60.18
N GLY C 72 0.43 21.73 -61.13
CA GLY C 72 0.06 21.52 -62.53
C GLY C 72 -0.18 20.05 -62.86
N SER C 73 -0.44 19.78 -64.14
CA SER C 73 -0.46 18.41 -64.62
C SER C 73 0.95 17.89 -64.94
N GLY C 74 1.97 18.73 -64.89
CA GLY C 74 3.27 18.23 -65.32
C GLY C 74 4.13 17.48 -64.30
N GLN C 75 3.62 17.24 -63.09
CA GLN C 75 4.52 16.99 -61.94
C GLN C 75 5.28 15.68 -62.00
N ASN C 76 6.53 15.71 -61.53
CA ASN C 76 7.26 14.45 -61.33
C ASN C 76 7.76 14.30 -59.89
N PRO C 77 6.88 13.81 -59.00
CA PRO C 77 7.13 13.85 -57.56
C PRO C 77 8.14 12.82 -57.03
N GLY C 78 8.50 11.82 -57.83
CA GLY C 78 9.49 10.84 -57.39
C GLY C 78 8.89 9.71 -56.58
N THR C 79 9.76 8.89 -55.99
CA THR C 79 9.32 7.71 -55.26
C THR C 79 10.23 7.56 -54.02
N ILE C 80 9.73 6.86 -53.01
CA ILE C 80 10.56 6.50 -51.87
C ILE C 80 10.98 5.04 -52.11
N PRO C 81 12.31 4.75 -52.04
CA PRO C 81 12.78 3.43 -52.53
C PRO C 81 12.58 2.27 -51.57
N GLY C 82 12.20 2.54 -50.32
CA GLY C 82 12.05 1.45 -49.34
C GLY C 82 13.34 0.76 -48.91
N THR C 83 14.46 1.48 -48.98
CA THR C 83 15.72 1.02 -48.38
C THR C 83 15.64 1.12 -46.86
N GLN C 84 16.63 0.58 -46.15
CA GLN C 84 16.62 0.74 -44.70
C GLN C 84 16.55 2.22 -44.35
N GLU C 85 17.27 3.03 -45.09
CA GLU C 85 17.44 4.46 -44.80
C GLU C 85 16.21 5.30 -45.13
N SER C 86 15.48 4.90 -46.19
CA SER C 86 14.38 5.70 -46.72
C SER C 86 13.12 4.87 -46.94
N ILE C 87 12.19 4.93 -45.98
CA ILE C 87 10.94 4.16 -46.08
C ILE C 87 9.75 5.11 -46.16
N ALA C 88 8.62 4.62 -46.67
CA ALA C 88 7.43 5.46 -46.91
C ALA C 88 6.63 5.71 -45.61
N SER C 89 7.29 6.35 -44.65
CA SER C 89 6.66 6.64 -43.35
C SER C 89 7.47 7.72 -42.67
N ASN C 90 6.80 8.56 -41.87
CA ASN C 90 7.53 9.53 -41.06
C ASN C 90 8.05 8.87 -39.76
N PHE C 91 7.55 7.66 -39.45
CA PHE C 91 8.00 6.89 -38.28
C PHE C 91 8.75 5.64 -38.77
N TYR C 92 9.31 4.88 -37.83
CA TYR C 92 10.05 3.69 -38.20
C TYR C 92 9.64 2.50 -37.34
N PRO C 93 9.23 1.39 -37.97
CA PRO C 93 8.77 0.20 -37.23
C PRO C 93 9.87 -0.47 -36.42
N GLN C 94 9.55 -0.82 -35.18
CA GLN C 94 10.46 -1.62 -34.34
C GLN C 94 10.74 -2.97 -35.01
N LEU C 95 9.77 -3.51 -35.75
CA LEU C 95 9.98 -4.76 -36.48
C LEU C 95 10.69 -4.58 -37.81
N GLY C 96 11.09 -3.37 -38.15
CA GLY C 96 11.81 -3.14 -39.42
C GLY C 96 10.85 -3.15 -40.63
N ARG C 97 11.43 -3.25 -41.82
CA ARG C 97 10.67 -3.34 -43.08
C ARG C 97 10.15 -4.77 -43.26
N TYR C 98 9.10 -5.09 -42.52
CA TYR C 98 8.65 -6.45 -42.44
C TYR C 98 7.76 -6.92 -43.58
N SER C 99 7.61 -8.24 -43.67
CA SER C 99 6.66 -8.81 -44.61
C SER C 99 5.39 -9.22 -43.91
N SER C 100 4.24 -8.80 -44.44
CA SER C 100 2.93 -9.15 -43.90
C SER C 100 2.63 -10.65 -44.01
N SER C 101 3.38 -11.38 -44.83
CA SER C 101 3.19 -12.82 -44.94
C SER C 101 4.13 -13.65 -44.09
N ASP C 102 5.00 -13.00 -43.32
CA ASP C 102 5.97 -13.66 -42.46
C ASP C 102 5.25 -14.21 -41.24
N PRO C 103 5.22 -15.55 -41.05
CA PRO C 103 4.49 -16.10 -39.88
C PRO C 103 5.03 -15.59 -38.55
N ASN C 104 6.32 -15.29 -38.48
CA ASN C 104 6.91 -14.71 -37.26
C ASN C 104 6.41 -13.30 -36.94
N ILE C 105 6.14 -12.52 -37.99
CA ILE C 105 5.56 -11.17 -37.83
C ILE C 105 4.11 -11.28 -37.37
N LEU C 106 3.37 -12.19 -37.99
CA LEU C 106 1.97 -12.40 -37.63
C LEU C 106 1.81 -12.74 -36.14
N THR C 107 2.67 -13.62 -35.60
CA THR C 107 2.56 -13.95 -34.18
C THR C 107 2.93 -12.78 -33.26
N LYS C 108 3.93 -11.99 -33.65
CA LYS C 108 4.22 -10.75 -32.93
C LYS C 108 3.05 -9.76 -32.96
N HIS C 109 2.45 -9.55 -34.12
CA HIS C 109 1.29 -8.66 -34.21
C HIS C 109 0.13 -9.12 -33.34
N MET C 110 -0.14 -10.42 -33.32
CA MET C 110 -1.25 -10.91 -32.48
C MET C 110 -1.00 -10.69 -31.00
N ASP C 111 0.23 -10.92 -30.54
CA ASP C 111 0.60 -10.56 -29.16
C ASP C 111 0.44 -9.06 -28.88
N MET C 112 0.65 -8.24 -29.89
CA MET C 112 0.46 -6.78 -29.75
C MET C 112 -1.01 -6.45 -29.59
N PHE C 113 -1.88 -7.10 -30.36
CA PHE C 113 -3.33 -6.92 -30.18
C PHE C 113 -3.78 -7.34 -28.76
N VAL C 114 -3.22 -8.43 -28.25
CA VAL C 114 -3.53 -8.86 -26.86
C VAL C 114 -3.09 -7.79 -25.86
N MET C 115 -1.88 -7.25 -26.07
CA MET C 115 -1.37 -6.20 -25.20
C MET C 115 -2.28 -4.95 -25.23
N ALA C 116 -2.82 -4.64 -26.41
CA ALA C 116 -3.72 -3.47 -26.56
C ALA C 116 -5.16 -3.73 -26.09
N ARG C 117 -5.48 -5.00 -25.82
CA ARG C 117 -6.86 -5.47 -25.52
C ARG C 117 -7.87 -5.28 -26.66
N THR C 118 -7.37 -5.20 -27.89
CA THR C 118 -8.25 -4.95 -29.03
C THR C 118 -8.60 -6.30 -29.65
N GLY C 119 -9.87 -6.66 -29.55
CA GLY C 119 -10.30 -8.02 -29.88
C GLY C 119 -10.65 -8.27 -31.32
N VAL C 120 -10.78 -7.19 -32.10
CA VAL C 120 -11.13 -7.34 -33.51
C VAL C 120 -10.14 -6.66 -34.43
N LEU C 121 -9.56 -7.44 -35.34
CA LEU C 121 -8.65 -6.95 -36.38
C LEU C 121 -9.48 -6.65 -37.65
N ALA C 122 -9.52 -5.39 -38.09
CA ALA C 122 -10.29 -5.01 -39.27
C ALA C 122 -9.36 -4.98 -40.49
N LEU C 123 -9.39 -6.07 -41.25
CA LEU C 123 -8.39 -6.35 -42.28
C LEU C 123 -8.67 -5.64 -43.60
N THR C 124 -7.75 -4.79 -44.03
CA THR C 124 -7.82 -4.16 -45.37
C THR C 124 -8.02 -5.24 -46.44
N TRP C 125 -8.97 -5.01 -47.36
CA TRP C 125 -9.25 -6.01 -48.38
C TRP C 125 -9.46 -5.35 -49.75
N TRP C 126 -8.54 -5.63 -50.67
CA TRP C 126 -8.48 -4.96 -51.98
C TRP C 126 -8.95 -5.77 -53.20
N ASN C 127 -9.41 -7.01 -53.00
CA ASN C 127 -9.87 -7.83 -54.15
C ASN C 127 -8.77 -8.00 -55.20
N GLU C 128 -7.61 -8.38 -54.72
CA GLU C 128 -6.41 -8.48 -55.53
C GLU C 128 -6.52 -9.49 -56.67
N GLN C 129 -7.31 -10.55 -56.48
CA GLN C 129 -7.41 -11.61 -57.49
C GLN C 129 -6.02 -12.02 -57.99
N ASP C 130 -5.23 -12.56 -57.07
CA ASP C 130 -3.89 -13.03 -57.39
C ASP C 130 -3.70 -14.37 -56.69
N GLU C 131 -2.48 -14.88 -56.63
CA GLU C 131 -2.26 -16.17 -55.99
C GLU C 131 -1.50 -16.13 -54.67
N THR C 132 -1.66 -15.05 -53.90
CA THR C 132 -1.06 -14.95 -52.57
C THR C 132 -2.00 -14.35 -51.52
N GLU C 133 -2.94 -13.50 -51.95
CA GLU C 133 -3.92 -12.83 -51.07
C GLU C 133 -4.67 -13.84 -50.22
N ALA C 134 -5.24 -14.86 -50.86
CA ALA C 134 -6.05 -15.84 -50.16
C ALA C 134 -5.21 -16.57 -49.09
N LYS C 135 -3.99 -16.95 -49.46
CA LYS C 135 -3.09 -17.66 -48.54
C LYS C 135 -2.77 -16.78 -47.33
N ARG C 136 -2.42 -15.52 -47.58
CA ARG C 136 -2.16 -14.54 -46.51
C ARG C 136 -3.33 -14.31 -45.54
N ILE C 137 -4.55 -14.23 -46.09
CA ILE C 137 -5.73 -14.02 -45.26
C ILE C 137 -5.90 -15.23 -44.33
N GLY C 138 -5.72 -16.43 -44.90
CA GLY C 138 -5.75 -17.67 -44.12
C GLY C 138 -4.75 -17.68 -42.97
N LEU C 139 -3.52 -17.26 -43.26
CA LEU C 139 -2.48 -17.13 -42.24
C LEU C 139 -2.86 -16.17 -41.15
N ILE C 140 -3.42 -15.02 -41.54
CA ILE C 140 -3.90 -14.02 -40.58
C ILE C 140 -4.97 -14.61 -39.67
N LEU C 141 -5.98 -15.25 -40.23
CA LEU C 141 -7.05 -15.85 -39.42
C LEU C 141 -6.49 -16.90 -38.45
N ASP C 142 -5.60 -17.75 -38.95
CA ASP C 142 -4.98 -18.79 -38.14
C ASP C 142 -4.25 -18.19 -36.93
N ALA C 143 -3.44 -17.15 -37.20
CA ALA C 143 -2.65 -16.52 -36.14
C ALA C 143 -3.54 -15.78 -35.14
N ALA C 144 -4.58 -15.10 -35.64
CA ALA C 144 -5.52 -14.42 -34.77
C ALA C 144 -6.23 -15.41 -33.83
N ASP C 145 -6.64 -16.55 -34.35
CA ASP C 145 -7.41 -17.48 -33.53
C ASP C 145 -6.58 -18.05 -32.36
N LYS C 146 -5.28 -18.21 -32.57
CA LYS C 146 -4.40 -18.67 -31.48
C LYS C 146 -4.51 -17.78 -30.24
N LYS C 147 -4.76 -16.49 -30.43
CA LYS C 147 -4.85 -15.53 -29.34
C LYS C 147 -6.27 -15.04 -29.09
N LYS C 148 -7.23 -15.72 -29.70
CA LYS C 148 -8.67 -15.39 -29.59
C LYS C 148 -9.03 -14.03 -30.18
N ILE C 149 -8.25 -13.55 -31.14
CA ILE C 149 -8.58 -12.32 -31.86
C ILE C 149 -9.55 -12.68 -32.98
N LYS C 150 -10.50 -11.79 -33.25
CA LYS C 150 -11.42 -11.96 -34.36
C LYS C 150 -11.02 -11.09 -35.54
N VAL C 151 -11.44 -11.47 -36.74
CA VAL C 151 -11.14 -10.76 -37.98
C VAL C 151 -12.43 -10.39 -38.74
N CYS C 152 -12.60 -9.11 -39.03
CA CYS C 152 -13.58 -8.68 -40.03
C CYS C 152 -12.87 -8.00 -41.20
N PHE C 153 -13.60 -7.79 -42.30
CA PHE C 153 -12.97 -7.19 -43.48
C PHE C 153 -13.32 -5.73 -43.69
N HIS C 154 -12.33 -4.97 -44.13
CA HIS C 154 -12.44 -3.54 -44.38
C HIS C 154 -12.40 -3.46 -45.89
N LEU C 155 -13.59 -3.29 -46.48
CA LEU C 155 -13.77 -3.34 -47.94
C LEU C 155 -13.33 -2.05 -48.62
N GLU C 156 -12.23 -2.15 -49.34
CA GLU C 156 -11.55 -0.98 -49.87
C GLU C 156 -12.08 -0.65 -51.29
N PRO C 157 -11.86 0.58 -51.75
CA PRO C 157 -12.28 1.03 -53.08
C PRO C 157 -11.37 0.52 -54.20
N TYR C 158 -11.41 -0.80 -54.44
CA TYR C 158 -10.66 -1.34 -55.59
C TYR C 158 -11.25 -0.74 -56.89
N PRO C 159 -10.42 -0.53 -57.92
CA PRO C 159 -10.85 0.30 -59.08
C PRO C 159 -12.21 -0.08 -59.67
N SER C 160 -12.47 -1.37 -59.83
CA SER C 160 -13.68 -1.83 -60.51
C SER C 160 -14.88 -1.98 -59.60
N ARG C 161 -14.75 -1.58 -58.32
CA ARG C 161 -15.84 -1.77 -57.36
C ARG C 161 -17.19 -1.19 -57.77
N ASN C 162 -18.26 -1.96 -57.63
CA ASN C 162 -19.63 -1.48 -57.80
C ASN C 162 -20.51 -2.44 -56.98
N VAL C 163 -21.81 -2.20 -56.88
CA VAL C 163 -22.64 -3.04 -55.98
C VAL C 163 -22.71 -4.47 -56.42
N GLN C 164 -22.71 -4.71 -57.73
CA GLN C 164 -22.84 -6.08 -58.23
C GLN C 164 -21.61 -6.91 -57.88
N ASN C 165 -20.40 -6.39 -58.11
CA ASN C 165 -19.24 -7.20 -57.81
C ASN C 165 -18.88 -7.16 -56.31
N LEU C 166 -19.35 -6.14 -55.60
CA LEU C 166 -19.23 -6.12 -54.16
C LEU C 166 -20.05 -7.26 -53.56
N ARG C 167 -21.24 -7.48 -54.11
CA ARG C 167 -22.08 -8.60 -53.70
C ARG C 167 -21.39 -9.95 -53.91
N GLU C 168 -20.85 -10.16 -55.11
CA GLU C 168 -20.04 -11.34 -55.40
C GLU C 168 -18.92 -11.56 -54.38
N ASN C 169 -18.24 -10.47 -54.02
CA ASN C 169 -17.13 -10.53 -53.09
C ASN C 169 -17.53 -10.78 -51.63
N ILE C 170 -18.67 -10.21 -51.21
CA ILE C 170 -19.23 -10.50 -49.88
C ILE C 170 -19.61 -11.99 -49.80
N VAL C 171 -20.26 -12.46 -50.86
CA VAL C 171 -20.61 -13.88 -50.94
C VAL C 171 -19.35 -14.75 -50.85
N LYS C 172 -18.31 -14.41 -51.61
CA LYS C 172 -17.05 -15.18 -51.61
C LYS C 172 -16.39 -15.21 -50.25
N LEU C 173 -16.35 -14.06 -49.58
CA LEU C 173 -15.67 -13.95 -48.30
C LEU C 173 -16.39 -14.75 -47.21
N ILE C 174 -17.70 -14.59 -47.14
CA ILE C 174 -18.51 -15.37 -46.22
C ILE C 174 -18.37 -16.88 -46.52
N THR C 175 -18.49 -17.27 -47.78
CA THR C 175 -18.37 -18.68 -48.14
C THR C 175 -17.03 -19.27 -47.74
N ARG C 176 -15.96 -18.54 -48.03
CA ARG C 176 -14.63 -19.05 -47.84
C ARG C 176 -14.17 -18.98 -46.37
N TYR C 177 -14.50 -17.90 -45.65
CA TYR C 177 -13.93 -17.68 -44.31
C TYR C 177 -14.95 -17.76 -43.20
N GLY C 178 -16.22 -17.79 -43.57
CA GLY C 178 -17.33 -17.73 -42.62
C GLY C 178 -17.31 -18.81 -41.56
N ASN C 179 -16.69 -19.95 -41.87
CA ASN C 179 -16.57 -21.01 -40.87
C ASN C 179 -15.29 -21.01 -40.06
N HIS C 180 -14.37 -20.10 -40.35
CA HIS C 180 -13.15 -20.03 -39.56
C HIS C 180 -13.47 -19.55 -38.14
N PRO C 181 -12.89 -20.18 -37.10
CA PRO C 181 -13.17 -19.78 -35.73
C PRO C 181 -12.86 -18.31 -35.40
N ALA C 182 -11.96 -17.67 -36.15
CA ALA C 182 -11.62 -16.27 -35.90
C ALA C 182 -12.50 -15.28 -36.68
N PHE C 183 -13.39 -15.80 -37.53
CA PHE C 183 -14.28 -14.94 -38.34
C PHE C 183 -15.25 -14.18 -37.43
N TYR C 184 -15.19 -12.86 -37.47
CA TYR C 184 -15.97 -12.03 -36.58
C TYR C 184 -17.46 -12.10 -36.87
N ARG C 185 -18.26 -12.21 -35.80
CA ARG C 185 -19.71 -12.09 -35.91
C ARG C 185 -20.25 -11.30 -34.73
N LYS C 186 -21.28 -10.49 -34.97
CA LYS C 186 -22.00 -9.77 -33.91
C LYS C 186 -23.42 -10.30 -33.93
N ASP C 187 -23.81 -10.97 -32.84
CA ASP C 187 -25.14 -11.60 -32.73
C ASP C 187 -25.46 -12.43 -33.97
N GLY C 188 -24.50 -13.26 -34.37
CA GLY C 188 -24.68 -14.12 -35.53
C GLY C 188 -24.33 -13.52 -36.90
N LYS C 189 -24.19 -12.19 -36.99
CA LYS C 189 -23.94 -11.54 -38.29
C LYS C 189 -22.48 -11.16 -38.54
N PRO C 190 -21.96 -11.41 -39.76
CA PRO C 190 -20.68 -10.84 -40.16
C PRO C 190 -20.77 -9.32 -40.19
N LEU C 191 -19.63 -8.63 -40.10
CA LEU C 191 -19.59 -7.17 -40.19
C LEU C 191 -18.52 -6.71 -41.17
N PHE C 192 -18.88 -5.75 -42.03
CA PHE C 192 -17.95 -5.15 -42.98
C PHE C 192 -17.93 -3.65 -42.81
N PHE C 193 -16.71 -3.07 -42.81
CA PHE C 193 -16.53 -1.63 -42.94
C PHE C 193 -16.37 -1.38 -44.44
N ILE C 194 -17.04 -0.33 -44.94
CA ILE C 194 -16.95 -0.03 -46.37
C ILE C 194 -16.30 1.33 -46.51
N TYR C 195 -15.04 1.33 -46.96
CA TYR C 195 -14.30 2.56 -47.11
C TYR C 195 -14.72 3.28 -48.41
N ASP C 196 -14.79 4.61 -48.34
CA ASP C 196 -15.26 5.46 -49.47
C ASP C 196 -16.56 4.94 -50.09
N SER C 197 -17.51 4.60 -49.23
CA SER C 197 -18.81 4.10 -49.69
C SER C 197 -19.54 5.16 -50.52
N TYR C 198 -19.15 6.43 -50.38
CA TYR C 198 -19.84 7.50 -51.11
C TYR C 198 -19.56 7.40 -52.62
N LEU C 199 -18.57 6.58 -53.00
CA LEU C 199 -18.25 6.39 -54.42
C LEU C 199 -19.36 5.65 -55.17
N ILE C 200 -20.20 4.94 -54.40
CA ILE C 200 -21.35 4.22 -54.90
C ILE C 200 -22.59 5.01 -54.44
N GLU C 201 -23.45 5.39 -55.38
CA GLU C 201 -24.62 6.23 -55.02
C GLU C 201 -25.66 5.49 -54.18
N PRO C 202 -26.44 6.23 -53.35
CA PRO C 202 -27.44 5.57 -52.51
C PRO C 202 -28.43 4.70 -53.28
N SER C 203 -28.76 5.07 -54.51
CA SER C 203 -29.73 4.30 -55.30
C SER C 203 -29.15 2.96 -55.70
N GLU C 204 -27.83 2.89 -55.77
CA GLU C 204 -27.13 1.62 -56.01
C GLU C 204 -27.05 0.78 -54.74
N TRP C 205 -26.65 1.39 -53.61
CA TRP C 205 -26.63 0.69 -52.33
C TRP C 205 -27.96 0.03 -51.98
N GLU C 206 -29.05 0.75 -52.23
CA GLU C 206 -30.35 0.24 -51.85
C GLU C 206 -30.72 -1.08 -52.56
N LYS C 207 -30.18 -1.32 -53.75
CA LYS C 207 -30.39 -2.60 -54.45
C LYS C 207 -29.80 -3.77 -53.67
N LEU C 208 -28.69 -3.50 -53.01
CA LEU C 208 -27.94 -4.49 -52.22
C LEU C 208 -28.44 -4.58 -50.78
N LEU C 209 -28.84 -3.44 -50.20
CA LEU C 209 -29.01 -3.34 -48.76
C LEU C 209 -30.42 -3.13 -48.24
N SER C 210 -31.35 -2.74 -49.10
CA SER C 210 -32.73 -2.65 -48.62
C SER C 210 -33.38 -4.03 -48.68
N PRO C 211 -34.33 -4.33 -47.76
CA PRO C 211 -35.00 -5.64 -47.80
C PRO C 211 -35.60 -5.96 -49.17
N GLY C 212 -36.09 -4.94 -49.87
CA GLY C 212 -36.72 -5.13 -51.18
C GLY C 212 -35.78 -5.03 -52.37
N GLY C 213 -34.53 -4.64 -52.11
CA GLY C 213 -33.55 -4.42 -53.16
C GLY C 213 -33.43 -5.57 -54.15
N SER C 214 -33.19 -5.24 -55.41
CA SER C 214 -33.17 -6.21 -56.51
C SER C 214 -32.05 -7.24 -56.41
N ILE C 215 -30.97 -6.89 -55.71
CA ILE C 215 -29.89 -7.85 -55.49
C ILE C 215 -29.59 -7.94 -53.98
N THR C 216 -30.65 -7.90 -53.17
CA THR C 216 -30.51 -7.78 -51.73
C THR C 216 -29.72 -8.93 -51.10
N ILE C 217 -28.92 -8.61 -50.08
CA ILE C 217 -28.35 -9.65 -49.22
C ILE C 217 -29.22 -9.82 -47.96
N ARG C 218 -30.14 -8.89 -47.73
CA ARG C 218 -31.00 -8.96 -46.55
C ARG C 218 -31.87 -10.23 -46.55
N ASN C 219 -31.95 -10.85 -45.38
CA ASN C 219 -32.64 -12.13 -45.19
C ASN C 219 -32.12 -13.25 -46.08
N THR C 220 -30.82 -13.27 -46.25
CA THR C 220 -30.15 -14.21 -47.11
C THR C 220 -29.07 -14.85 -46.24
N ALA C 221 -28.41 -15.93 -46.71
CA ALA C 221 -27.25 -16.50 -46.02
C ALA C 221 -26.05 -15.54 -45.96
N TYR C 222 -26.09 -14.48 -46.75
CA TYR C 222 -24.98 -13.54 -46.89
C TYR C 222 -25.28 -12.17 -46.27
N ASP C 223 -26.35 -12.11 -45.48
CA ASP C 223 -26.65 -10.89 -44.74
C ASP C 223 -25.47 -10.53 -43.82
N ALA C 224 -25.28 -9.24 -43.60
CA ALA C 224 -24.16 -8.72 -42.82
C ALA C 224 -24.45 -7.33 -42.30
N LEU C 225 -23.77 -6.96 -41.23
CA LEU C 225 -23.84 -5.59 -40.74
C LEU C 225 -22.89 -4.79 -41.62
N MET C 226 -23.42 -3.78 -42.29
CA MET C 226 -22.65 -2.99 -43.23
C MET C 226 -22.47 -1.59 -42.68
N ILE C 227 -21.21 -1.26 -42.43
CA ILE C 227 -20.85 -0.01 -41.79
C ILE C 227 -20.23 0.93 -42.83
N GLY C 228 -20.98 1.95 -43.22
CA GLY C 228 -20.51 2.87 -44.24
C GLY C 228 -19.67 3.97 -43.61
N LEU C 229 -18.94 4.70 -44.44
CA LEU C 229 -18.08 5.77 -43.97
C LEU C 229 -18.88 7.08 -43.94
N TRP C 230 -19.09 7.62 -42.74
CA TRP C 230 -19.63 9.00 -42.58
C TRP C 230 -18.48 10.00 -42.76
N THR C 231 -18.53 10.76 -43.85
CA THR C 231 -17.55 11.81 -44.10
C THR C 231 -18.06 13.22 -43.74
N SER C 232 -18.97 13.76 -44.54
CA SER C 232 -19.23 15.21 -44.49
C SER C 232 -20.42 15.57 -43.59
N SER C 233 -21.02 16.73 -43.86
CA SER C 233 -22.16 17.26 -43.09
C SER C 233 -23.31 16.28 -42.92
N PRO C 234 -24.02 16.34 -41.77
CA PRO C 234 -25.24 15.55 -41.55
C PRO C 234 -26.29 15.80 -42.62
N THR C 235 -26.32 17.00 -43.21
CA THR C 235 -27.31 17.27 -44.27
C THR C 235 -27.13 16.29 -45.43
N VAL C 236 -25.90 15.83 -45.63
CA VAL C 236 -25.57 14.88 -46.68
C VAL C 236 -25.58 13.44 -46.14
N GLN C 237 -24.91 13.24 -45.00
CA GLN C 237 -24.67 11.87 -44.52
C GLN C 237 -25.91 11.19 -43.96
N ARG C 238 -26.80 11.94 -43.30
CA ARG C 238 -28.00 11.32 -42.75
C ARG C 238 -28.89 10.69 -43.84
N PRO C 239 -29.24 11.45 -44.90
CA PRO C 239 -30.05 10.80 -45.95
C PRO C 239 -29.25 9.74 -46.69
N PHE C 240 -27.94 9.92 -46.82
CA PHE C 240 -27.10 8.89 -47.44
C PHE C 240 -27.20 7.57 -46.69
N ILE C 241 -26.99 7.60 -45.37
CA ILE C 241 -27.02 6.38 -44.53
C ILE C 241 -28.39 5.72 -44.58
N LEU C 242 -29.44 6.52 -44.38
CA LEU C 242 -30.82 6.05 -44.44
C LEU C 242 -31.22 5.45 -45.80
N ASN C 243 -30.94 6.19 -46.88
CA ASN C 243 -31.33 5.78 -48.24
C ASN C 243 -30.49 4.62 -48.77
N ALA C 244 -29.24 4.54 -48.30
CA ALA C 244 -28.38 3.41 -48.66
C ALA C 244 -28.68 2.15 -47.87
N HIS C 245 -29.37 2.28 -46.73
CA HIS C 245 -29.66 1.15 -45.83
C HIS C 245 -28.43 0.50 -45.18
N PHE C 246 -27.42 1.30 -44.86
CA PHE C 246 -26.33 0.81 -44.02
C PHE C 246 -26.87 0.50 -42.62
N ASP C 247 -26.24 -0.43 -41.93
CA ASP C 247 -26.60 -0.77 -40.55
C ASP C 247 -25.93 0.16 -39.57
N GLY C 248 -24.92 0.89 -40.02
CA GLY C 248 -24.15 1.77 -39.14
C GLY C 248 -23.14 2.58 -39.91
N PHE C 249 -22.30 3.32 -39.20
CA PHE C 249 -21.28 4.14 -39.85
C PHE C 249 -20.06 4.30 -38.96
N TYR C 250 -18.90 4.52 -39.59
CA TYR C 250 -17.67 4.86 -38.90
C TYR C 250 -17.09 6.11 -39.54
N THR C 251 -16.03 6.66 -38.97
CA THR C 251 -15.48 7.94 -39.45
C THR C 251 -14.04 7.86 -40.02
N TYR C 252 -13.35 6.77 -39.70
CA TYR C 252 -11.97 6.50 -40.14
C TYR C 252 -10.86 7.51 -39.78
N PHE C 253 -10.96 8.75 -40.23
CA PHE C 253 -9.81 9.64 -40.24
C PHE C 253 -9.28 9.90 -38.83
N ALA C 254 -7.98 9.68 -38.67
CA ALA C 254 -7.25 9.89 -37.41
C ALA C 254 -7.00 11.37 -37.11
N ALA C 255 -7.03 12.24 -38.14
CA ALA C 255 -6.79 13.68 -37.97
C ALA C 255 -8.07 14.42 -37.65
N THR C 256 -8.15 14.95 -36.43
CA THR C 256 -9.33 15.71 -35.99
C THR C 256 -9.57 16.90 -36.90
N GLY C 257 -10.84 17.12 -37.23
CA GLY C 257 -11.20 18.28 -38.06
C GLY C 257 -11.04 18.03 -39.55
N PHE C 258 -10.52 16.88 -39.96
CA PHE C 258 -10.32 16.59 -41.39
C PHE C 258 -11.65 16.57 -42.12
N THR C 259 -12.65 15.92 -41.52
CA THR C 259 -14.02 15.94 -42.02
C THR C 259 -14.93 16.27 -40.84
N TYR C 260 -16.21 16.53 -41.12
CA TYR C 260 -17.21 16.66 -40.08
C TYR C 260 -17.20 15.41 -39.17
N GLY C 261 -17.18 14.23 -39.78
CA GLY C 261 -17.22 12.95 -39.09
C GLY C 261 -16.05 12.75 -38.13
N SER C 262 -14.88 13.30 -38.49
CA SER C 262 -13.69 13.14 -37.67
C SER C 262 -13.38 14.39 -36.81
N THR C 263 -14.41 15.21 -36.58
CA THR C 263 -14.38 16.28 -35.57
C THR C 263 -15.13 15.73 -34.34
N PRO C 264 -14.39 15.27 -33.32
CA PRO C 264 -14.95 14.54 -32.15
C PRO C 264 -16.04 15.28 -31.38
N THR C 265 -15.98 16.60 -31.47
CA THR C 265 -16.96 17.49 -30.90
C THR C 265 -18.39 17.22 -31.49
N ASN C 266 -18.44 16.59 -32.67
CA ASN C 266 -19.71 16.20 -33.30
C ASN C 266 -20.24 14.85 -32.85
N TRP C 267 -19.44 14.10 -32.12
CA TRP C 267 -19.77 12.69 -31.85
C TRP C 267 -20.97 12.48 -30.92
N VAL C 268 -21.15 13.34 -29.93
CA VAL C 268 -22.40 13.30 -29.15
C VAL C 268 -23.65 13.36 -30.05
N SER C 269 -23.71 14.34 -30.95
CA SER C 269 -24.92 14.47 -31.79
C SER C 269 -25.04 13.35 -32.83
N MET C 270 -23.92 12.90 -33.39
CA MET C 270 -23.95 11.74 -34.28
C MET C 270 -24.44 10.46 -33.60
N GLN C 271 -24.04 10.26 -32.33
CA GLN C 271 -24.55 9.11 -31.55
C GLN C 271 -26.07 9.22 -31.31
N LYS C 272 -26.53 10.43 -31.00
CA LYS C 272 -27.95 10.67 -30.76
C LYS C 272 -28.77 10.30 -31.99
N TRP C 273 -28.33 10.79 -33.15
CA TRP C 273 -28.97 10.44 -34.42
C TRP C 273 -28.94 8.93 -34.67
N ALA C 274 -27.77 8.30 -34.51
CA ALA C 274 -27.66 6.85 -34.71
C ALA C 274 -28.67 6.11 -33.84
N LYS C 275 -28.71 6.45 -32.56
CA LYS C 275 -29.66 5.87 -31.61
C LYS C 275 -31.13 6.03 -32.06
N GLU C 276 -31.50 7.25 -32.42
CA GLU C 276 -32.86 7.52 -32.92
C GLU C 276 -33.21 6.69 -34.14
N ASN C 277 -32.19 6.36 -34.94
CA ASN C 277 -32.45 5.70 -36.23
C ASN C 277 -32.05 4.24 -36.32
N GLY C 278 -31.72 3.63 -35.19
CA GLY C 278 -31.39 2.21 -35.15
C GLY C 278 -30.10 1.90 -35.91
N LYS C 279 -29.17 2.86 -35.94
CA LYS C 279 -27.87 2.66 -36.59
C LYS C 279 -26.77 2.47 -35.55
N ILE C 280 -25.71 1.75 -35.95
CA ILE C 280 -24.54 1.55 -35.09
C ILE C 280 -23.48 2.59 -35.43
N PHE C 281 -23.12 3.43 -34.46
CA PHE C 281 -22.09 4.41 -34.67
C PHE C 281 -20.77 3.87 -34.11
N ILE C 282 -19.75 3.78 -34.96
CA ILE C 282 -18.42 3.29 -34.56
C ILE C 282 -17.37 4.37 -34.84
N PRO C 283 -17.28 5.39 -33.94
CA PRO C 283 -16.30 6.44 -34.16
C PRO C 283 -14.87 5.91 -34.26
N SER C 284 -14.04 6.55 -35.10
CA SER C 284 -12.64 6.16 -35.21
C SER C 284 -11.75 7.14 -34.45
N VAL C 285 -10.83 6.58 -33.66
CA VAL C 285 -9.90 7.36 -32.89
C VAL C 285 -8.50 6.99 -33.29
N GLY C 286 -7.58 7.94 -33.19
CA GLY C 286 -6.19 7.66 -33.53
C GLY C 286 -5.23 8.51 -32.71
N PRO C 287 -3.94 8.10 -32.68
CA PRO C 287 -2.93 8.70 -31.82
C PRO C 287 -2.24 9.92 -32.45
N GLY C 288 -2.51 10.16 -33.72
CA GLY C 288 -1.91 11.29 -34.41
C GLY C 288 -2.06 11.08 -35.90
N TYR C 289 -1.47 11.98 -36.68
CA TYR C 289 -1.50 11.85 -38.12
C TYR C 289 -0.37 12.62 -38.73
N ILE C 290 0.36 11.98 -39.65
CA ILE C 290 1.31 12.69 -40.52
C ILE C 290 1.68 11.82 -41.72
N ASP C 291 1.54 12.37 -42.92
CA ASP C 291 1.75 11.59 -44.15
C ASP C 291 2.68 12.30 -45.13
N THR C 292 3.53 13.17 -44.60
CA THR C 292 4.30 14.08 -45.44
C THR C 292 5.49 13.47 -46.19
N ARG C 293 5.91 12.26 -45.83
CA ARG C 293 6.89 11.56 -46.66
C ARG C 293 6.24 11.22 -47.99
N ILE C 294 5.03 10.66 -47.96
CA ILE C 294 4.36 10.35 -49.24
C ILE C 294 3.50 11.49 -49.80
N ARG C 295 3.09 12.44 -48.94
CA ARG C 295 2.31 13.61 -49.41
C ARG C 295 2.90 14.90 -48.86
N PRO C 296 4.01 15.37 -49.47
CA PRO C 296 4.81 16.42 -48.86
C PRO C 296 4.08 17.76 -48.77
N TRP C 297 3.06 17.91 -49.60
CA TRP C 297 2.20 19.10 -49.65
C TRP C 297 1.08 19.06 -48.60
N ASN C 298 0.97 17.98 -47.82
CA ASN C 298 -0.22 17.77 -46.97
C ASN C 298 0.03 18.16 -45.48
N GLY C 299 0.92 19.12 -45.25
CA GLY C 299 1.32 19.49 -43.88
C GLY C 299 0.21 20.00 -42.97
N SER C 300 -0.85 20.55 -43.55
CA SER C 300 -1.93 21.13 -42.75
C SER C 300 -2.75 20.05 -42.02
N VAL C 301 -2.62 18.80 -42.44
CA VAL C 301 -3.34 17.69 -41.83
C VAL C 301 -2.53 17.05 -40.69
N ILE C 302 -1.28 17.47 -40.52
CA ILE C 302 -0.45 16.95 -39.43
C ILE C 302 -1.14 17.16 -38.08
N ARG C 303 -1.14 16.11 -37.25
CA ARG C 303 -1.57 16.21 -35.85
C ARG C 303 -0.50 15.55 -34.99
N THR C 304 0.20 16.35 -34.19
CA THR C 304 1.33 15.83 -33.44
C THR C 304 0.82 14.97 -32.29
N ARG C 305 1.58 13.94 -31.94
CA ARG C 305 1.17 13.04 -30.85
C ARG C 305 1.24 13.65 -29.45
N THR C 306 2.12 14.65 -29.30
CA THR C 306 2.40 15.31 -28.01
C THR C 306 2.49 14.32 -26.83
N ASP C 307 3.38 13.33 -26.95
CA ASP C 307 3.64 12.34 -25.89
C ASP C 307 2.42 11.52 -25.48
N GLY C 308 1.43 11.41 -26.37
CA GLY C 308 0.18 10.70 -26.06
C GLY C 308 -1.04 11.55 -25.74
N GLN C 309 -0.87 12.86 -25.60
CA GLN C 309 -2.00 13.75 -25.23
C GLN C 309 -3.12 13.73 -26.27
N TYR C 310 -2.74 13.73 -27.53
CA TYR C 310 -3.72 13.74 -28.62
C TYR C 310 -4.59 12.48 -28.59
N TYR C 311 -3.95 11.33 -28.40
CA TYR C 311 -4.65 10.04 -28.35
C TYR C 311 -5.63 10.05 -27.19
N ASP C 312 -5.15 10.46 -26.01
CA ASP C 312 -5.99 10.51 -24.80
C ASP C 312 -7.24 11.37 -25.00
N ALA C 313 -7.06 12.54 -25.61
CA ALA C 313 -8.18 13.49 -25.85
C ALA C 313 -9.21 12.88 -26.80
N MET C 314 -8.72 12.23 -27.86
CA MET C 314 -9.60 11.66 -28.88
C MET C 314 -10.37 10.46 -28.37
N TYR C 315 -9.68 9.56 -27.67
CA TYR C 315 -10.30 8.37 -27.11
C TYR C 315 -11.34 8.75 -26.03
N ARG C 316 -11.03 9.74 -25.20
CA ARG C 316 -11.99 10.21 -24.19
C ARG C 316 -13.28 10.71 -24.82
N LYS C 317 -13.15 11.48 -25.90
CA LYS C 317 -14.33 11.97 -26.64
C LYS C 317 -15.24 10.85 -27.13
N ALA C 318 -14.64 9.77 -27.64
CA ALA C 318 -15.43 8.64 -28.11
C ALA C 318 -16.16 8.01 -26.94
N ILE C 319 -15.46 7.85 -25.82
CA ILE C 319 -16.07 7.25 -24.63
C ILE C 319 -17.23 8.14 -24.14
N GLU C 320 -16.96 9.44 -24.03
CA GLU C 320 -17.99 10.42 -23.62
C GLU C 320 -19.21 10.48 -24.55
N ALA C 321 -19.02 10.14 -25.82
CA ALA C 321 -20.14 10.13 -26.75
C ALA C 321 -21.17 9.03 -26.43
N GLY C 322 -20.79 8.04 -25.63
CA GLY C 322 -21.69 6.95 -25.25
C GLY C 322 -21.96 5.93 -26.34
N VAL C 323 -20.96 5.70 -27.18
CA VAL C 323 -21.05 4.74 -28.29
C VAL C 323 -20.92 3.30 -27.80
N SER C 324 -21.40 2.35 -28.58
CA SER C 324 -21.31 0.95 -28.19
C SER C 324 -20.12 0.22 -28.82
N ALA C 325 -19.34 0.92 -29.64
CA ALA C 325 -18.17 0.33 -30.28
C ALA C 325 -17.23 1.43 -30.73
N ILE C 326 -15.95 1.11 -30.78
CA ILE C 326 -14.93 2.09 -31.15
C ILE C 326 -14.00 1.45 -32.18
N SER C 327 -13.58 2.24 -33.17
CA SER C 327 -12.58 1.76 -34.10
C SER C 327 -11.31 2.58 -33.96
N ILE C 328 -10.17 1.91 -34.15
CA ILE C 328 -8.89 2.56 -33.98
C ILE C 328 -8.16 2.66 -35.31
N THR C 329 -7.82 3.89 -35.69
CA THR C 329 -7.06 4.16 -36.90
C THR C 329 -5.68 4.61 -36.44
N SER C 330 -4.67 3.74 -36.51
CA SER C 330 -4.75 2.37 -37.05
C SER C 330 -3.77 1.47 -36.27
N PHE C 331 -3.79 0.17 -36.54
CA PHE C 331 -2.67 -0.65 -36.07
C PHE C 331 -1.36 -0.29 -36.76
N ASN C 332 -1.38 -0.29 -38.09
CA ASN C 332 -0.15 -0.19 -38.88
C ASN C 332 -0.31 0.45 -40.23
N GLU C 333 -1.08 1.53 -40.29
CA GLU C 333 -1.01 2.38 -41.48
C GLU C 333 0.15 3.34 -41.27
N TRP C 334 1.35 2.87 -41.62
CA TRP C 334 2.62 3.59 -41.40
C TRP C 334 2.79 4.81 -42.32
N HIS C 335 2.18 4.75 -43.50
CA HIS C 335 2.24 5.89 -44.45
C HIS C 335 1.62 7.19 -43.90
N GLU C 336 0.57 7.03 -43.11
CA GLU C 336 -0.22 8.14 -42.60
C GLU C 336 0.11 8.47 -41.13
N GLY C 337 1.03 7.73 -40.54
CA GLY C 337 1.53 8.04 -39.18
C GLY C 337 0.46 7.91 -38.10
N SER C 338 -0.56 7.08 -38.36
CA SER C 338 -1.64 6.83 -37.41
C SER C 338 -1.42 5.55 -36.57
N GLN C 339 -0.32 4.85 -36.81
CA GLN C 339 -0.10 3.52 -36.23
C GLN C 339 0.08 3.51 -34.71
N ILE C 340 -0.48 2.49 -34.07
CA ILE C 340 -0.16 2.25 -32.65
C ILE C 340 0.95 1.19 -32.55
N GLU C 341 1.22 0.48 -33.64
CA GLU C 341 2.29 -0.53 -33.65
C GLU C 341 3.61 0.12 -33.16
N PRO C 342 4.43 -0.62 -32.39
CA PRO C 342 5.70 -0.07 -31.88
C PRO C 342 6.61 0.49 -32.94
N ALA C 343 7.11 1.69 -32.66
CA ALA C 343 8.07 2.40 -33.48
C ALA C 343 9.35 2.68 -32.66
N VAL C 344 10.50 2.73 -33.34
CA VAL C 344 11.78 3.07 -32.70
C VAL C 344 12.43 4.35 -33.22
N PRO C 345 13.22 5.04 -32.37
CA PRO C 345 14.02 6.15 -32.89
C PRO C 345 14.98 5.67 -33.98
N TYR C 346 15.09 6.44 -35.05
CA TYR C 346 16.04 6.09 -36.10
C TYR C 346 16.35 7.34 -36.93
N THR C 347 17.59 7.49 -37.32
CA THR C 347 17.99 8.58 -38.21
C THR C 347 18.90 7.99 -39.27
N SER C 348 18.78 8.48 -40.50
CA SER C 348 19.66 8.04 -41.60
C SER C 348 20.13 9.28 -42.38
N SER C 349 21.03 9.10 -43.34
CA SER C 349 21.41 10.19 -44.24
C SER C 349 20.22 10.77 -45.04
N GLU C 350 19.17 9.98 -45.16
CA GLU C 350 17.98 10.34 -45.95
C GLU C 350 16.92 11.06 -45.15
N PHE C 351 16.80 10.77 -43.85
CA PHE C 351 15.67 11.28 -43.09
C PHE C 351 15.87 11.08 -41.61
N THR C 352 15.43 12.03 -40.80
CA THR C 352 15.31 11.80 -39.36
C THR C 352 13.86 11.43 -39.07
N TYR C 353 13.61 10.21 -38.62
CA TYR C 353 12.26 9.74 -38.39
C TYR C 353 11.71 10.32 -37.11
N LEU C 354 10.40 10.57 -37.09
CA LEU C 354 9.72 10.85 -35.83
C LEU C 354 9.74 9.57 -34.98
N ASP C 355 9.45 9.70 -33.70
CA ASP C 355 9.41 8.51 -32.86
C ASP C 355 8.44 8.76 -31.70
N TYR C 356 8.35 7.84 -30.76
CA TYR C 356 7.35 8.01 -29.69
C TYR C 356 7.78 8.93 -28.52
N GLU C 357 8.85 9.70 -28.75
CA GLU C 357 9.28 10.81 -27.87
C GLU C 357 9.67 10.27 -26.48
N ASN C 358 9.05 10.77 -25.41
CA ASN C 358 9.42 10.32 -24.06
C ASN C 358 8.62 9.09 -23.63
N ARG C 359 8.35 8.19 -24.59
CA ARG C 359 7.59 6.96 -24.36
C ARG C 359 8.39 5.81 -24.94
N GLU C 360 8.17 4.62 -24.38
CA GLU C 360 8.72 3.37 -24.92
C GLU C 360 8.01 3.00 -26.23
N PRO C 361 8.67 2.18 -27.08
CA PRO C 361 8.03 1.80 -28.35
C PRO C 361 6.64 1.21 -28.18
N ASP C 362 6.38 0.50 -27.08
CA ASP C 362 5.07 -0.17 -26.94
C ASP C 362 4.00 0.68 -26.22
N TYR C 363 4.26 1.97 -26.09
CA TYR C 363 3.38 2.82 -25.28
C TYR C 363 1.98 2.94 -25.84
N TYR C 364 1.86 3.07 -27.16
CA TYR C 364 0.52 3.22 -27.76
C TYR C 364 -0.31 1.93 -27.64
N LEU C 365 0.35 0.79 -27.61
CA LEU C 365 -0.33 -0.48 -27.29
C LEU C 365 -0.88 -0.50 -25.86
N THR C 366 -0.02 -0.22 -24.88
CA THR C 366 -0.43 -0.23 -23.46
C THR C 366 -1.42 0.89 -23.16
N ARG C 367 -1.26 2.04 -23.83
CA ARG C 367 -2.20 3.15 -23.65
C ARG C 367 -3.54 2.82 -24.28
N THR C 368 -3.53 2.11 -25.39
CA THR C 368 -4.80 1.62 -25.93
C THR C 368 -5.50 0.72 -24.91
N ALA C 369 -4.75 -0.17 -24.27
CA ALA C 369 -5.32 -1.07 -23.27
C ALA C 369 -5.98 -0.30 -22.11
N TYR C 370 -5.32 0.78 -21.70
CA TYR C 370 -5.86 1.66 -20.67
C TYR C 370 -7.23 2.20 -21.10
N TRP C 371 -7.32 2.71 -22.34
CA TRP C 371 -8.56 3.31 -22.86
C TRP C 371 -9.67 2.28 -23.08
N VAL C 372 -9.30 1.10 -23.55
CA VAL C 372 -10.25 -0.01 -23.64
C VAL C 372 -10.91 -0.29 -22.27
N GLY C 373 -10.09 -0.28 -21.22
CA GLY C 373 -10.57 -0.48 -19.85
C GLY C 373 -11.60 0.57 -19.50
N LYS C 374 -11.28 1.83 -19.80
CA LYS C 374 -12.18 2.94 -19.51
C LYS C 374 -13.50 2.81 -20.29
N PHE C 375 -13.38 2.49 -21.58
CA PHE C 375 -14.54 2.22 -22.43
C PHE C 375 -15.44 1.14 -21.83
N ARG C 376 -14.82 0.05 -21.39
CA ARG C 376 -15.57 -1.07 -20.81
C ARG C 376 -16.37 -0.69 -19.57
N GLU C 377 -15.77 0.13 -18.72
CA GLU C 377 -16.39 0.55 -17.47
C GLU C 377 -17.69 1.31 -17.68
N SER C 378 -17.79 2.06 -18.76
CA SER C 378 -18.98 2.86 -18.96
C SER C 378 -19.83 2.39 -20.13
N LYS C 379 -19.45 1.29 -20.77
CA LYS C 379 -20.03 0.90 -22.05
C LYS C 379 -21.56 0.79 -22.02
N LEU D 37 -43.29 -7.23 7.34
CA LEU D 37 -41.92 -6.94 6.82
C LEU D 37 -41.44 -8.07 5.90
N ASP D 38 -41.04 -7.74 4.66
CA ASP D 38 -40.45 -8.71 3.73
C ASP D 38 -38.92 -8.72 3.80
N TYR D 39 -38.36 -9.89 4.05
CA TYR D 39 -36.92 -10.08 4.24
C TYR D 39 -36.20 -10.47 2.95
N ASP D 40 -36.89 -10.20 1.83
CA ASP D 40 -36.28 -10.23 0.50
C ASP D 40 -36.25 -8.81 -0.05
N THR D 41 -36.49 -7.84 0.83
CA THR D 41 -36.42 -6.44 0.45
C THR D 41 -35.39 -5.67 1.29
N PHE D 42 -34.33 -5.23 0.60
CA PHE D 42 -33.21 -4.53 1.21
C PHE D 42 -33.36 -3.05 0.91
N CYS D 43 -33.28 -2.24 1.97
CA CYS D 43 -33.32 -0.78 1.80
C CYS D 43 -31.98 -0.13 2.20
N PHE D 44 -31.35 0.61 1.28
CA PHE D 44 -30.03 1.19 1.55
C PHE D 44 -30.10 2.37 2.54
N TYR D 45 -29.39 2.21 3.65
CA TYR D 45 -29.48 3.14 4.80
C TYR D 45 -28.11 3.73 5.13
N TYR D 46 -28.12 4.97 5.63
CA TYR D 46 -26.93 5.81 5.75
C TYR D 46 -26.88 6.41 7.17
N ASP D 47 -25.75 6.19 7.86
CA ASP D 47 -25.62 6.52 9.29
C ASP D 47 -24.58 7.62 9.55
N TRP D 48 -24.35 8.47 8.56
CA TRP D 48 -23.28 9.44 8.62
C TRP D 48 -23.74 10.85 8.99
N TYR D 49 -25.03 11.02 9.26
CA TYR D 49 -25.57 12.34 9.62
C TYR D 49 -25.20 12.69 11.06
N GLY D 50 -24.83 13.95 11.27
CA GLY D 50 -24.46 14.43 12.59
C GLY D 50 -25.30 15.63 13.02
N SER D 51 -25.22 15.95 14.32
CA SER D 51 -25.78 17.20 14.83
C SER D 51 -24.79 17.80 15.83
N GLU D 52 -24.79 19.13 15.91
CA GLU D 52 -23.93 19.83 16.88
C GLU D 52 -24.18 19.31 18.29
N ALA D 53 -25.43 18.93 18.57
CA ALA D 53 -25.86 18.47 19.89
C ALA D 53 -25.23 17.12 20.28
N ILE D 54 -25.42 16.10 19.43
CA ILE D 54 -24.90 14.76 19.70
C ILE D 54 -23.46 14.55 19.22
N ASP D 55 -23.11 15.12 18.06
CA ASP D 55 -21.82 14.85 17.40
C ASP D 55 -20.83 16.01 17.42
N GLY D 56 -21.30 17.20 17.80
CA GLY D 56 -20.42 18.37 17.89
C GLY D 56 -20.23 19.09 16.57
N GLN D 57 -20.98 18.66 15.56
CA GLN D 57 -21.01 19.28 14.23
C GLN D 57 -22.15 18.64 13.44
N TYR D 58 -22.73 19.40 12.52
CA TYR D 58 -23.75 18.85 11.62
C TYR D 58 -23.12 18.09 10.46
N ARG D 59 -22.53 16.94 10.77
CA ARG D 59 -21.85 16.10 9.77
C ARG D 59 -22.81 15.69 8.65
N HIS D 60 -22.32 15.82 7.41
CA HIS D 60 -23.07 15.47 6.18
C HIS D 60 -24.19 16.44 5.79
N TRP D 61 -24.86 17.06 6.78
CA TRP D 61 -25.76 18.17 6.47
C TRP D 61 -24.90 19.29 5.90
N ALA D 62 -23.74 19.52 6.54
CA ALA D 62 -22.65 20.28 5.92
C ALA D 62 -21.88 19.35 4.97
N HIS D 63 -21.63 19.81 3.75
CA HIS D 63 -21.03 18.97 2.72
C HIS D 63 -20.36 19.82 1.65
N ALA D 64 -19.17 19.42 1.22
CA ALA D 64 -18.47 20.12 0.13
C ALA D 64 -19.14 19.87 -1.21
N ILE D 65 -19.14 20.92 -2.05
CA ILE D 65 -19.71 20.85 -3.39
C ILE D 65 -18.68 20.27 -4.37
N ALA D 66 -19.11 19.34 -5.22
CA ALA D 66 -18.20 18.66 -6.15
C ALA D 66 -17.82 19.54 -7.35
N PRO D 67 -16.54 19.49 -7.76
CA PRO D 67 -16.12 20.19 -8.98
C PRO D 67 -16.70 19.54 -10.23
N ASP D 68 -16.79 20.31 -11.32
CA ASP D 68 -17.25 19.81 -12.62
C ASP D 68 -16.16 18.91 -13.24
N PRO D 69 -16.52 17.66 -13.62
CA PRO D 69 -15.54 16.71 -14.18
C PRO D 69 -15.06 17.10 -15.58
N ASN D 70 -15.92 17.80 -16.33
CA ASN D 70 -15.53 18.35 -17.62
C ASN D 70 -15.20 19.85 -17.49
N GLY D 71 -14.60 20.21 -16.36
CA GLY D 71 -14.30 21.62 -16.06
C GLY D 71 -12.82 21.91 -15.81
N GLY D 72 -12.57 23.03 -15.17
CA GLY D 72 -11.24 23.51 -14.91
C GLY D 72 -10.38 22.69 -13.95
N SER D 73 -9.09 22.97 -13.95
CA SER D 73 -8.15 22.29 -13.09
C SER D 73 -7.94 23.01 -11.76
N GLY D 74 -8.55 24.13 -11.56
CA GLY D 74 -8.44 24.72 -10.26
C GLY D 74 -9.75 25.34 -9.81
N GLN D 75 -10.81 24.55 -9.75
CA GLN D 75 -12.10 25.05 -9.34
C GLN D 75 -12.17 25.29 -7.84
N ASN D 76 -13.07 26.17 -7.43
CA ASN D 76 -13.28 26.43 -6.03
C ASN D 76 -14.76 26.31 -5.78
N PRO D 77 -15.25 25.09 -5.77
CA PRO D 77 -16.69 24.84 -5.74
C PRO D 77 -17.41 25.33 -4.48
N GLY D 78 -16.71 25.38 -3.35
CA GLY D 78 -17.32 25.77 -2.09
C GLY D 78 -18.04 24.63 -1.38
N THR D 79 -18.78 24.96 -0.33
CA THR D 79 -19.41 23.96 0.53
C THR D 79 -20.77 24.44 1.02
N ILE D 80 -21.67 23.51 1.31
CA ILE D 80 -22.91 23.82 2.02
C ILE D 80 -22.66 23.70 3.52
N PRO D 81 -22.92 24.79 4.28
CA PRO D 81 -22.55 24.85 5.71
C PRO D 81 -23.41 23.98 6.63
N GLY D 82 -24.47 23.38 6.09
CA GLY D 82 -25.37 22.56 6.89
C GLY D 82 -26.09 23.32 7.98
N THR D 83 -26.47 24.57 7.70
CA THR D 83 -27.31 25.37 8.60
C THR D 83 -28.77 24.95 8.40
N GLN D 84 -29.64 25.41 9.32
CA GLN D 84 -31.10 25.21 9.22
C GLN D 84 -31.60 25.64 7.83
N GLU D 85 -31.08 26.76 7.36
CA GLU D 85 -31.45 27.32 6.05
C GLU D 85 -30.85 26.51 4.89
N SER D 86 -29.56 26.18 5.00
CA SER D 86 -28.82 25.52 3.91
C SER D 86 -28.21 24.17 4.32
N ILE D 87 -28.83 23.09 3.82
CA ILE D 87 -28.42 21.71 4.13
C ILE D 87 -28.07 21.03 2.81
N ALA D 88 -27.26 19.96 2.85
CA ALA D 88 -26.75 19.35 1.61
C ALA D 88 -27.74 18.40 0.91
N SER D 89 -28.92 18.92 0.58
CA SER D 89 -29.96 18.16 -0.12
C SER D 89 -30.88 19.12 -0.86
N ASN D 90 -31.41 18.67 -2.00
CA ASN D 90 -32.44 19.43 -2.71
C ASN D 90 -33.78 19.37 -1.98
N PHE D 91 -33.91 18.43 -1.03
CA PHE D 91 -35.10 18.27 -0.17
C PHE D 91 -34.78 18.63 1.29
N TYR D 92 -35.79 18.60 2.16
CA TYR D 92 -35.59 18.83 3.58
C TYR D 92 -36.20 17.68 4.38
N PRO D 93 -35.44 17.11 5.34
CA PRO D 93 -35.99 15.99 6.11
C PRO D 93 -37.06 16.45 7.10
N GLN D 94 -38.12 15.64 7.20
CA GLN D 94 -39.17 15.83 8.19
C GLN D 94 -38.54 15.93 9.58
N LEU D 95 -37.58 15.04 9.86
CA LEU D 95 -36.90 15.02 11.15
C LEU D 95 -35.82 16.11 11.28
N GLY D 96 -35.67 16.96 10.26
CA GLY D 96 -34.67 18.04 10.28
C GLY D 96 -33.24 17.55 10.14
N ARG D 97 -32.30 18.25 10.79
CA ARG D 97 -30.86 17.92 10.74
C ARG D 97 -30.45 16.94 11.84
N TYR D 98 -30.91 15.70 11.70
CA TYR D 98 -30.74 14.73 12.79
C TYR D 98 -29.35 14.13 12.87
N SER D 99 -29.01 13.68 14.08
CA SER D 99 -27.85 12.84 14.34
C SER D 99 -28.21 11.39 14.06
N SER D 100 -27.29 10.65 13.45
CA SER D 100 -27.49 9.24 13.14
C SER D 100 -27.37 8.33 14.35
N SER D 101 -26.78 8.84 15.43
CA SER D 101 -26.63 8.08 16.66
C SER D 101 -27.55 8.62 17.79
N ASP D 102 -28.66 9.22 17.36
CA ASP D 102 -29.71 9.70 18.27
C ASP D 102 -30.72 8.59 18.51
N PRO D 103 -30.82 8.12 19.78
CA PRO D 103 -31.73 7.02 20.13
C PRO D 103 -33.15 7.27 19.61
N ASN D 104 -33.58 8.53 19.68
CA ASN D 104 -34.91 8.93 19.24
C ASN D 104 -35.10 8.87 17.71
N ILE D 105 -34.04 9.18 16.96
CA ILE D 105 -34.06 9.15 15.49
C ILE D 105 -33.99 7.72 14.97
N LEU D 106 -33.30 6.84 15.70
CA LEU D 106 -33.25 5.43 15.36
C LEU D 106 -34.64 4.81 15.54
N THR D 107 -35.27 5.13 16.66
CA THR D 107 -36.63 4.72 16.98
C THR D 107 -37.61 5.04 15.86
N LYS D 108 -37.62 6.30 15.41
CA LYS D 108 -38.48 6.74 14.31
C LYS D 108 -38.18 6.01 12.99
N HIS D 109 -36.89 5.77 12.71
CA HIS D 109 -36.47 5.12 11.45
C HIS D 109 -36.91 3.67 11.36
N MET D 110 -36.79 2.94 12.46
CA MET D 110 -37.27 1.56 12.47
C MET D 110 -38.80 1.53 12.28
N ASP D 111 -39.50 2.51 12.87
CA ASP D 111 -40.96 2.66 12.69
C ASP D 111 -41.30 2.88 11.23
N MET D 112 -40.47 3.66 10.55
CA MET D 112 -40.63 3.89 9.10
C MET D 112 -40.41 2.62 8.26
N PHE D 113 -39.41 1.83 8.61
CA PHE D 113 -39.11 0.56 7.92
C PHE D 113 -40.22 -0.50 8.13
N VAL D 114 -40.82 -0.49 9.32
CA VAL D 114 -42.00 -1.32 9.62
C VAL D 114 -43.17 -0.87 8.73
N MET D 115 -43.36 0.44 8.67
CA MET D 115 -44.39 1.05 7.82
C MET D 115 -44.22 0.74 6.32
N ALA D 116 -42.96 0.58 5.90
CA ALA D 116 -42.66 0.37 4.49
C ALA D 116 -42.59 -1.11 4.12
N ARG D 117 -42.68 -1.99 5.13
CA ARG D 117 -42.54 -3.45 4.98
C ARG D 117 -41.16 -3.90 4.45
N THR D 118 -40.17 -3.00 4.55
CA THR D 118 -38.78 -3.28 4.21
C THR D 118 -38.14 -4.03 5.39
N GLY D 119 -37.76 -5.28 5.17
CA GLY D 119 -37.24 -6.11 6.27
C GLY D 119 -35.75 -6.05 6.53
N VAL D 120 -34.99 -5.63 5.52
CA VAL D 120 -33.54 -5.58 5.64
C VAL D 120 -33.04 -4.16 5.43
N LEU D 121 -32.37 -3.62 6.45
CA LEU D 121 -31.65 -2.36 6.34
C LEU D 121 -30.19 -2.61 5.92
N ALA D 122 -29.83 -2.12 4.74
CA ALA D 122 -28.49 -2.33 4.20
C ALA D 122 -27.61 -1.16 4.61
N LEU D 123 -26.91 -1.34 5.73
CA LEU D 123 -26.16 -0.27 6.38
C LEU D 123 -24.89 0.05 5.61
N THR D 124 -24.76 1.32 5.23
CA THR D 124 -23.53 1.84 4.61
C THR D 124 -22.37 1.58 5.56
N TRP D 125 -21.26 1.08 5.03
CA TRP D 125 -20.13 0.76 5.87
C TRP D 125 -18.80 1.15 5.20
N TRP D 126 -18.10 2.09 5.85
CA TRP D 126 -16.95 2.76 5.26
C TRP D 126 -15.58 2.37 5.86
N ASN D 127 -15.57 1.46 6.82
CA ASN D 127 -14.33 1.07 7.48
C ASN D 127 -13.60 2.27 8.10
N GLU D 128 -14.33 3.00 8.95
CA GLU D 128 -13.86 4.24 9.56
C GLU D 128 -12.62 4.08 10.42
N GLN D 129 -12.48 2.90 11.03
CA GLN D 129 -11.41 2.64 12.01
C GLN D 129 -11.26 3.77 13.03
N ASP D 130 -12.36 4.09 13.71
CA ASP D 130 -12.36 5.06 14.80
C ASP D 130 -13.06 4.48 16.06
N GLU D 131 -13.23 5.30 17.09
CA GLU D 131 -13.86 4.84 18.34
C GLU D 131 -15.39 4.75 18.23
N THR D 132 -15.97 5.58 17.37
CA THR D 132 -17.41 5.80 17.35
C THR D 132 -18.19 4.87 16.40
N GLU D 133 -17.59 4.51 15.27
CA GLU D 133 -18.26 3.67 14.27
C GLU D 133 -18.82 2.39 14.89
N ALA D 134 -18.00 1.70 15.68
CA ALA D 134 -18.41 0.45 16.32
C ALA D 134 -19.61 0.61 17.25
N LYS D 135 -19.60 1.67 18.06
CA LYS D 135 -20.70 1.89 19.02
C LYS D 135 -21.99 2.22 18.27
N ARG D 136 -21.86 2.96 17.18
CA ARG D 136 -23.01 3.39 16.39
C ARG D 136 -23.67 2.21 15.65
N ILE D 137 -22.84 1.27 15.20
CA ILE D 137 -23.36 0.06 14.56
C ILE D 137 -24.15 -0.76 15.59
N GLY D 138 -23.64 -0.85 16.81
CA GLY D 138 -24.34 -1.53 17.90
C GLY D 138 -25.73 -0.96 18.12
N LEU D 139 -25.81 0.36 18.20
CA LEU D 139 -27.06 1.08 18.42
C LEU D 139 -28.08 0.78 17.33
N ILE D 140 -27.64 0.81 16.08
CA ILE D 140 -28.52 0.48 14.95
C ILE D 140 -29.04 -0.95 15.10
N LEU D 141 -28.14 -1.89 15.39
CA LEU D 141 -28.50 -3.30 15.53
C LEU D 141 -29.56 -3.53 16.62
N ASP D 142 -29.31 -2.98 17.81
CA ASP D 142 -30.26 -3.04 18.91
C ASP D 142 -31.65 -2.52 18.53
N ALA D 143 -31.71 -1.30 18.02
CA ALA D 143 -32.98 -0.68 17.60
C ALA D 143 -33.67 -1.47 16.50
N ALA D 144 -32.91 -2.11 15.63
CA ALA D 144 -33.48 -2.92 14.57
C ALA D 144 -34.16 -4.20 15.11
N ASP D 145 -33.50 -4.86 16.07
CA ASP D 145 -34.01 -6.09 16.68
C ASP D 145 -35.36 -5.84 17.37
N LYS D 146 -35.45 -4.75 18.13
CA LYS D 146 -36.68 -4.38 18.84
C LYS D 146 -37.93 -4.33 17.96
N LYS D 147 -37.74 -4.28 16.65
CA LYS D 147 -38.86 -4.28 15.70
C LYS D 147 -38.69 -5.36 14.63
N LYS D 148 -37.81 -6.33 14.90
CA LYS D 148 -37.55 -7.49 14.01
C LYS D 148 -36.96 -7.15 12.62
N ILE D 149 -36.47 -5.91 12.46
CA ILE D 149 -35.70 -5.55 11.27
C ILE D 149 -34.32 -6.20 11.34
N LYS D 150 -33.85 -6.68 10.19
CA LYS D 150 -32.51 -7.25 10.04
C LYS D 150 -31.53 -6.22 9.45
N VAL D 151 -30.24 -6.42 9.71
CA VAL D 151 -29.19 -5.52 9.23
C VAL D 151 -28.12 -6.31 8.50
N CYS D 152 -27.89 -5.93 7.23
CA CYS D 152 -26.73 -6.43 6.48
C CYS D 152 -25.84 -5.23 6.17
N PHE D 153 -24.64 -5.48 5.66
CA PHE D 153 -23.70 -4.37 5.40
C PHE D 153 -23.51 -4.06 3.92
N HIS D 154 -23.52 -2.77 3.61
CA HIS D 154 -23.24 -2.25 2.27
C HIS D 154 -21.77 -1.80 2.26
N LEU D 155 -20.91 -2.63 1.69
CA LEU D 155 -19.47 -2.43 1.73
C LEU D 155 -19.01 -1.40 0.68
N GLU D 156 -18.57 -0.25 1.19
CA GLU D 156 -18.30 0.93 0.36
C GLU D 156 -16.84 0.96 -0.09
N PRO D 157 -16.53 1.77 -1.13
CA PRO D 157 -15.13 1.86 -1.58
C PRO D 157 -14.25 2.77 -0.71
N TYR D 158 -13.97 2.34 0.52
CA TYR D 158 -12.99 3.06 1.31
C TYR D 158 -11.63 3.07 0.60
N PRO D 159 -10.88 4.16 0.73
CA PRO D 159 -9.69 4.35 -0.12
C PRO D 159 -8.72 3.15 -0.22
N SER D 160 -8.40 2.53 0.92
CA SER D 160 -7.38 1.48 0.94
C SER D 160 -7.89 0.10 0.53
N ARG D 161 -9.17 0.01 0.14
CA ARG D 161 -9.81 -1.28 -0.12
C ARG D 161 -9.08 -2.09 -1.19
N ASN D 162 -8.77 -3.33 -0.84
CA ASN D 162 -8.38 -4.38 -1.80
C ASN D 162 -8.94 -5.71 -1.25
N VAL D 163 -8.73 -6.82 -1.95
CA VAL D 163 -9.36 -8.07 -1.50
C VAL D 163 -8.79 -8.56 -0.18
N GLN D 164 -7.48 -8.37 0.04
CA GLN D 164 -6.84 -8.75 1.30
C GLN D 164 -7.46 -8.10 2.57
N ASN D 165 -7.51 -6.77 2.62
CA ASN D 165 -8.19 -6.12 3.76
C ASN D 165 -9.73 -6.19 3.72
N LEU D 166 -10.31 -6.36 2.53
CA LEU D 166 -11.76 -6.62 2.45
C LEU D 166 -12.10 -7.95 3.13
N ARG D 167 -11.26 -8.96 2.93
CA ARG D 167 -11.41 -10.22 3.63
C ARG D 167 -11.25 -10.02 5.14
N GLU D 168 -10.22 -9.31 5.58
CA GLU D 168 -10.03 -9.12 7.01
C GLU D 168 -11.23 -8.41 7.63
N ASN D 169 -11.87 -7.54 6.85
CA ASN D 169 -13.05 -6.81 7.29
C ASN D 169 -14.32 -7.65 7.30
N ILE D 170 -14.47 -8.53 6.32
CA ILE D 170 -15.57 -9.48 6.32
C ILE D 170 -15.45 -10.37 7.56
N VAL D 171 -14.25 -10.88 7.83
CA VAL D 171 -13.98 -11.65 9.04
C VAL D 171 -14.34 -10.86 10.31
N LYS D 172 -13.97 -9.58 10.35
CA LYS D 172 -14.16 -8.75 11.55
C LYS D 172 -15.63 -8.45 11.80
N LEU D 173 -16.37 -8.15 10.73
CA LEU D 173 -17.79 -7.82 10.83
C LEU D 173 -18.61 -9.04 11.28
N ILE D 174 -18.36 -10.18 10.64
CA ILE D 174 -19.05 -11.42 11.00
C ILE D 174 -18.73 -11.83 12.45
N THR D 175 -17.46 -11.77 12.83
CA THR D 175 -17.03 -12.09 14.20
C THR D 175 -17.68 -11.19 15.24
N ARG D 176 -17.64 -9.88 14.97
CA ARG D 176 -18.08 -8.90 15.92
C ARG D 176 -19.60 -8.82 16.04
N TYR D 177 -20.30 -9.00 14.90
CA TYR D 177 -21.75 -8.79 14.86
C TYR D 177 -22.56 -10.03 14.49
N GLY D 178 -21.89 -11.11 14.13
CA GLY D 178 -22.56 -12.31 13.65
C GLY D 178 -23.51 -12.99 14.63
N ASN D 179 -23.31 -12.77 15.92
CA ASN D 179 -24.21 -13.31 16.96
C ASN D 179 -25.33 -12.36 17.40
N HIS D 180 -25.39 -11.17 16.81
CA HIS D 180 -26.45 -10.25 17.17
C HIS D 180 -27.78 -10.70 16.55
N PRO D 181 -28.87 -10.67 17.35
CA PRO D 181 -30.21 -11.04 16.89
C PRO D 181 -30.63 -10.38 15.57
N ALA D 182 -30.25 -9.11 15.37
CA ALA D 182 -30.62 -8.35 14.16
C ALA D 182 -29.76 -8.64 12.91
N PHE D 183 -28.67 -9.37 13.08
CA PHE D 183 -27.76 -9.65 11.96
C PHE D 183 -28.45 -10.49 10.90
N TYR D 184 -28.58 -9.93 9.70
CA TYR D 184 -29.23 -10.60 8.60
C TYR D 184 -28.50 -11.85 8.11
N ARG D 185 -29.28 -12.90 7.85
CA ARG D 185 -28.80 -14.09 7.18
C ARG D 185 -29.85 -14.61 6.20
N LYS D 186 -29.40 -15.20 5.10
CA LYS D 186 -30.28 -15.88 4.14
C LYS D 186 -29.90 -17.34 4.18
N ASP D 187 -30.84 -18.17 4.62
CA ASP D 187 -30.55 -19.53 5.11
C ASP D 187 -29.50 -19.39 6.23
N GLY D 188 -28.37 -20.08 6.12
CA GLY D 188 -27.32 -19.88 7.13
C GLY D 188 -26.48 -18.62 6.92
N LYS D 189 -26.53 -18.08 5.70
CA LYS D 189 -25.49 -17.20 5.18
C LYS D 189 -25.67 -15.69 5.40
N PRO D 190 -24.59 -15.00 5.80
CA PRO D 190 -24.63 -13.54 5.76
C PRO D 190 -24.61 -13.06 4.30
N LEU D 191 -25.04 -11.82 4.09
CA LEU D 191 -25.07 -11.22 2.75
C LEU D 191 -24.45 -9.82 2.76
N PHE D 192 -23.56 -9.57 1.80
CA PHE D 192 -22.96 -8.25 1.63
C PHE D 192 -23.19 -7.68 0.23
N PHE D 193 -23.52 -6.40 0.16
CA PHE D 193 -23.46 -5.64 -1.10
C PHE D 193 -22.08 -4.98 -1.25
N ILE D 194 -21.43 -5.20 -2.39
CA ILE D 194 -20.11 -4.59 -2.63
C ILE D 194 -20.23 -3.44 -3.64
N TYR D 195 -20.13 -2.20 -3.16
CA TYR D 195 -20.25 -1.06 -4.07
C TYR D 195 -18.95 -0.79 -4.82
N ASP D 196 -19.09 -0.44 -6.11
CA ASP D 196 -17.94 -0.18 -7.00
C ASP D 196 -16.96 -1.36 -7.05
N SER D 197 -17.50 -2.57 -7.15
CA SER D 197 -16.71 -3.80 -7.17
C SER D 197 -15.71 -3.82 -8.34
N TYR D 198 -16.02 -3.06 -9.39
CA TYR D 198 -15.20 -3.03 -10.60
C TYR D 198 -13.85 -2.33 -10.36
N LEU D 199 -13.76 -1.59 -9.25
CA LEU D 199 -12.46 -1.03 -8.83
C LEU D 199 -11.43 -2.11 -8.52
N ILE D 200 -11.92 -3.32 -8.25
CA ILE D 200 -11.05 -4.46 -7.99
C ILE D 200 -11.17 -5.43 -9.18
N GLU D 201 -10.04 -5.84 -9.72
CA GLU D 201 -9.97 -6.75 -10.88
C GLU D 201 -10.49 -8.16 -10.56
N PRO D 202 -11.19 -8.80 -11.52
CA PRO D 202 -11.67 -10.17 -11.33
C PRO D 202 -10.58 -11.12 -10.87
N SER D 203 -9.34 -10.94 -11.33
CA SER D 203 -8.21 -11.80 -10.92
C SER D 203 -7.87 -11.62 -9.44
N GLU D 204 -8.19 -10.45 -8.90
CA GLU D 204 -8.13 -10.25 -7.47
C GLU D 204 -9.34 -10.91 -6.77
N TRP D 205 -10.54 -10.63 -7.27
CA TRP D 205 -11.78 -11.21 -6.72
C TRP D 205 -11.76 -12.74 -6.63
N GLU D 206 -11.18 -13.38 -7.64
CA GLU D 206 -11.05 -14.82 -7.72
C GLU D 206 -10.31 -15.44 -6.53
N LYS D 207 -9.33 -14.72 -5.99
CA LYS D 207 -8.52 -15.20 -4.87
C LYS D 207 -9.35 -15.30 -3.58
N LEU D 208 -10.39 -14.48 -3.52
CA LEU D 208 -11.25 -14.34 -2.37
C LEU D 208 -12.53 -15.14 -2.54
N LEU D 209 -13.18 -15.01 -3.69
CA LEU D 209 -14.54 -15.50 -3.88
C LEU D 209 -14.66 -16.85 -4.62
N SER D 210 -13.56 -17.34 -5.21
CA SER D 210 -13.60 -18.65 -5.89
C SER D 210 -13.17 -19.77 -4.95
N PRO D 211 -13.87 -20.92 -4.99
CA PRO D 211 -13.53 -22.11 -4.20
C PRO D 211 -12.03 -22.40 -4.16
N GLY D 212 -11.33 -22.19 -5.27
CA GLY D 212 -9.90 -22.46 -5.34
C GLY D 212 -8.98 -21.30 -4.99
N GLY D 213 -9.57 -20.14 -4.67
CA GLY D 213 -8.79 -18.91 -4.41
C GLY D 213 -7.80 -19.03 -3.26
N SER D 214 -6.63 -18.38 -3.42
CA SER D 214 -5.55 -18.42 -2.42
C SER D 214 -5.91 -17.82 -1.05
N ILE D 215 -6.89 -16.90 -1.02
CA ILE D 215 -7.38 -16.38 0.26
C ILE D 215 -8.92 -16.54 0.34
N THR D 216 -9.42 -17.67 -0.16
CA THR D 216 -10.87 -17.86 -0.29
C THR D 216 -11.64 -17.80 1.04
N ILE D 217 -12.87 -17.28 0.97
CA ILE D 217 -13.81 -17.36 2.07
C ILE D 217 -14.78 -18.55 1.89
N ARG D 218 -14.76 -19.16 0.69
CA ARG D 218 -15.69 -20.24 0.35
C ARG D 218 -15.48 -21.48 1.21
N ASN D 219 -16.57 -21.96 1.81
CA ASN D 219 -16.54 -23.10 2.74
C ASN D 219 -15.56 -22.85 3.88
N THR D 220 -15.49 -21.60 4.34
CA THR D 220 -14.85 -21.28 5.61
C THR D 220 -15.96 -20.78 6.53
N ALA D 221 -15.62 -20.50 7.79
CA ALA D 221 -16.55 -19.91 8.73
C ALA D 221 -17.03 -18.53 8.29
N TYR D 222 -16.34 -17.94 7.32
CA TYR D 222 -16.60 -16.55 6.91
C TYR D 222 -17.21 -16.43 5.52
N ASP D 223 -17.72 -17.56 5.00
CA ASP D 223 -18.43 -17.60 3.73
C ASP D 223 -19.67 -16.74 3.80
N ALA D 224 -20.07 -16.17 2.67
CA ALA D 224 -21.22 -15.27 2.61
C ALA D 224 -21.74 -15.12 1.19
N LEU D 225 -22.87 -14.45 1.06
CA LEU D 225 -23.39 -14.11 -0.26
C LEU D 225 -22.87 -12.73 -0.67
N MET D 226 -21.91 -12.76 -1.61
CA MET D 226 -21.26 -11.54 -2.11
C MET D 226 -21.96 -11.04 -3.36
N ILE D 227 -22.60 -9.88 -3.24
CA ILE D 227 -23.46 -9.33 -4.27
C ILE D 227 -22.75 -8.17 -4.98
N GLY D 228 -22.12 -8.48 -6.12
CA GLY D 228 -21.36 -7.49 -6.91
C GLY D 228 -22.25 -6.42 -7.53
N LEU D 229 -21.66 -5.28 -7.89
CA LEU D 229 -22.40 -4.24 -8.61
C LEU D 229 -22.32 -4.41 -10.15
N TRP D 230 -23.45 -4.69 -10.80
CA TRP D 230 -23.50 -4.73 -12.27
C TRP D 230 -23.69 -3.30 -12.78
N THR D 231 -22.71 -2.82 -13.54
CA THR D 231 -22.75 -1.45 -14.05
C THR D 231 -23.15 -1.41 -15.54
N SER D 232 -22.19 -1.78 -16.39
CA SER D 232 -22.27 -1.54 -17.82
C SER D 232 -22.80 -2.75 -18.62
N SER D 233 -22.44 -2.82 -19.91
CA SER D 233 -22.95 -3.78 -20.86
C SER D 233 -22.72 -5.24 -20.44
N PRO D 234 -23.62 -6.16 -20.87
CA PRO D 234 -23.49 -7.60 -20.61
C PRO D 234 -22.18 -8.20 -21.11
N THR D 235 -21.66 -7.64 -22.22
CA THR D 235 -20.37 -8.05 -22.76
C THR D 235 -19.22 -7.88 -21.74
N VAL D 236 -19.36 -6.90 -20.84
CA VAL D 236 -18.35 -6.65 -19.79
C VAL D 236 -18.73 -7.35 -18.48
N GLN D 237 -19.98 -7.17 -18.09
CA GLN D 237 -20.49 -7.61 -16.78
C GLN D 237 -20.63 -9.12 -16.58
N ARG D 238 -21.07 -9.84 -17.61
CA ARG D 238 -21.21 -11.29 -17.50
C ARG D 238 -19.88 -11.98 -17.16
N PRO D 239 -18.82 -11.75 -17.98
CA PRO D 239 -17.55 -12.41 -17.62
C PRO D 239 -16.91 -11.84 -16.35
N PHE D 240 -17.13 -10.55 -16.04
CA PHE D 240 -16.66 -10.00 -14.75
C PHE D 240 -17.25 -10.81 -13.58
N ILE D 241 -18.58 -10.91 -13.56
CA ILE D 241 -19.31 -11.60 -12.49
C ILE D 241 -18.86 -13.06 -12.39
N LEU D 242 -18.80 -13.75 -13.53
CA LEU D 242 -18.34 -15.15 -13.53
C LEU D 242 -16.88 -15.36 -13.07
N ASN D 243 -15.97 -14.51 -13.56
CA ASN D 243 -14.54 -14.59 -13.18
C ASN D 243 -14.25 -14.15 -11.74
N ALA D 244 -15.02 -13.18 -11.25
CA ALA D 244 -14.87 -12.65 -9.89
C ALA D 244 -15.49 -13.58 -8.84
N HIS D 245 -16.35 -14.48 -9.33
CA HIS D 245 -17.08 -15.46 -8.52
C HIS D 245 -18.07 -14.84 -7.52
N PHE D 246 -18.68 -13.72 -7.91
CA PHE D 246 -19.78 -13.14 -7.14
C PHE D 246 -20.95 -14.11 -7.12
N ASP D 247 -21.71 -14.09 -6.03
CA ASP D 247 -22.88 -14.95 -5.84
C ASP D 247 -24.11 -14.29 -6.44
N GLY D 248 -24.02 -12.99 -6.66
CA GLY D 248 -25.11 -12.24 -7.25
C GLY D 248 -24.69 -10.84 -7.63
N PHE D 249 -25.66 -10.04 -8.05
CA PHE D 249 -25.42 -8.67 -8.45
C PHE D 249 -26.61 -7.76 -8.20
N TYR D 250 -26.29 -6.48 -8.00
CA TYR D 250 -27.27 -5.44 -7.84
C TYR D 250 -26.90 -4.27 -8.77
N THR D 251 -27.75 -3.26 -8.84
CA THR D 251 -27.55 -2.20 -9.81
C THR D 251 -27.43 -0.80 -9.17
N TYR D 252 -27.77 -0.74 -7.89
CA TYR D 252 -27.78 0.49 -7.10
C TYR D 252 -28.57 1.71 -7.62
N PHE D 253 -28.21 2.25 -8.79
CA PHE D 253 -28.59 3.61 -9.18
C PHE D 253 -30.10 3.83 -9.29
N ALA D 254 -30.59 4.87 -8.64
CA ALA D 254 -32.01 5.21 -8.72
C ALA D 254 -32.36 5.95 -10.02
N ALA D 255 -31.33 6.49 -10.69
CA ALA D 255 -31.47 7.23 -11.95
C ALA D 255 -31.56 6.29 -13.14
N THR D 256 -32.78 6.15 -13.65
CA THR D 256 -33.03 5.26 -14.76
C THR D 256 -32.25 5.73 -16.01
N GLY D 257 -31.59 4.78 -16.66
CA GLY D 257 -30.83 5.05 -17.86
C GLY D 257 -29.37 5.41 -17.60
N PHE D 258 -29.01 5.61 -16.33
CA PHE D 258 -27.65 6.06 -15.99
C PHE D 258 -26.57 5.06 -16.40
N THR D 259 -26.82 3.78 -16.16
CA THR D 259 -25.97 2.69 -16.65
C THR D 259 -26.86 1.69 -17.38
N TYR D 260 -26.27 0.65 -17.95
CA TYR D 260 -27.04 -0.45 -18.53
C TYR D 260 -27.82 -1.18 -17.42
N GLY D 261 -27.13 -1.39 -16.28
CA GLY D 261 -27.72 -2.07 -15.14
C GLY D 261 -28.96 -1.39 -14.60
N SER D 262 -28.97 -0.05 -14.63
CA SER D 262 -30.09 0.74 -14.12
C SER D 262 -31.10 1.15 -15.22
N THR D 263 -31.16 0.36 -16.28
CA THR D 263 -32.15 0.56 -17.32
C THR D 263 -33.16 -0.59 -17.20
N PRO D 264 -34.33 -0.32 -16.57
CA PRO D 264 -35.26 -1.36 -16.14
C PRO D 264 -35.74 -2.29 -17.28
N THR D 265 -35.61 -1.85 -18.52
CA THR D 265 -35.99 -2.67 -19.67
C THR D 265 -34.96 -3.78 -19.93
N ASN D 266 -33.79 -3.66 -19.30
CA ASN D 266 -32.79 -4.72 -19.35
C ASN D 266 -33.00 -5.83 -18.31
N TRP D 267 -33.84 -5.58 -17.30
CA TRP D 267 -33.95 -6.48 -16.13
C TRP D 267 -34.43 -7.90 -16.44
N VAL D 268 -35.38 -8.02 -17.38
CA VAL D 268 -35.86 -9.34 -17.82
C VAL D 268 -34.71 -10.22 -18.34
N SER D 269 -33.92 -9.72 -19.28
CA SER D 269 -32.76 -10.45 -19.79
C SER D 269 -31.65 -10.65 -18.74
N MET D 270 -31.51 -9.70 -17.81
CA MET D 270 -30.54 -9.84 -16.71
C MET D 270 -30.95 -10.98 -15.76
N GLN D 271 -32.22 -10.97 -15.33
CA GLN D 271 -32.78 -12.05 -14.50
C GLN D 271 -32.62 -13.41 -15.17
N LYS D 272 -32.85 -13.45 -16.48
CA LYS D 272 -32.68 -14.68 -17.26
C LYS D 272 -31.24 -15.18 -17.25
N TRP D 273 -30.27 -14.26 -17.36
CA TRP D 273 -28.85 -14.66 -17.29
C TRP D 273 -28.53 -15.24 -15.90
N ALA D 274 -28.99 -14.53 -14.87
CA ALA D 274 -28.79 -14.94 -13.48
C ALA D 274 -29.39 -16.32 -13.24
N LYS D 275 -30.63 -16.51 -13.71
CA LYS D 275 -31.31 -17.81 -13.65
C LYS D 275 -30.39 -18.90 -14.19
N GLU D 276 -29.95 -18.73 -15.44
CA GLU D 276 -29.17 -19.76 -16.15
C GLU D 276 -27.78 -20.01 -15.56
N ASN D 277 -27.27 -19.04 -14.78
CA ASN D 277 -25.92 -19.11 -14.22
C ASN D 277 -25.85 -19.25 -12.70
N GLY D 278 -27.02 -19.33 -12.06
CA GLY D 278 -27.11 -19.57 -10.62
C GLY D 278 -26.72 -18.39 -9.77
N LYS D 279 -27.14 -17.18 -10.19
CA LYS D 279 -26.82 -15.94 -9.50
C LYS D 279 -28.05 -15.27 -8.93
N ILE D 280 -27.89 -14.62 -7.78
CA ILE D 280 -28.98 -13.87 -7.16
C ILE D 280 -28.99 -12.44 -7.71
N PHE D 281 -29.95 -12.15 -8.58
CA PHE D 281 -30.14 -10.81 -9.12
C PHE D 281 -31.01 -9.97 -8.17
N ILE D 282 -30.44 -8.88 -7.67
CA ILE D 282 -31.17 -7.95 -6.82
C ILE D 282 -31.24 -6.56 -7.45
N PRO D 283 -32.24 -6.31 -8.33
CA PRO D 283 -32.43 -4.99 -8.96
C PRO D 283 -32.71 -3.88 -7.95
N SER D 284 -32.17 -2.69 -8.24
CA SER D 284 -32.36 -1.55 -7.37
C SER D 284 -33.39 -0.60 -7.94
N VAL D 285 -34.35 -0.26 -7.10
CA VAL D 285 -35.46 0.59 -7.46
C VAL D 285 -35.40 1.81 -6.58
N GLY D 286 -35.73 2.96 -7.16
CA GLY D 286 -35.77 4.24 -6.43
C GLY D 286 -36.94 5.12 -6.81
N PRO D 287 -37.31 6.05 -5.91
CA PRO D 287 -38.42 6.97 -6.21
C PRO D 287 -38.06 8.16 -7.11
N GLY D 288 -36.76 8.39 -7.32
CA GLY D 288 -36.28 9.58 -8.05
C GLY D 288 -34.81 9.83 -7.81
N TYR D 289 -34.29 10.92 -8.40
CA TYR D 289 -32.86 11.30 -8.29
C TYR D 289 -32.63 12.79 -8.56
N ILE D 290 -31.97 13.47 -7.61
CA ILE D 290 -31.55 14.87 -7.78
C ILE D 290 -30.42 15.23 -6.82
N ASP D 291 -29.21 15.43 -7.36
CA ASP D 291 -28.01 15.66 -6.55
C ASP D 291 -27.33 17.01 -6.80
N THR D 292 -28.07 17.95 -7.39
CA THR D 292 -27.49 19.20 -7.91
C THR D 292 -27.05 20.23 -6.86
N ARG D 293 -27.56 20.10 -5.63
CA ARG D 293 -27.05 20.88 -4.49
C ARG D 293 -25.56 20.61 -4.27
N ILE D 294 -25.22 19.32 -4.26
CA ILE D 294 -23.83 18.90 -4.02
C ILE D 294 -23.07 18.78 -5.35
N ARG D 295 -23.81 18.60 -6.45
CA ARG D 295 -23.21 18.44 -7.79
C ARG D 295 -23.92 19.30 -8.85
N PRO D 296 -23.71 20.61 -8.76
CA PRO D 296 -24.41 21.60 -9.60
C PRO D 296 -24.48 21.23 -11.09
N TRP D 297 -23.38 20.68 -11.59
CA TRP D 297 -23.18 20.40 -13.01
C TRP D 297 -23.83 19.10 -13.51
N ASN D 298 -24.45 18.34 -12.60
CA ASN D 298 -24.98 17.00 -12.89
C ASN D 298 -26.50 16.96 -13.16
N GLY D 299 -26.99 17.94 -13.94
CA GLY D 299 -28.42 18.10 -14.19
C GLY D 299 -29.07 17.05 -15.08
N SER D 300 -28.29 16.45 -15.97
CA SER D 300 -28.84 15.50 -16.94
C SER D 300 -29.19 14.13 -16.34
N VAL D 301 -28.93 13.97 -15.03
CA VAL D 301 -29.22 12.73 -14.31
C VAL D 301 -30.45 12.87 -13.41
N ILE D 302 -30.98 14.10 -13.27
CA ILE D 302 -32.23 14.33 -12.52
C ILE D 302 -33.36 13.48 -13.12
N ARG D 303 -34.15 12.85 -12.25
CA ARG D 303 -35.36 12.16 -12.66
C ARG D 303 -36.49 12.61 -11.75
N THR D 304 -37.40 13.41 -12.30
CA THR D 304 -38.55 13.95 -11.57
C THR D 304 -39.33 12.84 -10.85
N ARG D 305 -39.81 13.14 -9.63
CA ARG D 305 -40.65 12.23 -8.84
C ARG D 305 -41.98 11.88 -9.54
N THR D 306 -42.57 12.89 -10.22
CA THR D 306 -43.86 12.77 -10.93
C THR D 306 -45.02 12.29 -10.03
N ASP D 307 -45.18 12.95 -8.88
CA ASP D 307 -46.26 12.67 -7.90
C ASP D 307 -46.32 11.22 -7.39
N GLY D 308 -45.24 10.46 -7.63
CA GLY D 308 -45.15 9.05 -7.26
C GLY D 308 -45.06 8.10 -8.45
N GLN D 309 -45.24 8.62 -9.66
CA GLN D 309 -45.33 7.80 -10.88
C GLN D 309 -43.99 7.16 -11.30
N TYR D 310 -42.90 7.87 -11.05
CA TYR D 310 -41.55 7.35 -11.30
C TYR D 310 -41.26 6.06 -10.49
N TYR D 311 -41.49 6.09 -9.18
CA TYR D 311 -41.27 4.92 -8.31
C TYR D 311 -42.10 3.71 -8.73
N ASP D 312 -43.36 3.96 -9.09
CA ASP D 312 -44.29 2.92 -9.53
C ASP D 312 -43.80 2.22 -10.79
N ALA D 313 -43.32 3.03 -11.74
CA ALA D 313 -42.81 2.55 -13.02
C ALA D 313 -41.55 1.68 -12.85
N MET D 314 -40.68 2.03 -11.90
CA MET D 314 -39.46 1.25 -11.65
C MET D 314 -39.72 -0.03 -10.83
N TYR D 315 -40.58 0.07 -9.81
CA TYR D 315 -40.92 -1.08 -8.98
C TYR D 315 -41.74 -2.15 -9.74
N ARG D 316 -42.62 -1.71 -10.64
CA ARG D 316 -43.35 -2.64 -11.54
C ARG D 316 -42.40 -3.47 -12.40
N LYS D 317 -41.40 -2.82 -12.99
CA LYS D 317 -40.41 -3.48 -13.88
C LYS D 317 -39.52 -4.50 -13.13
N ALA D 318 -39.25 -4.22 -11.86
CA ALA D 318 -38.53 -5.18 -11.01
C ALA D 318 -39.39 -6.42 -10.71
N ILE D 319 -40.66 -6.20 -10.36
CA ILE D 319 -41.62 -7.29 -10.14
C ILE D 319 -41.86 -8.08 -11.43
N GLU D 320 -42.11 -7.36 -12.54
CA GLU D 320 -42.31 -7.97 -13.86
C GLU D 320 -41.10 -8.79 -14.36
N ALA D 321 -39.90 -8.42 -13.92
CA ALA D 321 -38.68 -9.19 -14.24
C ALA D 321 -38.62 -10.54 -13.53
N GLY D 322 -39.44 -10.70 -12.48
CA GLY D 322 -39.54 -11.95 -11.74
C GLY D 322 -38.30 -12.28 -10.93
N VAL D 323 -37.88 -11.34 -10.09
CA VAL D 323 -36.66 -11.49 -9.30
C VAL D 323 -36.94 -12.01 -7.89
N SER D 324 -35.95 -12.67 -7.28
CA SER D 324 -36.07 -13.23 -5.94
C SER D 324 -36.04 -12.16 -4.85
N ALA D 325 -35.32 -11.07 -5.14
CA ALA D 325 -35.15 -9.98 -4.20
C ALA D 325 -35.01 -8.64 -4.93
N ILE D 326 -35.38 -7.58 -4.22
CA ILE D 326 -35.28 -6.21 -4.72
C ILE D 326 -34.57 -5.34 -3.66
N SER D 327 -33.72 -4.44 -4.13
CA SER D 327 -33.14 -3.45 -3.23
C SER D 327 -33.75 -2.07 -3.50
N ILE D 328 -33.78 -1.25 -2.46
CA ILE D 328 -34.37 0.07 -2.54
C ILE D 328 -33.31 1.16 -2.31
N THR D 329 -33.11 1.97 -3.35
CA THR D 329 -32.23 3.13 -3.34
C THR D 329 -33.08 4.39 -3.28
N SER D 330 -33.26 5.00 -2.11
CA SER D 330 -32.68 4.58 -0.86
C SER D 330 -33.62 4.97 0.28
N PHE D 331 -33.28 4.57 1.50
CA PHE D 331 -33.97 5.09 2.68
C PHE D 331 -33.69 6.57 2.85
N ASN D 332 -32.40 6.95 2.87
CA ASN D 332 -32.00 8.31 3.29
C ASN D 332 -30.69 8.86 2.68
N GLU D 333 -30.46 8.57 1.40
CA GLU D 333 -29.41 9.27 0.68
C GLU D 333 -30.00 10.61 0.21
N TRP D 334 -30.09 11.55 1.17
CA TRP D 334 -30.60 12.89 0.92
C TRP D 334 -29.80 13.68 -0.11
N HIS D 335 -28.48 13.51 -0.09
CA HIS D 335 -27.62 14.24 -1.02
C HIS D 335 -28.02 13.93 -2.48
N GLU D 336 -28.44 12.69 -2.72
CA GLU D 336 -28.75 12.25 -4.07
C GLU D 336 -30.24 12.23 -4.41
N GLY D 337 -31.06 12.69 -3.45
CA GLY D 337 -32.51 12.86 -3.63
C GLY D 337 -33.25 11.59 -3.99
N SER D 338 -32.77 10.46 -3.47
CA SER D 338 -33.33 9.15 -3.74
C SER D 338 -34.09 8.59 -2.53
N GLN D 339 -34.24 9.39 -1.48
CA GLN D 339 -34.79 8.94 -0.21
C GLN D 339 -36.29 8.62 -0.24
N ILE D 340 -36.66 7.49 0.36
CA ILE D 340 -38.06 7.15 0.66
C ILE D 340 -38.44 7.73 2.02
N GLU D 341 -37.45 8.17 2.79
CA GLU D 341 -37.69 8.77 4.10
C GLU D 341 -38.49 10.07 3.93
N PRO D 342 -39.42 10.32 4.87
CA PRO D 342 -40.29 11.50 4.86
C PRO D 342 -39.58 12.84 4.67
N ALA D 343 -40.05 13.58 3.67
CA ALA D 343 -39.58 14.93 3.38
C ALA D 343 -40.73 15.94 3.54
N VAL D 344 -40.40 17.17 3.93
CA VAL D 344 -41.38 18.25 4.13
C VAL D 344 -41.08 19.49 3.30
N PRO D 345 -42.13 20.21 2.86
CA PRO D 345 -41.95 21.47 2.12
C PRO D 345 -41.22 22.53 2.95
N TYR D 346 -40.34 23.29 2.30
CA TYR D 346 -39.59 24.36 2.96
C TYR D 346 -38.81 25.21 1.95
N THR D 347 -38.96 26.53 2.08
CA THR D 347 -38.12 27.47 1.34
C THR D 347 -37.45 28.42 2.34
N SER D 348 -36.12 28.52 2.25
CA SER D 348 -35.33 29.30 3.19
C SER D 348 -35.04 30.69 2.66
N GLU D 350 -32.80 31.71 1.24
CA GLU D 350 -31.55 30.95 1.23
C GLU D 350 -31.58 29.79 0.23
N PHE D 351 -32.58 28.93 0.34
CA PHE D 351 -32.90 27.94 -0.71
C PHE D 351 -34.38 27.54 -0.69
N THR D 352 -34.90 27.23 -1.88
CA THR D 352 -36.26 26.74 -2.01
C THR D 352 -36.23 25.25 -2.32
N TYR D 353 -36.65 24.44 -1.35
CA TYR D 353 -36.46 22.99 -1.44
C TYR D 353 -37.54 22.28 -2.23
N LEU D 354 -37.15 21.19 -2.91
CA LEU D 354 -38.13 20.28 -3.49
C LEU D 354 -38.86 19.56 -2.35
N ASP D 355 -40.05 19.05 -2.64
CA ASP D 355 -40.86 18.29 -1.69
C ASP D 355 -41.65 17.19 -2.39
N TYR D 356 -42.50 16.48 -1.65
CA TYR D 356 -43.27 15.37 -2.20
C TYR D 356 -44.40 15.83 -3.14
N GLU D 357 -44.52 17.16 -3.31
CA GLU D 357 -45.44 17.79 -4.26
C GLU D 357 -46.90 17.38 -4.02
N ASN D 358 -47.34 16.36 -4.76
CA ASN D 358 -48.70 15.84 -4.66
C ASN D 358 -48.97 15.04 -3.39
N ARG D 359 -48.13 14.03 -3.15
CA ARG D 359 -48.33 13.08 -2.06
C ARG D 359 -47.99 13.67 -0.67
N GLU D 360 -48.39 12.96 0.38
CA GLU D 360 -48.06 13.31 1.78
C GLU D 360 -46.57 13.05 2.06
N PRO D 361 -46.05 13.60 3.18
CA PRO D 361 -44.64 13.46 3.56
C PRO D 361 -44.17 12.00 3.66
N ASP D 362 -45.01 11.11 4.20
CA ASP D 362 -44.66 9.69 4.31
C ASP D 362 -45.31 8.79 3.26
N TYR D 363 -45.64 9.35 2.10
CA TYR D 363 -46.28 8.60 1.01
C TYR D 363 -45.43 7.47 0.42
N TYR D 364 -44.14 7.75 0.20
CA TYR D 364 -43.22 6.76 -0.36
C TYR D 364 -42.95 5.57 0.58
N LEU D 365 -43.10 5.79 1.88
CA LEU D 365 -43.07 4.69 2.86
C LEU D 365 -44.25 3.74 2.67
N THR D 366 -45.45 4.32 2.61
CA THR D 366 -46.67 3.52 2.44
C THR D 366 -46.79 2.93 1.04
N ARG D 367 -46.40 3.70 0.01
CA ARG D 367 -46.35 3.20 -1.37
C ARG D 367 -45.30 2.11 -1.56
N THR D 368 -44.16 2.24 -0.87
CA THR D 368 -43.17 1.14 -0.78
C THR D 368 -43.87 -0.11 -0.28
N ALA D 369 -44.64 0.03 0.80
CA ALA D 369 -45.40 -1.07 1.40
C ALA D 369 -46.42 -1.64 0.42
N TYR D 370 -47.00 -0.76 -0.41
CA TYR D 370 -47.86 -1.18 -1.53
C TYR D 370 -47.12 -2.17 -2.43
N TRP D 371 -45.93 -1.77 -2.88
CA TRP D 371 -45.13 -2.59 -3.83
C TRP D 371 -44.59 -3.89 -3.25
N VAL D 372 -44.24 -3.87 -1.96
CA VAL D 372 -43.80 -5.08 -1.25
C VAL D 372 -44.91 -6.15 -1.24
N GLY D 373 -46.15 -5.70 -1.03
CA GLY D 373 -47.32 -6.59 -1.11
C GLY D 373 -47.47 -7.19 -2.49
N LYS D 374 -47.42 -6.33 -3.52
CA LYS D 374 -47.43 -6.77 -4.92
C LYS D 374 -46.31 -7.77 -5.24
N PHE D 375 -45.10 -7.48 -4.75
CA PHE D 375 -43.93 -8.38 -4.89
C PHE D 375 -44.19 -9.74 -4.26
N ARG D 376 -44.63 -9.72 -2.99
CA ARG D 376 -44.96 -10.93 -2.25
C ARG D 376 -46.06 -11.77 -2.92
N GLU D 377 -47.09 -11.09 -3.44
CA GLU D 377 -48.17 -11.73 -4.21
C GLU D 377 -47.64 -12.41 -5.46
N SER D 378 -46.73 -11.73 -6.15
CA SER D 378 -46.08 -12.24 -7.37
C SER D 378 -45.18 -13.44 -7.12
N LYS D 379 -44.52 -13.48 -5.96
CA LYS D 379 -43.60 -14.56 -5.61
C LYS D 379 -44.29 -15.68 -4.83
#